data_6YRW
#
_entry.id   6YRW
#
_cell.length_a   199.956
_cell.length_b   113.657
_cell.length_c   132.479
_cell.angle_alpha   90.000
_cell.angle_beta   94.130
_cell.angle_gamma   90.000
#
_symmetry.space_group_name_H-M   'C 1 2 1'
#
loop_
_entity.id
_entity.type
_entity.pdbx_description
1 polymer 'Serine hydroxymethyltransferase'
2 non-polymer "PYRIDOXAL-5'-PHOSPHATE"
3 non-polymer D-SERINE
4 non-polymer GLYCEROL
5 water water
#
_entity_poly.entity_id   1
_entity_poly.type   'polypeptide(L)'
_entity_poly.pdbx_seq_one_letter_code
;MIFDKEDYKAFDPELWNAIDAEAERQQNNIELIASENVVSKAVMAAQGTLLTNKSAEGYPGKRYYGGTAVIDVVETLAIE
RAKKLFGAKFANVQPHSGSQANAAVYMSLIQPGDTVMGMDLSAGGHLTHGAPVSFSGKTYNFVSYNVDKESELLDYDAIL
AQAKEVRPKLIVAGASAYSRIIDFAKFREIADAVGAYLMVDMAHIAGLVASGHHPSPVPYAHVTTTTTHKTLRGPRGGLI
LTDDEDIAKKLNSAVFPGLQGGPLEHVIAAKAVALKEALDPAFKEYGENVIKNAAAMADVFNQHPDFRVISGGTNNHLFL
VDVTKVVENGKVAQNVLEEVNITLNKNSIPYEQLSPFKTSGIRVGSPAITSRGMGEAESRQIAEWMVEALENHDKPEVLE
RIRGDVKVLTDAFPLY
;
_entity_poly.pdbx_strand_id   A,C,B,D
#
# COMPACT_ATOMS: atom_id res chain seq x y z
N ASP A 7 6.01 22.03 18.29
CA ASP A 7 4.94 21.30 17.55
C ASP A 7 5.61 20.39 16.51
N TYR A 8 5.76 20.87 15.27
CA TYR A 8 5.81 20.07 14.01
C TYR A 8 7.06 19.17 13.93
N LYS A 9 8.13 19.48 14.67
CA LYS A 9 9.36 18.66 14.64
C LYS A 9 9.13 17.35 15.41
N ALA A 10 8.13 17.30 16.30
CA ALA A 10 7.83 16.13 17.17
C ALA A 10 7.34 14.96 16.30
N PHE A 11 6.55 15.28 15.27
CA PHE A 11 6.02 14.33 14.26
C PHE A 11 7.17 13.55 13.60
N ASP A 12 8.34 14.18 13.40
CA ASP A 12 9.47 13.59 12.62
C ASP A 12 10.81 13.78 13.34
N PRO A 13 11.06 13.11 14.48
CA PRO A 13 12.31 13.33 15.21
C PRO A 13 13.51 12.85 14.40
N GLU A 14 13.35 11.80 13.61
CA GLU A 14 14.45 11.15 12.87
C GLU A 14 15.12 12.17 11.94
N LEU A 15 14.33 13.01 11.26
CA LEU A 15 14.79 13.93 10.20
C LEU A 15 15.34 15.18 10.88
N TRP A 16 14.58 15.75 11.79
CA TRP A 16 14.97 16.98 12.54
C TRP A 16 16.14 16.69 13.49
N ASN A 17 16.43 15.43 13.84
CA ASN A 17 17.68 15.13 14.60
C ASN A 17 18.88 15.11 13.65
N ALA A 18 18.72 14.56 12.45
CA ALA A 18 19.75 14.63 11.40
C ALA A 18 20.02 16.11 11.05
N ILE A 19 19.03 17.00 11.13
CA ILE A 19 19.25 18.43 10.78
C ILE A 19 20.00 19.12 11.93
N ASP A 20 19.70 18.74 13.17
CA ASP A 20 20.48 19.19 14.36
C ASP A 20 21.90 18.63 14.18
N ALA A 21 22.04 17.38 13.77
CA ALA A 21 23.37 16.73 13.61
C ALA A 21 24.22 17.54 12.63
N GLU A 22 23.62 18.06 11.54
CA GLU A 22 24.38 18.70 10.43
C GLU A 22 24.79 20.12 10.86
N ALA A 23 23.95 20.82 11.63
CA ALA A 23 24.27 22.13 12.23
C ALA A 23 25.45 21.97 13.21
N GLU A 24 25.40 20.96 14.08
CA GLU A 24 26.54 20.56 14.95
C GLU A 24 27.76 20.40 14.02
N ARG A 25 27.76 19.38 13.15
CA ARG A 25 28.92 19.03 12.29
C ARG A 25 29.51 20.29 11.65
N GLN A 26 28.64 21.18 11.15
CA GLN A 26 29.04 22.41 10.42
C GLN A 26 29.76 23.37 11.36
N GLN A 27 29.32 23.47 12.61
CA GLN A 27 30.03 24.25 13.65
C GLN A 27 31.43 23.62 13.85
N ASN A 28 31.52 22.30 14.03
CA ASN A 28 32.75 21.64 14.54
C ASN A 28 33.75 21.39 13.41
N ASN A 29 33.50 21.92 12.21
CA ASN A 29 34.31 21.62 11.00
C ASN A 29 34.86 22.91 10.42
N ILE A 30 36.14 22.91 10.07
CA ILE A 30 36.78 23.95 9.21
C ILE A 30 36.51 23.59 7.75
N GLU A 31 35.65 24.36 7.10
CA GLU A 31 35.23 24.15 5.69
C GLU A 31 36.19 24.92 4.76
N LEU A 32 37.07 24.22 4.05
CA LEU A 32 38.00 24.81 3.04
C LEU A 32 37.67 24.28 1.64
N ILE A 33 36.57 23.52 1.45
CA ILE A 33 36.07 23.24 0.06
C ILE A 33 35.72 24.60 -0.56
N ALA A 34 36.38 24.94 -1.68
CA ALA A 34 36.40 26.32 -2.24
C ALA A 34 35.02 26.70 -2.81
N SER A 35 34.20 25.68 -3.13
CA SER A 35 32.83 25.85 -3.67
C SER A 35 31.86 26.27 -2.54
N GLU A 36 32.21 26.07 -1.28
CA GLU A 36 31.26 26.20 -0.15
C GLU A 36 31.26 27.61 0.41
N ASN A 37 30.18 27.97 1.10
CA ASN A 37 30.05 29.27 1.81
C ASN A 37 29.09 29.06 3.00
N VAL A 38 28.73 30.15 3.67
CA VAL A 38 27.76 30.23 4.80
C VAL A 38 26.77 31.36 4.49
N VAL A 39 25.56 31.01 4.03
CA VAL A 39 24.53 32.02 3.64
C VAL A 39 23.97 32.68 4.90
N SER A 40 23.38 33.86 4.77
CA SER A 40 22.74 34.59 5.90
C SER A 40 21.46 33.88 6.38
N LYS A 41 20.92 34.33 7.52
CA LYS A 41 19.63 33.84 8.05
C LYS A 41 18.52 34.26 7.08
N ALA A 42 18.61 35.46 6.50
CA ALA A 42 17.61 35.94 5.52
C ALA A 42 17.54 34.98 4.30
N VAL A 43 18.69 34.51 3.83
CA VAL A 43 18.76 33.66 2.61
C VAL A 43 18.05 32.35 2.94
N MET A 44 18.31 31.77 4.11
CA MET A 44 17.65 30.51 4.52
C MET A 44 16.15 30.76 4.72
N ALA A 45 15.78 31.81 5.45
CA ALA A 45 14.39 32.23 5.71
C ALA A 45 13.58 32.33 4.41
N ALA A 46 14.10 33.00 3.41
CA ALA A 46 13.36 33.27 2.16
C ALA A 46 13.03 31.93 1.48
N GLN A 47 13.94 30.98 1.53
CA GLN A 47 13.77 29.62 0.96
C GLN A 47 12.68 28.86 1.74
N GLY A 48 12.42 29.26 2.99
CA GLY A 48 11.50 28.57 3.92
C GLY A 48 10.13 29.25 4.04
N THR A 49 9.76 30.03 3.03
CA THR A 49 8.46 30.74 2.94
C THR A 49 7.50 30.02 1.97
N LEU A 50 6.25 30.43 1.98
CA LEU A 50 5.13 29.74 1.29
C LEU A 50 5.14 30.11 -0.18
N LEU A 51 6.18 30.77 -0.68
CA LEU A 51 6.26 31.04 -2.14
C LEU A 51 6.47 29.72 -2.87
N THR A 52 6.89 28.65 -2.19
CA THR A 52 6.95 27.27 -2.74
C THR A 52 5.56 26.82 -3.20
N ASN A 53 4.49 27.38 -2.63
CA ASN A 53 3.10 27.02 -2.98
C ASN A 53 2.71 27.61 -4.34
N LYS A 54 3.38 28.68 -4.81
CA LYS A 54 2.93 29.34 -6.06
C LYS A 54 3.77 28.86 -7.26
N SER A 55 3.09 28.15 -8.15
CA SER A 55 3.54 27.70 -9.48
C SER A 55 3.48 28.95 -10.37
N ALA A 56 4.60 29.31 -11.01
CA ALA A 56 4.78 30.61 -11.69
C ALA A 56 5.32 30.41 -13.09
N GLU A 57 4.94 29.34 -13.80
CA GLU A 57 5.59 29.09 -15.10
C GLU A 57 5.44 30.36 -15.96
N GLY A 58 6.45 30.63 -16.78
CA GLY A 58 6.58 31.84 -17.60
C GLY A 58 7.49 32.86 -16.94
N TYR A 59 7.31 34.13 -17.30
CA TYR A 59 8.15 35.28 -16.90
C TYR A 59 7.29 36.44 -16.42
N PRO A 60 7.88 37.38 -15.65
CA PRO A 60 7.12 38.52 -15.11
C PRO A 60 6.25 39.20 -16.18
N GLY A 61 4.94 39.28 -15.93
CA GLY A 61 3.92 39.85 -16.83
C GLY A 61 3.71 39.01 -18.07
N LYS A 62 4.20 37.77 -18.09
CA LYS A 62 3.95 36.80 -19.19
C LYS A 62 3.83 35.40 -18.57
N ARG A 63 3.06 35.28 -17.48
CA ARG A 63 2.82 34.00 -16.79
C ARG A 63 1.67 33.25 -17.45
N TYR A 64 1.77 31.91 -17.47
CA TYR A 64 0.67 30.96 -17.77
C TYR A 64 -0.49 31.17 -16.78
N TYR A 65 -0.21 31.48 -15.50
CA TYR A 65 -1.26 31.50 -14.44
C TYR A 65 -1.40 32.89 -13.79
N GLY A 66 -2.63 33.26 -13.45
CA GLY A 66 -2.95 34.44 -12.63
C GLY A 66 -2.60 34.17 -11.17
N GLY A 67 -2.87 35.12 -10.26
CA GLY A 67 -2.41 35.09 -8.86
C GLY A 67 -0.91 35.34 -8.76
N THR A 68 -0.28 35.84 -9.84
CA THR A 68 1.19 35.88 -9.99
C THR A 68 1.75 37.30 -9.95
N ALA A 69 0.95 38.30 -9.53
CA ALA A 69 1.38 39.72 -9.49
C ALA A 69 2.48 39.88 -8.44
N VAL A 70 2.31 39.31 -7.24
CA VAL A 70 3.30 39.50 -6.14
C VAL A 70 4.59 38.77 -6.54
N ILE A 71 4.48 37.57 -7.13
CA ILE A 71 5.63 36.71 -7.53
C ILE A 71 6.43 37.51 -8.55
N ASP A 72 5.73 38.21 -9.47
CA ASP A 72 6.27 39.13 -10.49
C ASP A 72 7.11 40.24 -9.83
N VAL A 73 6.71 40.72 -8.67
CA VAL A 73 7.52 41.71 -7.90
C VAL A 73 8.76 40.99 -7.39
N VAL A 74 8.65 39.78 -6.86
CA VAL A 74 9.80 39.05 -6.21
C VAL A 74 10.83 38.64 -7.28
N GLU A 75 10.38 38.08 -8.40
CA GLU A 75 11.31 37.74 -9.49
C GLU A 75 11.92 39.03 -10.07
N THR A 76 11.13 40.05 -10.38
CA THR A 76 11.66 41.30 -10.97
C THR A 76 12.70 41.93 -10.00
N LEU A 77 12.50 41.84 -8.69
CA LEU A 77 13.50 42.31 -7.70
C LEU A 77 14.85 41.64 -7.99
N ALA A 78 14.81 40.32 -8.11
CA ALA A 78 15.98 39.45 -8.36
C ALA A 78 16.62 39.82 -9.72
N ILE A 79 15.84 39.89 -10.78
CA ILE A 79 16.35 40.27 -12.13
C ILE A 79 17.06 41.62 -12.02
N GLU A 80 16.38 42.60 -11.43
CA GLU A 80 16.86 44.02 -11.35
C GLU A 80 18.11 44.09 -10.47
N ARG A 81 18.11 43.36 -9.37
CA ARG A 81 19.28 43.38 -8.46
C ARG A 81 20.44 42.76 -9.22
N ALA A 82 20.20 41.73 -10.05
CA ALA A 82 21.29 41.02 -10.77
C ALA A 82 21.80 41.93 -11.88
N LYS A 83 20.91 42.57 -12.61
CA LYS A 83 21.31 43.54 -13.66
C LYS A 83 22.16 44.65 -13.02
N LYS A 84 21.77 45.17 -11.86
CA LYS A 84 22.51 46.29 -11.23
C LYS A 84 23.88 45.81 -10.78
N LEU A 85 23.92 44.69 -10.07
CA LEU A 85 25.14 44.21 -9.38
C LEU A 85 26.17 43.91 -10.46
N PHE A 86 25.78 43.29 -11.57
CA PHE A 86 26.75 42.68 -12.51
C PHE A 86 27.00 43.57 -13.71
N GLY A 87 26.14 44.58 -13.90
CA GLY A 87 26.28 45.56 -14.99
C GLY A 87 25.69 45.06 -16.27
N ALA A 88 24.72 44.15 -16.18
CA ALA A 88 24.11 43.46 -17.33
C ALA A 88 22.74 44.07 -17.64
N LYS A 89 22.39 44.09 -18.93
CA LYS A 89 21.11 44.62 -19.41
C LYS A 89 20.01 43.59 -19.22
N PHE A 90 20.34 42.29 -19.21
CA PHE A 90 19.34 41.19 -19.16
C PHE A 90 19.75 40.15 -18.14
N ALA A 91 18.78 39.62 -17.40
CA ALA A 91 19.11 38.58 -16.42
C ALA A 91 17.96 37.58 -16.31
N ASN A 92 18.30 36.31 -16.25
CA ASN A 92 17.34 35.22 -16.03
C ASN A 92 17.70 34.59 -14.70
N VAL A 93 16.80 34.63 -13.71
CA VAL A 93 17.04 34.13 -12.32
C VAL A 93 16.37 32.75 -12.10
N GLN A 94 15.89 32.12 -13.17
CA GLN A 94 15.05 30.89 -13.08
C GLN A 94 15.87 29.61 -13.09
N PRO A 95 17.15 29.51 -13.58
CA PRO A 95 17.85 28.23 -13.60
C PRO A 95 17.96 27.59 -12.20
N HIS A 96 17.68 26.29 -12.10
CA HIS A 96 17.61 25.56 -10.82
C HIS A 96 19.01 25.38 -10.21
N SER A 97 20.06 25.58 -11.02
CA SER A 97 21.47 25.26 -10.69
C SER A 97 22.41 25.85 -11.74
N GLY A 98 23.72 25.85 -11.48
CA GLY A 98 24.73 26.20 -12.48
C GLY A 98 24.65 25.30 -13.69
N SER A 99 24.52 23.98 -13.50
CA SER A 99 24.47 22.97 -14.60
C SER A 99 23.30 23.33 -15.54
N GLN A 100 22.16 23.70 -14.97
CA GLN A 100 20.94 24.04 -15.76
C GLN A 100 21.16 25.39 -16.47
N ALA A 101 21.74 26.36 -15.80
CA ALA A 101 22.13 27.64 -16.42
C ALA A 101 22.98 27.40 -17.67
N ASN A 102 23.98 26.54 -17.55
CA ASN A 102 24.95 26.25 -18.62
C ASN A 102 24.15 25.59 -19.76
N ALA A 103 23.36 24.56 -19.44
CA ALA A 103 22.57 23.80 -20.45
C ALA A 103 21.68 24.75 -21.30
N ALA A 104 21.09 25.78 -20.66
CA ALA A 104 20.23 26.80 -21.31
C ALA A 104 21.05 27.66 -22.30
N VAL A 105 22.28 28.01 -21.95
CA VAL A 105 23.16 28.86 -22.80
C VAL A 105 23.55 28.05 -24.03
N TYR A 106 23.96 26.80 -23.89
CA TYR A 106 24.32 25.90 -25.03
C TYR A 106 23.11 25.73 -25.96
N MET A 107 21.93 25.52 -25.38
CA MET A 107 20.68 25.35 -26.14
C MET A 107 20.41 26.64 -26.92
N SER A 108 20.77 27.80 -26.37
CA SER A 108 20.49 29.15 -26.94
C SER A 108 21.45 29.50 -28.09
N LEU A 109 22.74 29.12 -28.00
CA LEU A 109 23.81 29.63 -28.90
C LEU A 109 24.27 28.61 -29.95
N ILE A 110 24.19 27.30 -29.67
CA ILE A 110 24.79 26.26 -30.56
C ILE A 110 23.81 25.12 -30.79
N GLN A 111 24.15 24.28 -31.76
CA GLN A 111 23.38 23.09 -32.17
C GLN A 111 24.09 21.88 -31.60
N PRO A 112 23.36 20.77 -31.31
CA PRO A 112 24.00 19.50 -30.97
C PRO A 112 25.03 19.11 -32.01
N GLY A 113 26.24 18.71 -31.57
CA GLY A 113 27.37 18.27 -32.41
C GLY A 113 28.35 19.38 -32.75
N ASP A 114 28.02 20.65 -32.42
CA ASP A 114 28.90 21.82 -32.68
C ASP A 114 30.09 21.72 -31.76
N THR A 115 31.22 22.21 -32.22
CA THR A 115 32.47 22.22 -31.43
C THR A 115 32.47 23.36 -30.42
N VAL A 116 32.92 23.06 -29.21
CA VAL A 116 33.01 24.03 -28.09
C VAL A 116 34.39 23.83 -27.49
N MET A 117 35.13 24.90 -27.26
CA MET A 117 36.35 24.79 -26.45
C MET A 117 35.99 25.18 -25.03
N GLY A 118 36.45 24.41 -24.05
CA GLY A 118 36.39 24.77 -22.61
C GLY A 118 37.71 24.44 -21.96
N MET A 119 37.93 24.89 -20.73
CA MET A 119 39.19 24.58 -20.00
C MET A 119 39.21 23.07 -19.74
N ASP A 120 40.39 22.45 -19.64
CA ASP A 120 40.56 20.99 -19.40
C ASP A 120 39.98 20.65 -18.02
N LEU A 121 39.29 19.52 -17.91
CA LEU A 121 38.68 19.07 -16.63
C LEU A 121 39.81 18.68 -15.65
N SER A 122 41.02 19.23 -15.80
CA SER A 122 42.20 18.95 -14.93
C SER A 122 43.00 20.23 -14.67
N ALA A 123 42.81 21.28 -15.48
CA ALA A 123 43.43 22.61 -15.33
C ALA A 123 42.47 23.56 -14.61
N GLY A 124 41.22 23.12 -14.44
CA GLY A 124 40.16 23.87 -13.76
C GLY A 124 38.81 23.78 -14.48
N GLY A 125 38.70 23.05 -15.59
CA GLY A 125 37.41 22.90 -16.30
C GLY A 125 36.37 22.27 -15.39
N HIS A 126 35.08 22.58 -15.61
CA HIS A 126 33.95 21.98 -14.87
C HIS A 126 33.37 20.82 -15.70
N LEU A 127 32.68 19.86 -15.05
CA LEU A 127 31.99 18.71 -15.72
C LEU A 127 31.19 19.23 -16.90
N THR A 128 30.45 20.32 -16.68
CA THR A 128 29.50 20.94 -17.65
C THR A 128 30.28 21.62 -18.79
N HIS A 129 31.62 21.64 -18.72
CA HIS A 129 32.51 22.15 -19.79
C HIS A 129 33.08 21.00 -20.64
N GLY A 130 32.40 19.85 -20.74
CA GLY A 130 32.70 18.85 -21.80
C GLY A 130 33.03 17.46 -21.30
N ALA A 131 32.92 17.17 -20.00
CA ALA A 131 33.15 15.80 -19.50
C ALA A 131 32.34 14.82 -20.34
N PRO A 132 32.87 13.66 -20.80
CA PRO A 132 32.05 12.69 -21.54
C PRO A 132 30.88 12.10 -20.75
N VAL A 133 30.87 12.28 -19.42
CA VAL A 133 29.80 11.77 -18.52
C VAL A 133 28.74 12.84 -18.28
N SER A 134 28.94 14.09 -18.78
CA SER A 134 27.96 15.23 -18.72
C SER A 134 27.27 15.36 -20.07
N PHE A 135 26.01 15.78 -20.08
CA PHE A 135 25.26 16.13 -21.31
C PHE A 135 26.14 17.03 -22.17
N SER A 136 27.01 17.84 -21.55
CA SER A 136 27.92 18.77 -22.27
C SER A 136 28.72 17.96 -23.28
N GLY A 137 29.47 16.96 -22.81
CA GLY A 137 30.33 16.09 -23.64
C GLY A 137 29.55 15.22 -24.61
N LYS A 138 28.43 14.71 -24.15
CA LYS A 138 27.56 13.80 -24.92
C LYS A 138 26.92 14.55 -26.08
N THR A 139 26.47 15.80 -25.88
CA THR A 139 25.61 16.55 -26.84
C THR A 139 26.48 17.35 -27.83
N TYR A 140 27.66 17.81 -27.40
CA TYR A 140 28.52 18.74 -28.17
C TYR A 140 29.91 18.12 -28.35
N ASN A 141 30.64 18.66 -29.33
CA ASN A 141 32.04 18.27 -29.61
C ASN A 141 32.97 19.17 -28.76
N PHE A 142 33.19 18.82 -27.52
CA PHE A 142 34.06 19.62 -26.62
C PHE A 142 35.52 19.31 -26.91
N VAL A 143 36.33 20.35 -27.04
CA VAL A 143 37.80 20.23 -27.21
C VAL A 143 38.43 21.10 -26.14
N SER A 144 39.23 20.53 -25.25
CA SER A 144 39.69 21.28 -24.07
C SER A 144 40.98 22.04 -24.40
N TYR A 145 41.16 23.21 -23.82
CA TYR A 145 42.42 23.99 -23.82
C TYR A 145 43.00 23.95 -22.41
N ASN A 146 44.30 24.11 -22.32
CA ASN A 146 45.06 23.78 -21.10
C ASN A 146 45.73 25.07 -20.63
N VAL A 147 46.48 25.03 -19.54
CA VAL A 147 47.42 26.10 -19.13
C VAL A 147 48.81 25.71 -19.64
N ASP A 148 49.73 26.66 -19.72
CA ASP A 148 51.15 26.41 -20.02
C ASP A 148 51.70 25.41 -18.98
N LYS A 149 52.37 24.36 -19.47
CA LYS A 149 52.94 23.26 -18.67
C LYS A 149 53.90 23.85 -17.64
N GLU A 150 54.68 24.85 -18.05
CA GLU A 150 55.82 25.38 -17.28
C GLU A 150 55.31 26.35 -16.23
N SER A 151 54.46 27.34 -16.63
CA SER A 151 54.04 28.52 -15.81
C SER A 151 52.71 28.29 -15.09
N GLU A 152 51.95 27.29 -15.55
CA GLU A 152 50.58 26.92 -15.11
C GLU A 152 49.59 28.07 -15.31
N LEU A 153 49.91 29.03 -16.18
CA LEU A 153 49.05 30.19 -16.56
C LEU A 153 48.31 29.89 -17.87
N LEU A 154 47.10 30.40 -18.05
CA LEU A 154 46.47 30.45 -19.38
C LEU A 154 47.42 31.21 -20.31
N ASP A 155 47.60 30.70 -21.52
CA ASP A 155 48.45 31.27 -22.57
C ASP A 155 47.52 31.64 -23.72
N TYR A 156 47.21 32.93 -23.84
CA TYR A 156 46.15 33.46 -24.74
C TYR A 156 46.59 33.31 -26.20
N ASP A 157 47.88 33.06 -26.46
CA ASP A 157 48.44 32.90 -27.83
C ASP A 157 48.28 31.44 -28.27
N ALA A 158 48.59 30.53 -27.36
CA ALA A 158 48.32 29.08 -27.50
C ALA A 158 46.83 28.84 -27.74
N ILE A 159 45.96 29.44 -26.92
CA ILE A 159 44.49 29.22 -27.00
C ILE A 159 43.99 29.72 -28.36
N LEU A 160 44.47 30.89 -28.81
CA LEU A 160 44.09 31.44 -30.13
C LEU A 160 44.53 30.43 -31.19
N ALA A 161 45.74 29.87 -31.07
CA ALA A 161 46.32 28.95 -32.08
C ALA A 161 45.42 27.72 -32.17
N GLN A 162 45.01 27.20 -31.00
CA GLN A 162 44.10 26.04 -30.89
C GLN A 162 42.74 26.39 -31.50
N ALA A 163 42.24 27.59 -31.24
CA ALA A 163 40.91 28.01 -31.71
C ALA A 163 40.90 28.09 -33.24
N LYS A 164 42.02 28.49 -33.88
CA LYS A 164 42.11 28.68 -35.36
C LYS A 164 42.03 27.32 -36.06
N GLU A 165 42.59 26.29 -35.42
CA GLU A 165 42.55 24.87 -35.85
C GLU A 165 41.15 24.27 -35.65
N VAL A 166 40.59 24.40 -34.44
CA VAL A 166 39.36 23.66 -34.02
C VAL A 166 38.10 24.42 -34.43
N ARG A 167 38.21 25.73 -34.63
CA ARG A 167 37.15 26.64 -35.17
C ARG A 167 35.85 26.37 -34.45
N PRO A 168 35.78 26.60 -33.13
CA PRO A 168 34.57 26.33 -32.36
C PRO A 168 33.45 27.33 -32.64
N LYS A 169 32.20 26.94 -32.44
CA LYS A 169 31.04 27.85 -32.41
C LYS A 169 31.03 28.64 -31.10
N LEU A 170 31.58 28.07 -30.01
CA LEU A 170 31.51 28.64 -28.64
C LEU A 170 32.84 28.38 -27.92
N ILE A 171 33.40 29.38 -27.26
CA ILE A 171 34.51 29.19 -26.26
C ILE A 171 33.90 29.39 -24.87
N VAL A 172 34.11 28.42 -23.97
CA VAL A 172 33.79 28.52 -22.53
C VAL A 172 35.06 28.89 -21.76
N ALA A 173 34.99 29.99 -21.03
CA ALA A 173 36.03 30.41 -20.07
C ALA A 173 35.39 30.42 -18.69
N GLY A 174 36.22 30.42 -17.65
CA GLY A 174 35.76 30.17 -16.28
C GLY A 174 36.22 28.80 -15.82
N ALA A 175 36.46 28.63 -14.52
CA ALA A 175 37.07 27.41 -13.97
C ALA A 175 36.72 27.24 -12.52
N SER A 176 36.99 26.03 -12.01
CA SER A 176 36.74 25.62 -10.61
C SER A 176 38.05 25.35 -9.86
N ALA A 177 39.21 25.40 -10.52
CA ALA A 177 40.54 25.16 -9.89
C ALA A 177 41.66 26.03 -10.48
N TYR A 178 41.44 27.32 -10.72
CA TYR A 178 42.44 28.24 -11.32
C TYR A 178 42.50 29.50 -10.45
N SER A 179 43.71 29.81 -10.01
CA SER A 179 43.97 30.77 -8.91
C SER A 179 44.14 32.18 -9.47
N ARG A 180 44.33 32.35 -10.77
CA ARG A 180 44.84 33.63 -11.34
C ARG A 180 43.70 34.41 -12.02
N ILE A 181 43.87 35.74 -12.09
CA ILE A 181 42.98 36.70 -12.79
C ILE A 181 42.90 36.32 -14.27
N ILE A 182 41.70 36.00 -14.77
CA ILE A 182 41.43 35.71 -16.21
C ILE A 182 41.24 37.03 -16.95
N ASP A 183 41.86 37.12 -18.11
CA ASP A 183 41.77 38.28 -19.02
C ASP A 183 40.56 38.06 -19.94
N PHE A 184 39.39 38.54 -19.54
CA PHE A 184 38.13 38.34 -20.28
C PHE A 184 38.21 39.05 -21.63
N ALA A 185 38.93 40.16 -21.70
CA ALA A 185 39.05 40.87 -22.99
C ALA A 185 39.86 39.97 -23.95
N LYS A 186 40.95 39.37 -23.49
CA LYS A 186 41.71 38.41 -24.33
C LYS A 186 40.76 37.29 -24.81
N PHE A 187 39.92 36.71 -23.95
CA PHE A 187 39.05 35.58 -24.40
C PHE A 187 38.15 36.07 -25.53
N ARG A 188 37.59 37.26 -25.39
CA ARG A 188 36.63 37.79 -26.38
C ARG A 188 37.39 38.04 -27.70
N GLU A 189 38.62 38.57 -27.62
CA GLU A 189 39.51 38.84 -28.79
C GLU A 189 39.64 37.55 -29.61
N ILE A 190 39.86 36.44 -28.89
CA ILE A 190 40.05 35.08 -29.47
C ILE A 190 38.73 34.63 -30.13
N ALA A 191 37.63 34.71 -29.41
CA ALA A 191 36.28 34.39 -29.92
C ALA A 191 36.03 35.20 -31.19
N ASP A 192 36.39 36.48 -31.16
CA ASP A 192 36.10 37.43 -32.26
C ASP A 192 36.96 37.02 -33.47
N ALA A 193 38.24 36.73 -33.21
CA ALA A 193 39.23 36.25 -34.20
C ALA A 193 38.70 35.03 -34.96
N VAL A 194 37.84 34.19 -34.37
CA VAL A 194 37.46 32.90 -35.03
C VAL A 194 35.95 32.83 -35.20
N GLY A 195 35.22 33.94 -35.05
CA GLY A 195 33.78 33.97 -35.32
C GLY A 195 33.00 33.15 -34.31
N ALA A 196 33.54 32.94 -33.11
CA ALA A 196 32.95 32.13 -32.03
C ALA A 196 32.22 33.04 -31.03
N TYR A 197 31.10 32.59 -30.46
CA TYR A 197 30.53 33.15 -29.22
C TYR A 197 31.47 32.87 -28.04
N LEU A 198 31.39 33.71 -27.00
CA LEU A 198 32.11 33.51 -25.71
C LEU A 198 31.08 33.34 -24.61
N MET A 199 31.15 32.21 -23.93
CA MET A 199 30.39 32.01 -22.68
C MET A 199 31.40 32.01 -21.53
N VAL A 200 31.17 32.83 -20.50
CA VAL A 200 32.00 32.80 -19.26
C VAL A 200 31.17 32.20 -18.13
N ASP A 201 31.69 31.15 -17.52
CA ASP A 201 31.04 30.50 -16.37
C ASP A 201 31.75 30.98 -15.11
N MET A 202 31.23 32.01 -14.43
CA MET A 202 31.95 32.71 -13.33
C MET A 202 31.53 32.17 -11.97
N ALA A 203 30.87 31.01 -11.92
CA ALA A 203 30.32 30.36 -10.70
C ALA A 203 31.29 30.53 -9.53
N HIS A 204 32.55 30.13 -9.68
CA HIS A 204 33.52 30.14 -8.57
C HIS A 204 33.87 31.57 -8.11
N ILE A 205 33.82 32.57 -9.01
CA ILE A 205 34.36 33.93 -8.72
C ILE A 205 33.26 35.00 -8.71
N ALA A 206 32.00 34.62 -8.91
CA ALA A 206 30.90 35.60 -9.00
C ALA A 206 30.93 36.54 -7.78
N GLY A 207 31.31 36.05 -6.59
CA GLY A 207 31.42 36.90 -5.39
C GLY A 207 32.50 37.95 -5.57
N LEU A 208 33.71 37.52 -5.91
CA LEU A 208 34.89 38.39 -6.16
C LEU A 208 34.60 39.37 -7.33
N VAL A 209 33.80 39.00 -8.34
CA VAL A 209 33.32 39.95 -9.37
C VAL A 209 32.38 40.94 -8.69
N ALA A 210 31.30 40.46 -8.05
CA ALA A 210 30.42 41.30 -7.21
C ALA A 210 31.24 42.24 -6.30
N SER A 211 32.21 41.75 -5.55
CA SER A 211 33.01 42.54 -4.58
C SER A 211 33.97 43.51 -5.29
N GLY A 212 34.30 43.32 -6.58
CA GLY A 212 35.22 44.22 -7.34
C GLY A 212 36.67 43.72 -7.38
N HIS A 213 36.95 42.56 -6.77
CA HIS A 213 38.29 41.94 -6.70
C HIS A 213 38.55 41.04 -7.91
N HIS A 214 37.60 40.82 -8.81
CA HIS A 214 37.91 40.10 -10.06
C HIS A 214 37.23 40.79 -11.22
N PRO A 215 37.99 41.18 -12.25
CA PRO A 215 37.44 41.82 -13.45
C PRO A 215 36.15 41.12 -13.88
N SER A 216 35.10 41.90 -14.15
CA SER A 216 33.79 41.41 -14.66
C SER A 216 34.04 40.79 -16.03
N PRO A 217 33.45 39.62 -16.32
CA PRO A 217 33.34 39.11 -17.68
C PRO A 217 32.15 39.69 -18.46
N VAL A 218 31.22 40.34 -17.75
CA VAL A 218 29.90 40.79 -18.30
C VAL A 218 30.14 41.63 -19.54
N PRO A 219 31.06 42.63 -19.56
CA PRO A 219 31.26 43.45 -20.76
C PRO A 219 31.77 42.67 -21.98
N TYR A 220 32.29 41.45 -21.82
CA TYR A 220 33.11 40.75 -22.84
C TYR A 220 32.46 39.43 -23.28
N ALA A 221 31.77 38.74 -22.38
CA ALA A 221 31.08 37.47 -22.68
C ALA A 221 29.80 37.79 -23.42
N HIS A 222 29.51 37.08 -24.51
CA HIS A 222 28.14 37.12 -25.09
C HIS A 222 27.15 36.74 -23.98
N VAL A 223 27.45 35.71 -23.20
CA VAL A 223 26.60 35.29 -22.06
C VAL A 223 27.48 34.89 -20.87
N THR A 224 27.11 35.35 -19.68
CA THR A 224 27.73 34.94 -18.39
C THR A 224 26.75 34.03 -17.64
N THR A 225 27.23 32.86 -17.20
CA THR A 225 26.47 32.01 -16.25
C THR A 225 27.13 32.08 -14.87
N THR A 226 26.39 31.68 -13.86
CA THR A 226 26.95 31.49 -12.52
C THR A 226 25.94 30.71 -11.70
N THR A 227 26.45 30.11 -10.64
CA THR A 227 25.71 29.70 -9.44
C THR A 227 25.46 30.96 -8.62
N THR A 228 24.39 30.97 -7.83
CA THR A 228 24.02 32.05 -6.90
C THR A 228 24.66 31.71 -5.56
N HIS A 229 25.02 30.44 -5.38
CA HIS A 229 25.86 29.98 -4.23
C HIS A 229 27.33 30.04 -4.65
N LYS A 230 28.23 29.68 -3.74
CA LYS A 230 29.71 29.76 -3.89
C LYS A 230 30.11 31.19 -3.48
N THR A 231 31.02 31.85 -4.17
CA THR A 231 31.63 33.09 -3.64
C THR A 231 30.57 34.16 -3.40
N LEU A 232 29.50 34.19 -4.20
CA LEU A 232 28.40 35.20 -4.15
C LEU A 232 27.54 34.99 -2.90
N ARG A 233 27.66 33.82 -2.26
CA ARG A 233 27.07 33.51 -0.93
C ARG A 233 25.53 33.53 -0.98
N GLY A 234 24.95 33.08 -2.09
CA GLY A 234 23.49 33.10 -2.28
C GLY A 234 22.88 31.73 -2.01
N PRO A 235 21.58 31.56 -2.26
CA PRO A 235 20.95 30.24 -2.21
C PRO A 235 21.50 29.40 -3.39
N ARG A 236 21.49 28.08 -3.28
CA ARG A 236 21.85 27.17 -4.39
C ARG A 236 20.87 27.34 -5.55
N GLY A 237 21.42 27.74 -6.70
CA GLY A 237 20.70 27.91 -7.97
C GLY A 237 21.60 28.51 -9.03
N GLY A 238 21.03 28.91 -10.15
CA GLY A 238 21.78 29.48 -11.28
C GLY A 238 21.29 30.88 -11.64
N LEU A 239 21.94 31.49 -12.61
CA LEU A 239 21.69 32.89 -13.02
C LEU A 239 22.34 33.01 -14.38
N ILE A 240 21.64 33.60 -15.34
CA ILE A 240 22.22 33.91 -16.68
C ILE A 240 22.11 35.42 -16.89
N LEU A 241 23.14 35.99 -17.54
CA LEU A 241 23.36 37.43 -17.79
C LEU A 241 23.76 37.63 -19.25
N THR A 242 23.19 38.60 -19.94
CA THR A 242 23.64 39.02 -21.28
C THR A 242 23.28 40.49 -21.49
N ASP A 243 23.89 41.14 -22.47
CA ASP A 243 23.55 42.53 -22.87
C ASP A 243 22.87 42.49 -24.24
N ASP A 244 22.74 41.31 -24.86
CA ASP A 244 22.20 41.16 -26.24
C ASP A 244 20.72 40.78 -26.12
N GLU A 245 19.81 41.66 -26.59
CA GLU A 245 18.35 41.48 -26.42
C GLU A 245 17.87 40.21 -27.13
N ASP A 246 18.40 39.89 -28.30
CA ASP A 246 17.99 38.69 -29.08
C ASP A 246 18.52 37.44 -28.41
N ILE A 247 19.71 37.48 -27.82
CA ILE A 247 20.20 36.31 -27.05
C ILE A 247 19.33 36.18 -25.79
N ALA A 248 18.94 37.28 -25.16
CA ALA A 248 18.10 37.24 -23.94
C ALA A 248 16.79 36.51 -24.26
N LYS A 249 16.17 36.78 -25.42
CA LYS A 249 14.88 36.15 -25.81
C LYS A 249 15.06 34.64 -25.89
N LYS A 250 16.17 34.18 -26.48
CA LYS A 250 16.45 32.74 -26.72
C LYS A 250 16.78 32.08 -25.40
N LEU A 251 17.64 32.69 -24.57
CA LEU A 251 17.96 32.23 -23.19
C LEU A 251 16.67 31.99 -22.42
N ASN A 252 15.71 32.91 -22.50
CA ASN A 252 14.47 32.84 -21.69
C ASN A 252 13.64 31.64 -22.16
N SER A 253 13.52 31.44 -23.48
CA SER A 253 12.78 30.31 -24.08
C SER A 253 13.48 28.99 -23.69
N ALA A 254 14.80 28.96 -23.84
CA ALA A 254 15.67 27.81 -23.50
C ALA A 254 15.38 27.39 -22.05
N VAL A 255 15.33 28.34 -21.13
CA VAL A 255 15.26 28.01 -19.68
C VAL A 255 13.86 27.47 -19.41
N PHE A 256 12.83 28.09 -20.01
CA PHE A 256 11.41 27.66 -19.95
C PHE A 256 10.65 28.11 -21.19
N PRO A 257 9.89 27.23 -21.88
CA PRO A 257 9.76 25.81 -21.52
C PRO A 257 10.77 24.81 -22.14
N GLY A 258 11.87 25.30 -22.71
CA GLY A 258 12.93 24.42 -23.25
C GLY A 258 13.36 23.37 -22.24
N LEU A 259 13.77 23.80 -21.06
CA LEU A 259 14.63 22.94 -20.23
C LEU A 259 14.00 22.71 -18.86
N GLN A 260 13.29 23.67 -18.31
CA GLN A 260 12.74 23.62 -16.94
C GLN A 260 11.22 23.66 -17.05
N GLY A 261 10.52 23.46 -15.93
CA GLY A 261 9.09 23.73 -15.86
C GLY A 261 8.88 24.96 -14.99
N GLY A 262 8.27 24.74 -13.84
CA GLY A 262 8.05 25.80 -12.86
C GLY A 262 9.36 26.20 -12.20
N PRO A 263 9.66 27.50 -12.14
CA PRO A 263 10.79 27.97 -11.34
C PRO A 263 10.51 27.77 -9.85
N LEU A 264 11.56 27.80 -9.04
CA LEU A 264 11.52 27.76 -7.54
C LEU A 264 11.41 29.18 -7.00
N GLU A 265 10.22 29.76 -6.93
CA GLU A 265 10.06 31.21 -6.63
C GLU A 265 10.52 31.52 -5.19
N HIS A 266 10.47 30.56 -4.27
CA HIS A 266 11.04 30.72 -2.90
C HIS A 266 12.57 30.88 -2.94
N VAL A 267 13.25 30.08 -3.76
CA VAL A 267 14.73 30.15 -3.94
C VAL A 267 15.05 31.45 -4.68
N ILE A 268 14.19 31.87 -5.61
CA ILE A 268 14.37 33.17 -6.33
C ILE A 268 14.29 34.32 -5.32
N ALA A 269 13.36 34.26 -4.38
CA ALA A 269 13.27 35.23 -3.26
C ALA A 269 14.64 35.29 -2.57
N ALA A 270 15.21 34.14 -2.25
CA ALA A 270 16.51 34.03 -1.57
C ALA A 270 17.62 34.62 -2.46
N LYS A 271 17.57 34.38 -3.76
CA LYS A 271 18.51 35.02 -4.70
C LYS A 271 18.40 36.54 -4.50
N ALA A 272 17.17 37.06 -4.39
CA ALA A 272 16.95 38.51 -4.32
C ALA A 272 17.60 39.04 -3.05
N VAL A 273 17.44 38.33 -1.94
CA VAL A 273 18.05 38.73 -0.64
C VAL A 273 19.57 38.83 -0.84
N ALA A 274 20.17 37.76 -1.37
CA ALA A 274 21.62 37.56 -1.51
C ALA A 274 22.22 38.65 -2.39
N LEU A 275 21.54 39.01 -3.46
CA LEU A 275 22.03 40.04 -4.40
C LEU A 275 22.04 41.41 -3.69
N LYS A 276 21.02 41.73 -2.90
CA LYS A 276 21.04 42.97 -2.08
C LYS A 276 22.18 42.92 -1.05
N GLU A 277 22.43 41.75 -0.47
CA GLU A 277 23.56 41.60 0.46
C GLU A 277 24.87 41.95 -0.28
N ALA A 278 25.05 41.49 -1.52
CA ALA A 278 26.30 41.66 -2.30
C ALA A 278 26.38 43.08 -2.91
N LEU A 279 25.27 43.82 -2.96
CA LEU A 279 25.23 45.25 -3.37
C LEU A 279 25.68 46.13 -2.20
N ASP A 280 25.74 45.60 -1.00
CA ASP A 280 26.11 46.38 0.20
C ASP A 280 27.62 46.60 0.20
N PRO A 281 28.08 47.79 0.62
CA PRO A 281 29.50 48.05 0.84
C PRO A 281 30.25 46.96 1.62
N ALA A 282 29.61 46.35 2.63
CA ALA A 282 30.21 45.29 3.46
C ALA A 282 30.66 44.10 2.61
N PHE A 283 30.05 43.92 1.43
CA PHE A 283 30.39 42.79 0.52
C PHE A 283 31.81 42.98 -0.02
N LYS A 284 32.22 44.22 -0.29
CA LYS A 284 33.60 44.54 -0.72
C LYS A 284 34.58 44.09 0.37
N GLU A 285 34.26 44.27 1.65
CA GLU A 285 35.21 43.86 2.74
C GLU A 285 35.32 42.34 2.71
N TYR A 286 34.18 41.68 2.49
CA TYR A 286 34.11 40.20 2.44
C TYR A 286 35.08 39.79 1.34
N GLY A 287 34.94 40.39 0.16
CA GLY A 287 35.83 40.17 -1.01
C GLY A 287 37.30 40.31 -0.60
N GLU A 288 37.65 41.45 0.01
CA GLU A 288 39.04 41.76 0.44
C GLU A 288 39.52 40.64 1.36
N ASN A 289 38.71 40.26 2.34
CA ASN A 289 39.07 39.23 3.35
C ASN A 289 39.16 37.84 2.70
N VAL A 290 38.36 37.56 1.68
CA VAL A 290 38.46 36.27 0.94
C VAL A 290 39.87 36.20 0.33
N ILE A 291 40.28 37.27 -0.34
CA ILE A 291 41.59 37.38 -1.04
C ILE A 291 42.75 37.25 -0.05
N LYS A 292 42.70 37.95 1.10
CA LYS A 292 43.82 37.94 2.07
C LYS A 292 43.97 36.54 2.69
N ASN A 293 42.85 35.96 3.15
CA ASN A 293 42.77 34.64 3.82
C ASN A 293 43.33 33.55 2.89
N ALA A 294 42.92 33.53 1.63
CA ALA A 294 43.40 32.50 0.68
C ALA A 294 44.90 32.71 0.50
N ALA A 295 45.33 33.97 0.43
CA ALA A 295 46.75 34.32 0.22
C ALA A 295 47.55 33.86 1.44
N ALA A 296 47.04 34.17 2.64
CA ALA A 296 47.67 33.76 3.91
C ALA A 296 47.94 32.25 3.86
N MET A 297 46.94 31.48 3.47
CA MET A 297 47.02 30.00 3.47
C MET A 297 48.01 29.56 2.41
N ALA A 298 47.95 30.16 1.22
CA ALA A 298 48.87 29.82 0.11
C ALA A 298 50.32 30.10 0.54
N ASP A 299 50.56 31.21 1.25
CA ASP A 299 51.93 31.61 1.69
C ASP A 299 52.60 30.45 2.41
N VAL A 300 51.86 29.80 3.31
CA VAL A 300 52.38 28.71 4.20
C VAL A 300 52.87 27.54 3.35
N PHE A 301 52.15 27.16 2.31
CA PHE A 301 52.58 26.06 1.40
C PHE A 301 53.74 26.53 0.50
N ASN A 302 53.75 27.82 0.15
CA ASN A 302 54.84 28.41 -0.68
C ASN A 302 56.17 28.24 0.05
N GLN A 303 56.24 28.79 1.28
CA GLN A 303 57.47 28.88 2.14
C GLN A 303 57.91 27.51 2.69
N HIS A 304 57.06 26.50 2.64
CA HIS A 304 57.42 25.13 3.05
C HIS A 304 58.05 24.43 1.85
N PRO A 305 59.21 23.76 2.02
CA PRO A 305 59.94 23.17 0.90
C PRO A 305 59.25 21.95 0.27
N ASP A 306 58.47 21.18 1.04
CA ASP A 306 57.95 19.84 0.63
C ASP A 306 56.65 19.98 -0.17
N PHE A 307 56.07 21.18 -0.16
CA PHE A 307 54.81 21.53 -0.87
C PHE A 307 55.07 22.58 -1.96
N ARG A 308 54.33 22.45 -3.07
CA ARG A 308 54.22 23.47 -4.16
C ARG A 308 52.76 23.91 -4.42
N VAL A 309 52.51 25.21 -4.28
CA VAL A 309 51.25 25.86 -4.75
C VAL A 309 51.28 25.97 -6.29
N ILE A 310 50.17 25.71 -6.96
CA ILE A 310 50.06 25.71 -8.44
C ILE A 310 50.04 27.16 -8.94
N SER A 311 50.84 27.51 -9.94
CA SER A 311 50.99 28.89 -10.47
C SER A 311 51.72 29.81 -9.48
N GLY A 312 52.14 29.27 -8.33
CA GLY A 312 53.05 29.92 -7.37
C GLY A 312 52.28 30.70 -6.33
N GLY A 313 50.96 30.54 -6.28
CA GLY A 313 50.09 31.38 -5.44
C GLY A 313 48.71 31.54 -6.03
N THR A 314 48.05 32.64 -5.64
CA THR A 314 46.63 32.93 -6.00
C THR A 314 46.30 34.42 -5.96
N ASN A 315 45.31 34.80 -6.76
CA ASN A 315 44.70 36.15 -6.81
C ASN A 315 43.18 36.05 -6.66
N ASN A 316 42.67 34.90 -6.27
CA ASN A 316 41.22 34.73 -5.99
C ASN A 316 41.12 34.01 -4.65
N HIS A 317 40.02 33.26 -4.49
CA HIS A 317 39.53 32.67 -3.23
C HIS A 317 40.19 31.32 -3.00
N LEU A 318 40.86 30.76 -4.00
CA LEU A 318 41.31 29.35 -3.94
C LEU A 318 42.76 29.19 -4.40
N PHE A 319 43.29 27.97 -4.24
CA PHE A 319 44.63 27.56 -4.72
C PHE A 319 44.70 26.05 -4.61
N LEU A 320 45.61 25.44 -5.37
CA LEU A 320 45.90 24.00 -5.39
C LEU A 320 47.29 23.78 -4.79
N VAL A 321 47.50 22.63 -4.14
CA VAL A 321 48.84 22.21 -3.64
C VAL A 321 49.17 20.81 -4.14
N ASP A 322 50.35 20.61 -4.74
CA ASP A 322 50.94 19.25 -4.96
C ASP A 322 51.41 18.75 -3.60
N VAL A 323 50.86 17.63 -3.15
CA VAL A 323 51.11 17.06 -1.79
C VAL A 323 52.07 15.88 -1.94
N THR A 324 52.33 15.42 -3.16
CA THR A 324 52.89 14.07 -3.47
C THR A 324 54.33 13.88 -2.96
N LYS A 325 55.01 14.91 -2.43
CA LYS A 325 56.31 14.73 -1.73
C LYS A 325 56.08 14.47 -0.24
N VAL A 326 54.83 14.24 0.18
CA VAL A 326 54.49 14.08 1.63
C VAL A 326 53.45 12.96 1.83
N VAL A 327 52.44 12.84 0.98
CA VAL A 327 51.53 11.66 1.03
C VAL A 327 51.35 11.13 -0.40
N GLU A 328 50.95 9.88 -0.53
CA GLU A 328 51.00 9.14 -1.81
C GLU A 328 50.21 9.91 -2.88
N ASN A 329 49.13 10.58 -2.48
CA ASN A 329 48.19 11.24 -3.43
C ASN A 329 47.18 12.14 -2.69
N GLY A 330 46.35 12.85 -3.46
CA GLY A 330 45.39 13.86 -2.97
C GLY A 330 44.27 13.23 -2.17
N LYS A 331 43.88 12.01 -2.54
CA LYS A 331 42.86 11.24 -1.78
C LYS A 331 43.37 11.05 -0.35
N VAL A 332 44.61 10.61 -0.17
CA VAL A 332 45.15 10.37 1.20
C VAL A 332 45.13 11.70 1.95
N ALA A 333 45.53 12.80 1.28
CA ALA A 333 45.59 14.15 1.89
C ALA A 333 44.20 14.54 2.41
N GLN A 334 43.16 14.37 1.57
CA GLN A 334 41.75 14.66 1.93
C GLN A 334 41.41 13.91 3.23
N ASN A 335 41.75 12.62 3.30
CA ASN A 335 41.29 11.72 4.40
C ASN A 335 41.97 12.18 5.70
N VAL A 336 43.30 12.23 5.70
CA VAL A 336 44.10 12.70 6.87
C VAL A 336 43.41 13.94 7.45
N LEU A 337 42.95 14.83 6.60
CA LEU A 337 42.55 16.18 7.06
C LEU A 337 41.13 16.13 7.63
N GLU A 338 40.25 15.28 7.05
CA GLU A 338 38.90 14.93 7.60
C GLU A 338 39.10 14.46 9.04
N GLU A 339 40.11 13.60 9.26
CA GLU A 339 40.47 13.00 10.58
C GLU A 339 40.64 14.11 11.64
N VAL A 340 41.06 15.33 11.27
CA VAL A 340 41.32 16.45 12.22
C VAL A 340 40.27 17.57 12.04
N ASN A 341 39.15 17.29 11.37
CA ASN A 341 37.96 18.18 11.22
C ASN A 341 38.27 19.38 10.33
N ILE A 342 39.00 19.13 9.22
CA ILE A 342 39.23 20.07 8.09
C ILE A 342 38.74 19.40 6.80
N THR A 343 37.59 19.81 6.25
CA THR A 343 37.13 19.27 4.94
C THR A 343 37.72 20.11 3.83
N LEU A 344 38.46 19.46 2.94
CA LEU A 344 38.77 20.00 1.58
C LEU A 344 38.59 18.87 0.55
N ASN A 345 39.13 19.01 -0.65
CA ASN A 345 38.99 17.96 -1.69
C ASN A 345 40.35 17.73 -2.35
N LYS A 346 40.71 16.46 -2.55
CA LYS A 346 41.72 16.04 -3.58
C LYS A 346 41.39 16.83 -4.83
N ASN A 347 42.38 17.11 -5.70
CA ASN A 347 42.11 17.86 -6.95
C ASN A 347 43.21 17.57 -7.96
N SER A 348 42.85 17.07 -9.14
CA SER A 348 43.74 17.05 -10.31
C SER A 348 44.50 18.38 -10.38
N ILE A 349 45.77 18.32 -10.74
CA ILE A 349 46.63 19.51 -10.99
C ILE A 349 46.96 19.52 -12.47
N PRO A 350 47.39 20.65 -13.06
CA PRO A 350 47.71 20.65 -14.48
C PRO A 350 48.60 19.45 -14.82
N TYR A 351 48.28 18.75 -15.90
CA TYR A 351 49.09 17.64 -16.46
C TYR A 351 49.18 16.51 -15.44
N GLU A 352 48.12 16.38 -14.63
CA GLU A 352 47.96 15.31 -13.61
C GLU A 352 48.52 14.00 -14.16
N GLN A 353 49.45 13.39 -13.43
CA GLN A 353 50.09 12.10 -13.79
C GLN A 353 49.20 10.94 -13.32
N LEU A 354 48.71 11.04 -12.08
CA LEU A 354 47.98 9.97 -11.36
C LEU A 354 46.56 9.91 -11.91
N SER A 355 45.78 8.94 -11.46
CA SER A 355 44.37 8.67 -11.85
C SER A 355 43.48 9.72 -11.21
N PRO A 356 42.38 10.14 -11.91
CA PRO A 356 41.42 11.13 -11.41
C PRO A 356 40.95 10.88 -9.97
N PHE A 357 40.82 9.61 -9.61
CA PHE A 357 40.25 9.13 -8.31
C PHE A 357 41.25 9.41 -7.20
N LYS A 358 42.52 9.64 -7.54
CA LYS A 358 43.64 9.71 -6.54
C LYS A 358 44.28 11.10 -6.53
N THR A 359 44.76 11.58 -7.68
CA THR A 359 45.23 12.97 -7.97
C THR A 359 46.50 13.31 -7.18
N SER A 360 47.25 14.32 -7.63
CA SER A 360 48.48 14.81 -6.96
C SER A 360 48.16 15.89 -5.92
N GLY A 361 46.93 16.41 -5.85
CA GLY A 361 46.67 17.77 -5.34
C GLY A 361 45.60 17.86 -4.28
N ILE A 362 45.64 18.93 -3.50
CA ILE A 362 44.50 19.41 -2.69
C ILE A 362 44.05 20.78 -3.21
N ARG A 363 42.80 21.16 -2.94
CA ARG A 363 42.25 22.49 -3.28
C ARG A 363 41.70 23.13 -2.00
N VAL A 364 42.22 24.29 -1.66
CA VAL A 364 41.85 25.05 -0.45
C VAL A 364 41.09 26.29 -0.91
N GLY A 365 40.04 26.67 -0.18
CA GLY A 365 39.33 27.95 -0.38
C GLY A 365 39.16 28.68 0.93
N SER A 366 39.09 30.01 0.85
CA SER A 366 38.93 30.94 1.99
C SER A 366 37.48 31.37 2.19
N PRO A 367 36.52 31.23 1.25
CA PRO A 367 35.20 31.85 1.41
C PRO A 367 34.42 31.50 2.67
N ALA A 368 34.41 30.21 3.03
CA ALA A 368 33.62 29.69 4.16
C ALA A 368 34.17 30.25 5.47
N ILE A 369 35.48 30.05 5.77
CA ILE A 369 36.10 30.55 7.03
C ILE A 369 36.05 32.07 7.04
N THR A 370 36.29 32.69 5.90
CA THR A 370 36.16 34.15 5.77
C THR A 370 34.77 34.55 6.26
N SER A 371 33.73 33.82 5.86
CA SER A 371 32.31 34.15 6.15
C SER A 371 32.00 33.93 7.64
N ARG A 372 32.70 33.00 8.32
CA ARG A 372 32.62 32.81 9.79
C ARG A 372 33.40 33.87 10.56
N GLY A 373 34.01 34.86 9.89
CA GLY A 373 34.62 36.05 10.53
C GLY A 373 36.09 35.85 10.85
N MET A 374 36.71 34.78 10.31
CA MET A 374 38.16 34.47 10.48
C MET A 374 39.01 35.43 9.61
N GLY A 375 40.32 35.53 9.91
CA GLY A 375 41.25 36.53 9.37
C GLY A 375 42.55 35.90 8.89
N GLU A 376 43.62 36.69 8.74
CA GLU A 376 44.90 36.18 8.19
C GLU A 376 45.52 35.23 9.22
N ALA A 377 45.53 35.65 10.51
CA ALA A 377 46.18 34.86 11.59
C ALA A 377 45.59 33.43 11.60
N GLU A 378 44.27 33.36 11.77
CA GLU A 378 43.49 32.10 11.76
C GLU A 378 43.81 31.30 10.48
N SER A 379 43.76 31.96 9.32
CA SER A 379 43.98 31.31 8.01
C SER A 379 45.36 30.63 8.00
N ARG A 380 46.41 31.31 8.49
CA ARG A 380 47.80 30.78 8.50
C ARG A 380 47.86 29.56 9.43
N GLN A 381 47.27 29.68 10.62
CA GLN A 381 47.14 28.59 11.62
C GLN A 381 46.59 27.32 10.94
N ILE A 382 45.49 27.45 10.19
CA ILE A 382 44.79 26.30 9.53
C ILE A 382 45.77 25.64 8.55
N ALA A 383 46.53 26.44 7.80
CA ALA A 383 47.52 25.92 6.81
C ALA A 383 48.68 25.24 7.54
N GLU A 384 49.20 25.86 8.62
CA GLU A 384 50.21 25.24 9.53
C GLU A 384 49.72 23.85 9.94
N TRP A 385 48.49 23.80 10.48
CA TRP A 385 47.81 22.57 10.95
C TRP A 385 47.74 21.56 9.79
N MET A 386 47.50 22.02 8.56
CA MET A 386 47.36 21.10 7.41
C MET A 386 48.73 20.52 7.05
N VAL A 387 49.77 21.36 7.08
CA VAL A 387 51.18 20.92 6.83
C VAL A 387 51.54 19.90 7.91
N GLU A 388 51.37 20.29 9.18
CA GLU A 388 51.75 19.44 10.34
C GLU A 388 51.12 18.05 10.16
N ALA A 389 49.78 18.04 10.13
CA ALA A 389 48.93 16.84 9.94
C ALA A 389 49.47 15.97 8.80
N LEU A 390 49.80 16.55 7.64
CA LEU A 390 50.15 15.76 6.42
C LEU A 390 51.55 15.18 6.57
N GLU A 391 52.53 15.96 7.04
CA GLU A 391 53.91 15.51 7.35
C GLU A 391 53.83 14.27 8.25
N ASN A 392 52.92 14.30 9.24
CA ASN A 392 52.81 13.35 10.37
C ASN A 392 51.54 12.50 10.19
N HIS A 393 51.25 12.08 8.96
CA HIS A 393 49.92 11.51 8.58
C HIS A 393 49.64 10.24 9.37
N ASP A 394 50.59 9.29 9.40
CA ASP A 394 50.45 7.99 10.11
C ASP A 394 51.05 8.10 11.53
N LYS A 395 50.76 9.18 12.27
CA LYS A 395 51.14 9.34 13.71
C LYS A 395 49.93 9.82 14.51
N PRO A 396 48.93 8.94 14.76
CA PRO A 396 47.70 9.25 15.52
C PRO A 396 47.84 10.11 16.78
N GLU A 397 49.00 10.04 17.44
CA GLU A 397 49.35 10.92 18.57
C GLU A 397 49.06 12.37 18.18
N VAL A 398 49.53 12.77 16.99
CA VAL A 398 49.68 14.19 16.54
C VAL A 398 48.31 14.72 16.10
N LEU A 399 47.68 14.01 15.15
CA LEU A 399 46.32 14.28 14.62
C LEU A 399 45.41 14.58 15.81
N GLU A 400 45.32 13.68 16.78
CA GLU A 400 44.45 13.88 17.97
C GLU A 400 44.67 15.29 18.53
N ARG A 401 45.92 15.76 18.63
CA ARG A 401 46.23 17.10 19.24
C ARG A 401 45.75 18.23 18.32
N ILE A 402 45.82 18.03 16.99
CA ILE A 402 45.37 19.03 15.98
C ILE A 402 43.83 19.14 16.04
N ARG A 403 43.09 18.01 15.99
CA ARG A 403 41.61 17.96 16.23
C ARG A 403 41.24 18.85 17.41
N GLY A 404 41.86 18.59 18.57
CA GLY A 404 41.71 19.37 19.81
C GLY A 404 41.91 20.84 19.55
N ASP A 405 42.94 21.18 18.77
CA ASP A 405 43.33 22.59 18.45
C ASP A 405 42.25 23.25 17.57
N VAL A 406 41.92 22.56 16.46
CA VAL A 406 40.82 22.87 15.50
C VAL A 406 39.56 23.21 16.31
N LYS A 407 39.10 22.21 17.10
CA LYS A 407 37.96 22.32 18.04
C LYS A 407 38.03 23.66 18.77
N VAL A 408 39.20 24.04 19.31
CA VAL A 408 39.36 25.30 20.11
C VAL A 408 39.06 26.51 19.21
N LEU A 409 39.48 26.43 17.95
CA LEU A 409 39.28 27.51 16.94
C LEU A 409 37.81 27.55 16.50
N THR A 410 37.21 26.40 16.13
CA THR A 410 35.79 26.32 15.68
C THR A 410 34.93 26.88 16.81
N ASP A 411 35.22 26.52 18.06
CA ASP A 411 34.51 27.06 19.26
C ASP A 411 34.60 28.59 19.26
N ALA A 412 35.77 29.11 18.90
CA ALA A 412 36.16 30.54 19.00
C ALA A 412 35.37 31.36 17.98
N PHE A 413 34.94 30.74 16.87
CA PHE A 413 34.19 31.41 15.78
C PHE A 413 32.86 30.71 15.53
N PRO A 414 31.81 30.97 16.35
CA PRO A 414 30.51 30.37 16.12
C PRO A 414 30.07 30.56 14.65
N LEU A 415 29.58 29.48 14.01
CA LEU A 415 29.06 29.48 12.62
C LEU A 415 27.85 30.41 12.53
N TYR A 416 26.85 30.22 13.40
CA TYR A 416 25.73 31.17 13.69
C TYR A 416 25.69 31.39 15.20
N ASP B 7 16.99 41.73 13.52
CA ASP B 7 15.91 41.89 12.50
C ASP B 7 16.54 41.80 11.09
N TYR B 8 16.64 40.59 10.53
CA TYR B 8 17.14 40.34 9.15
C TYR B 8 16.15 40.95 8.14
N LYS B 9 14.86 40.96 8.47
CA LYS B 9 13.82 41.50 7.56
C LYS B 9 14.09 43.01 7.36
N ALA B 10 14.67 43.69 8.36
CA ALA B 10 14.76 45.17 8.40
C ALA B 10 15.76 45.64 7.34
N PHE B 11 16.75 44.81 6.99
CA PHE B 11 17.75 45.11 5.95
C PHE B 11 17.11 45.24 4.56
N ASP B 12 15.99 44.55 4.30
CA ASP B 12 15.43 44.37 2.93
C ASP B 12 13.90 44.45 2.95
N PRO B 13 13.31 45.59 3.35
CA PRO B 13 11.86 45.68 3.47
C PRO B 13 11.18 45.37 2.12
N GLU B 14 11.78 45.83 1.04
CA GLU B 14 11.19 45.68 -0.33
C GLU B 14 10.92 44.19 -0.64
N LEU B 15 11.80 43.28 -0.22
CA LEU B 15 11.66 41.83 -0.50
C LEU B 15 10.64 41.24 0.49
N TRP B 16 10.82 41.47 1.78
CA TRP B 16 9.95 40.89 2.84
C TRP B 16 8.54 41.51 2.86
N ASN B 17 8.34 42.70 2.31
CA ASN B 17 6.97 43.25 2.15
C ASN B 17 6.26 42.53 1.01
N ALA B 18 7.01 42.11 -0.02
CA ALA B 18 6.48 41.26 -1.12
C ALA B 18 6.15 39.88 -0.55
N ILE B 19 6.99 39.31 0.31
CA ILE B 19 6.69 37.97 0.89
C ILE B 19 5.39 38.01 1.72
N ASP B 20 5.20 39.06 2.52
CA ASP B 20 3.93 39.32 3.26
C ASP B 20 2.81 39.46 2.23
N ALA B 21 2.98 40.30 1.21
CA ALA B 21 1.91 40.57 0.23
C ALA B 21 1.40 39.24 -0.36
N GLU B 22 2.32 38.29 -0.68
CA GLU B 22 2.01 36.97 -1.28
C GLU B 22 1.28 36.12 -0.22
N ALA B 23 1.75 36.12 1.03
CA ALA B 23 1.09 35.39 2.13
C ALA B 23 -0.36 35.87 2.26
N GLU B 24 -0.58 37.19 2.25
CA GLU B 24 -1.92 37.81 2.26
C GLU B 24 -2.69 37.32 1.02
N ARG B 25 -2.05 37.35 -0.16
CA ARG B 25 -2.73 37.16 -1.47
C ARG B 25 -3.30 35.76 -1.54
N GLN B 26 -2.48 34.79 -1.12
CA GLN B 26 -2.82 33.36 -0.96
C GLN B 26 -4.05 33.25 -0.03
N GLN B 27 -3.95 33.71 1.22
CA GLN B 27 -5.12 33.73 2.16
C GLN B 27 -6.40 34.24 1.45
N ASN B 28 -6.36 35.31 0.66
CA ASN B 28 -7.58 35.91 0.06
C ASN B 28 -7.84 35.30 -1.33
N ASN B 29 -7.07 34.25 -1.68
CA ASN B 29 -7.21 33.44 -2.92
C ASN B 29 -7.08 31.95 -2.59
N ILE B 30 -9.15 31.78 -3.74
CA ILE B 30 -9.53 30.35 -3.91
C ILE B 30 -8.62 29.76 -4.99
N GLU B 31 -7.69 28.87 -4.58
CA GLU B 31 -6.72 28.21 -5.51
C GLU B 31 -7.37 26.95 -6.08
N LEU B 32 -7.83 27.00 -7.33
CA LEU B 32 -8.44 25.82 -8.00
C LEU B 32 -7.53 25.30 -9.11
N ILE B 33 -6.29 25.77 -9.18
CA ILE B 33 -5.28 25.30 -10.17
C ILE B 33 -4.79 23.93 -9.67
N ALA B 34 -4.90 22.93 -10.55
CA ALA B 34 -4.91 21.49 -10.16
C ALA B 34 -3.52 21.08 -9.66
N SER B 35 -2.48 21.75 -10.14
CA SER B 35 -1.07 21.46 -9.78
C SER B 35 -0.79 21.97 -8.37
N GLU B 36 -1.59 22.88 -7.83
CA GLU B 36 -1.20 23.68 -6.63
C GLU B 36 -1.54 22.90 -5.37
N ASN B 37 -0.81 23.19 -4.30
CA ASN B 37 -1.15 22.64 -2.97
C ASN B 37 -0.67 23.65 -1.91
N VAL B 38 -0.78 23.26 -0.65
CA VAL B 38 -0.39 24.05 0.55
C VAL B 38 0.43 23.12 1.44
N VAL B 39 1.77 23.26 1.42
CA VAL B 39 2.67 22.32 2.13
C VAL B 39 2.61 22.64 3.63
N SER B 40 3.00 21.71 4.50
CA SER B 40 3.05 21.91 5.98
C SER B 40 4.11 22.96 6.30
N LYS B 41 4.13 23.45 7.54
CA LYS B 41 5.20 24.33 8.07
C LYS B 41 6.50 23.54 8.16
N ALA B 42 6.45 22.25 8.44
CA ALA B 42 7.66 21.41 8.48
C ALA B 42 8.32 21.40 7.08
N VAL B 43 7.55 21.21 6.02
CA VAL B 43 8.13 21.17 4.65
C VAL B 43 8.88 22.49 4.40
N MET B 44 8.25 23.64 4.66
CA MET B 44 8.87 24.98 4.44
C MET B 44 10.08 25.13 5.37
N ALA B 45 9.91 24.87 6.66
CA ALA B 45 11.01 24.95 7.64
C ALA B 45 12.25 24.19 7.14
N ALA B 46 12.08 23.01 6.54
CA ALA B 46 13.18 22.10 6.15
C ALA B 46 14.00 22.69 5.01
N GLN B 47 13.35 23.42 4.10
CA GLN B 47 13.99 24.03 2.91
C GLN B 47 14.82 25.23 3.39
N GLY B 48 14.40 25.82 4.49
CA GLY B 48 15.05 26.99 5.10
C GLY B 48 16.05 26.63 6.19
N THR B 49 16.65 25.43 6.13
CA THR B 49 17.75 25.02 7.02
C THR B 49 19.09 25.29 6.34
N LEU B 50 20.18 25.05 7.08
CA LEU B 50 21.58 25.33 6.64
C LEU B 50 22.14 24.13 5.88
N LEU B 51 21.29 23.21 5.42
CA LEU B 51 21.68 22.11 4.50
C LEU B 51 22.02 22.71 3.14
N THR B 52 21.51 23.91 2.84
CA THR B 52 21.90 24.69 1.62
C THR B 52 23.43 24.92 1.57
N ASN B 53 24.08 25.12 2.72
CA ASN B 53 25.54 25.39 2.79
C ASN B 53 26.37 24.26 2.17
N LYS B 54 25.96 23.00 2.34
CA LYS B 54 26.78 21.77 2.06
C LYS B 54 26.52 21.15 0.67
N SER B 55 27.54 21.13 -0.21
CA SER B 55 27.56 20.47 -1.54
C SER B 55 27.67 18.97 -1.30
N ALA B 56 26.86 18.18 -2.01
CA ALA B 56 26.86 16.71 -1.92
C ALA B 56 26.95 16.08 -3.32
N GLU B 57 27.77 16.61 -4.24
CA GLU B 57 27.88 15.95 -5.56
C GLU B 57 28.03 14.47 -5.23
N GLY B 58 27.36 13.60 -6.00
CA GLY B 58 27.38 12.13 -5.82
C GLY B 58 26.15 11.61 -5.09
N TYR B 59 26.22 10.36 -4.61
CA TYR B 59 25.14 9.61 -3.93
C TYR B 59 25.63 9.12 -2.57
N PRO B 60 24.72 8.72 -1.66
CA PRO B 60 25.11 8.28 -0.32
C PRO B 60 26.16 7.15 -0.28
N GLY B 61 27.19 7.39 0.54
CA GLY B 61 28.44 6.62 0.59
C GLY B 61 29.22 6.61 -0.72
N LYS B 62 28.88 7.46 -1.69
CA LYS B 62 29.69 7.65 -2.92
C LYS B 62 29.72 9.13 -3.24
N ARG B 63 29.99 9.97 -2.24
CA ARG B 63 30.09 11.45 -2.42
C ARG B 63 31.46 11.84 -3.02
N TYR B 64 31.51 12.96 -3.74
CA TYR B 64 32.76 13.62 -4.21
C TYR B 64 33.50 14.14 -2.96
N TYR B 65 32.79 14.63 -1.95
CA TYR B 65 33.43 15.33 -0.80
C TYR B 65 33.08 14.66 0.54
N GLY B 66 33.92 14.91 1.55
CA GLY B 66 33.71 14.48 2.94
C GLY B 66 32.84 15.47 3.70
N GLY B 67 32.64 15.23 5.00
CA GLY B 67 31.64 15.91 5.84
C GLY B 67 30.23 15.60 5.35
N THR B 68 30.05 14.51 4.60
CA THR B 68 28.75 14.24 3.96
C THR B 68 28.03 13.11 4.69
N ALA B 69 28.51 12.70 5.86
CA ALA B 69 27.92 11.57 6.64
C ALA B 69 26.49 11.91 7.04
N VAL B 70 26.22 13.12 7.50
CA VAL B 70 24.89 13.48 8.05
C VAL B 70 23.96 13.78 6.87
N ILE B 71 24.50 14.33 5.79
CA ILE B 71 23.73 14.53 4.53
C ILE B 71 23.24 13.14 4.04
N ASP B 72 24.09 12.12 4.13
CA ASP B 72 23.74 10.74 3.68
C ASP B 72 22.54 10.21 4.49
N VAL B 73 22.48 10.52 5.78
CA VAL B 73 21.33 10.15 6.65
C VAL B 73 20.04 10.79 6.10
N VAL B 74 20.08 12.09 5.78
CA VAL B 74 18.92 12.89 5.32
C VAL B 74 18.49 12.36 3.94
N GLU B 75 19.44 12.15 3.02
CA GLU B 75 19.09 11.69 1.66
C GLU B 75 18.63 10.23 1.72
N THR B 76 19.27 9.43 2.57
CA THR B 76 18.90 7.99 2.68
C THR B 76 17.49 7.90 3.27
N LEU B 77 17.11 8.79 4.19
CA LEU B 77 15.73 8.84 4.75
C LEU B 77 14.75 9.04 3.59
N ALA B 78 14.95 10.10 2.83
CA ALA B 78 14.12 10.49 1.67
C ALA B 78 14.01 9.29 0.73
N ILE B 79 15.15 8.73 0.34
CA ILE B 79 15.23 7.55 -0.56
C ILE B 79 14.38 6.39 0.01
N GLU B 80 14.57 6.06 1.29
CA GLU B 80 13.92 4.88 1.93
C GLU B 80 12.42 5.14 2.07
N ARG B 81 12.05 6.37 2.44
CA ARG B 81 10.63 6.76 2.67
C ARG B 81 9.85 6.71 1.36
N ALA B 82 10.47 7.07 0.24
CA ALA B 82 9.79 7.01 -1.08
C ALA B 82 9.61 5.54 -1.47
N LYS B 83 10.66 4.72 -1.31
CA LYS B 83 10.59 3.26 -1.60
C LYS B 83 9.41 2.65 -0.83
N LYS B 84 9.30 2.97 0.46
CA LYS B 84 8.27 2.40 1.37
C LYS B 84 6.90 2.90 0.92
N LEU B 85 6.74 4.22 0.76
CA LEU B 85 5.46 4.84 0.38
C LEU B 85 4.97 4.27 -0.95
N PHE B 86 5.83 4.16 -1.95
CA PHE B 86 5.42 3.81 -3.35
C PHE B 86 5.64 2.33 -3.65
N GLY B 87 6.25 1.58 -2.74
CA GLY B 87 6.60 0.16 -2.93
C GLY B 87 7.60 -0.05 -4.06
N ALA B 88 8.67 0.71 -4.09
CA ALA B 88 9.70 0.60 -5.15
C ALA B 88 11.04 0.17 -4.55
N LYS B 89 11.78 -0.65 -5.28
CA LYS B 89 13.08 -1.19 -4.83
C LYS B 89 14.13 -0.05 -4.89
N PHE B 90 13.99 0.88 -5.84
CA PHE B 90 14.94 1.99 -6.06
C PHE B 90 14.25 3.34 -6.27
N ALA B 91 14.81 4.35 -5.61
CA ALA B 91 14.38 5.74 -5.72
C ALA B 91 15.59 6.66 -5.84
N ASN B 92 15.45 7.70 -6.65
CA ASN B 92 16.41 8.84 -6.75
C ASN B 92 15.60 10.09 -6.42
N VAL B 93 16.05 10.83 -5.40
CA VAL B 93 15.38 12.03 -4.83
C VAL B 93 16.12 13.30 -5.24
N GLN B 94 17.13 13.21 -6.13
CA GLN B 94 17.98 14.39 -6.42
C GLN B 94 17.41 15.29 -7.50
N PRO B 95 16.49 14.84 -8.38
CA PRO B 95 16.03 15.68 -9.47
C PRO B 95 15.44 16.96 -8.89
N HIS B 96 15.85 18.09 -9.46
CA HIS B 96 15.49 19.48 -9.05
C HIS B 96 14.02 19.78 -9.33
N SER B 97 13.40 19.03 -10.24
CA SER B 97 12.05 19.33 -10.76
C SER B 97 11.50 18.09 -11.47
N GLY B 98 10.23 18.12 -11.85
CA GLY B 98 9.63 17.03 -12.62
C GLY B 98 10.18 17.00 -14.03
N SER B 99 10.36 18.18 -14.61
CA SER B 99 11.00 18.40 -15.93
C SER B 99 12.36 17.68 -15.97
N GLN B 100 13.21 17.87 -14.95
CA GLN B 100 14.55 17.22 -14.87
C GLN B 100 14.40 15.70 -14.58
N ALA B 101 13.51 15.28 -13.68
CA ALA B 101 13.30 13.83 -13.44
C ALA B 101 12.97 13.16 -14.77
N ASN B 102 12.08 13.76 -15.55
CA ASN B 102 11.68 13.24 -16.88
C ASN B 102 12.89 13.25 -17.83
N ALA B 103 13.74 14.28 -17.74
CA ALA B 103 14.88 14.43 -18.68
C ALA B 103 15.87 13.29 -18.45
N ALA B 104 16.04 12.88 -17.19
CA ALA B 104 16.96 11.80 -16.77
C ALA B 104 16.44 10.45 -17.28
N VAL B 105 15.13 10.18 -17.15
CA VAL B 105 14.52 8.90 -17.60
C VAL B 105 14.71 8.77 -19.13
N TYR B 106 14.27 9.74 -19.92
CA TYR B 106 14.51 9.74 -21.38
C TYR B 106 15.99 9.42 -21.66
N MET B 107 16.89 10.14 -21.01
CA MET B 107 18.36 10.02 -21.19
C MET B 107 18.84 8.59 -20.86
N SER B 108 18.14 7.88 -19.95
CA SER B 108 18.49 6.53 -19.45
C SER B 108 17.94 5.40 -20.35
N LEU B 109 16.83 5.63 -21.04
CA LEU B 109 16.04 4.56 -21.70
C LEU B 109 16.15 4.64 -23.23
N ILE B 110 16.41 5.81 -23.79
CA ILE B 110 16.31 6.03 -25.26
C ILE B 110 17.40 7.00 -25.70
N GLN B 111 17.51 7.15 -27.02
CA GLN B 111 18.60 7.93 -27.66
C GLN B 111 17.94 9.10 -28.40
N PRO B 112 18.64 10.24 -28.54
CA PRO B 112 18.13 11.35 -29.33
C PRO B 112 17.60 10.82 -30.66
N GLY B 113 16.37 11.14 -31.02
CA GLY B 113 15.79 10.92 -32.36
C GLY B 113 14.91 9.68 -32.39
N ASP B 114 15.07 8.81 -31.39
CA ASP B 114 14.21 7.63 -31.12
C ASP B 114 12.75 8.09 -30.99
N THR B 115 11.82 7.21 -31.40
CA THR B 115 10.36 7.47 -31.42
C THR B 115 9.73 7.09 -30.08
N VAL B 116 8.78 7.90 -29.65
CA VAL B 116 8.20 7.91 -28.28
C VAL B 116 6.71 8.20 -28.42
N MET B 117 5.90 7.47 -27.66
CA MET B 117 4.45 7.71 -27.67
C MET B 117 4.09 8.37 -26.33
N GLY B 118 3.48 9.55 -26.42
CA GLY B 118 2.95 10.28 -25.26
C GLY B 118 1.50 10.63 -25.50
N MET B 119 0.80 10.99 -24.43
CA MET B 119 -0.62 11.40 -24.52
C MET B 119 -0.69 12.71 -25.31
N ASP B 120 -1.70 12.84 -26.17
CA ASP B 120 -2.00 14.08 -26.92
C ASP B 120 -1.98 15.26 -25.94
N LEU B 121 -1.43 16.41 -26.36
CA LEU B 121 -1.17 17.54 -25.43
C LEU B 121 -2.45 18.36 -25.23
N SER B 122 -3.54 18.03 -25.95
CA SER B 122 -4.92 18.55 -25.71
C SER B 122 -5.73 17.61 -24.82
N ALA B 123 -5.33 16.33 -24.71
CA ALA B 123 -6.08 15.27 -24.00
C ALA B 123 -5.51 15.05 -22.59
N GLY B 124 -4.39 15.70 -22.25
CA GLY B 124 -3.80 15.56 -20.91
C GLY B 124 -2.28 15.39 -20.91
N GLY B 125 -1.69 15.19 -22.09
CA GLY B 125 -0.22 15.12 -22.23
C GLY B 125 0.37 16.33 -21.57
N HIS B 126 1.63 16.26 -21.13
CA HIS B 126 2.40 17.38 -20.53
C HIS B 126 3.32 18.02 -21.58
N LEU B 127 3.75 19.25 -21.35
CA LEU B 127 4.84 19.89 -22.14
C LEU B 127 5.96 18.90 -22.39
N THR B 128 6.43 18.26 -21.32
CA THR B 128 7.65 17.42 -21.28
C THR B 128 7.38 16.07 -21.96
N HIS B 129 6.13 15.83 -22.39
CA HIS B 129 5.72 14.61 -23.15
C HIS B 129 5.69 14.90 -24.65
N GLY B 130 6.48 15.85 -25.15
CA GLY B 130 6.83 15.97 -26.59
C GLY B 130 6.48 17.32 -27.24
N ALA B 131 6.14 18.35 -26.48
CA ALA B 131 5.87 19.68 -27.08
C ALA B 131 7.11 20.10 -27.85
N PRO B 132 6.99 20.63 -29.09
CA PRO B 132 8.19 20.97 -29.87
C PRO B 132 8.99 22.12 -29.24
N VAL B 133 8.40 22.91 -28.34
CA VAL B 133 9.11 23.99 -27.58
C VAL B 133 9.85 23.45 -26.35
N SER B 134 9.62 22.19 -25.99
CA SER B 134 10.33 21.45 -24.91
C SER B 134 11.51 20.70 -25.51
N PHE B 135 12.62 20.65 -24.79
CA PHE B 135 13.74 19.71 -25.01
C PHE B 135 13.20 18.32 -25.42
N SER B 136 12.09 17.89 -24.82
CA SER B 136 11.44 16.57 -25.07
C SER B 136 11.09 16.45 -26.56
N GLY B 137 10.35 17.43 -27.09
CA GLY B 137 10.01 17.52 -28.52
C GLY B 137 11.24 17.63 -29.42
N LYS B 138 12.21 18.46 -29.03
CA LYS B 138 13.40 18.82 -29.87
C LYS B 138 14.38 17.66 -29.94
N THR B 139 14.47 16.85 -28.89
CA THR B 139 15.51 15.79 -28.74
C THR B 139 14.99 14.48 -29.33
N TYR B 140 13.69 14.20 -29.23
CA TYR B 140 13.10 12.88 -29.63
C TYR B 140 11.96 13.09 -30.62
N ASN B 141 11.52 11.98 -31.19
CA ASN B 141 10.42 11.90 -32.18
C ASN B 141 9.15 11.51 -31.42
N PHE B 142 8.29 12.46 -31.06
CA PHE B 142 7.11 12.17 -30.24
C PHE B 142 5.89 12.04 -31.15
N VAL B 143 5.17 10.94 -31.00
CA VAL B 143 3.91 10.62 -31.72
C VAL B 143 2.83 10.45 -30.65
N SER B 144 1.79 11.26 -30.66
CA SER B 144 0.79 11.33 -29.57
C SER B 144 -0.27 10.24 -29.80
N TYR B 145 -0.79 9.66 -28.72
CA TYR B 145 -2.05 8.86 -28.72
C TYR B 145 -3.14 9.70 -28.07
N ASN B 146 -4.33 9.69 -28.66
CA ASN B 146 -5.46 10.53 -28.21
C ASN B 146 -6.35 9.68 -27.28
N VAL B 147 -7.38 10.31 -26.71
CA VAL B 147 -8.59 9.64 -26.14
C VAL B 147 -9.59 9.42 -27.29
N ASP B 148 -10.53 8.50 -27.10
CA ASP B 148 -11.69 8.34 -28.01
C ASP B 148 -12.42 9.68 -28.06
N LYS B 149 -12.84 10.10 -29.26
CA LYS B 149 -13.58 11.37 -29.52
C LYS B 149 -14.93 11.35 -28.78
N GLU B 150 -15.68 10.24 -28.85
CA GLU B 150 -17.06 10.13 -28.30
C GLU B 150 -16.98 10.08 -26.77
N SER B 151 -16.18 9.17 -26.19
CA SER B 151 -16.19 8.82 -24.73
C SER B 151 -15.26 9.74 -23.93
N GLU B 152 -14.21 10.26 -24.57
CA GLU B 152 -13.10 11.06 -23.95
C GLU B 152 -12.29 10.18 -22.97
N LEU B 153 -12.33 8.88 -23.19
CA LEU B 153 -11.60 7.88 -22.38
C LEU B 153 -10.44 7.33 -23.22
N LEU B 154 -9.38 6.93 -22.53
CA LEU B 154 -8.29 6.15 -23.12
C LEU B 154 -8.97 4.92 -23.70
N ASP B 155 -8.66 4.59 -24.94
CA ASP B 155 -9.11 3.35 -25.60
C ASP B 155 -7.86 2.47 -25.76
N TYR B 156 -7.67 1.48 -24.89
CA TYR B 156 -6.42 0.68 -24.85
C TYR B 156 -6.30 -0.18 -26.10
N ASP B 157 -7.41 -0.45 -26.79
CA ASP B 157 -7.40 -1.22 -28.05
C ASP B 157 -6.82 -0.33 -29.16
N ALA B 158 -7.25 0.93 -29.21
CA ALA B 158 -6.91 1.91 -30.28
C ALA B 158 -5.44 2.28 -30.14
N ILE B 159 -5.02 2.57 -28.91
CA ILE B 159 -3.59 2.79 -28.55
C ILE B 159 -2.79 1.57 -29.03
N LEU B 160 -3.09 0.36 -28.54
CA LEU B 160 -2.34 -0.88 -28.89
C LEU B 160 -2.17 -0.98 -30.41
N ALA B 161 -3.20 -0.68 -31.21
CA ALA B 161 -3.13 -0.77 -32.69
C ALA B 161 -2.19 0.32 -33.24
N GLN B 162 -2.27 1.54 -32.73
CA GLN B 162 -1.37 2.68 -33.13
C GLN B 162 0.06 2.30 -32.76
N ALA B 163 0.26 1.71 -31.58
CA ALA B 163 1.60 1.32 -31.06
C ALA B 163 2.26 0.33 -32.03
N LYS B 164 1.47 -0.62 -32.51
CA LYS B 164 1.89 -1.66 -33.47
C LYS B 164 2.37 -1.04 -34.80
N GLU B 165 1.86 0.15 -35.19
CA GLU B 165 2.29 0.83 -36.44
C GLU B 165 3.54 1.70 -36.17
N VAL B 166 3.49 2.50 -35.12
CA VAL B 166 4.54 3.51 -34.79
C VAL B 166 5.82 2.80 -34.31
N ARG B 167 5.66 1.69 -33.57
CA ARG B 167 6.76 0.84 -33.04
C ARG B 167 7.70 1.69 -32.18
N PRO B 168 7.19 2.45 -31.19
CA PRO B 168 8.05 3.33 -30.41
C PRO B 168 9.01 2.56 -29.51
N LYS B 169 10.15 3.17 -29.19
CA LYS B 169 11.16 2.61 -28.25
C LYS B 169 10.61 2.82 -26.85
N LEU B 170 9.78 3.85 -26.65
CA LEU B 170 9.25 4.25 -25.31
C LEU B 170 7.81 4.72 -25.43
N ILE B 171 6.94 4.27 -24.52
CA ILE B 171 5.60 4.85 -24.26
C ILE B 171 5.62 5.59 -22.92
N VAL B 172 5.18 6.85 -22.94
CA VAL B 172 4.90 7.72 -21.76
C VAL B 172 3.40 7.68 -21.55
N ALA B 173 2.97 7.44 -20.31
CA ALA B 173 1.58 7.61 -19.85
C ALA B 173 1.58 8.45 -18.57
N GLY B 174 0.40 8.93 -18.23
CA GLY B 174 0.25 9.98 -17.21
C GLY B 174 -0.03 11.30 -17.90
N ALA B 175 -0.77 12.14 -17.20
CA ALA B 175 -1.42 13.32 -17.80
C ALA B 175 -1.58 14.37 -16.72
N SER B 176 -1.85 15.60 -17.16
CA SER B 176 -2.11 16.81 -16.32
C SER B 176 -3.55 17.32 -16.53
N ALA B 177 -4.33 16.72 -17.45
CA ALA B 177 -5.75 17.11 -17.69
C ALA B 177 -6.68 15.91 -17.90
N TYR B 178 -6.32 14.71 -17.46
CA TYR B 178 -7.18 13.51 -17.57
C TYR B 178 -7.74 13.17 -16.19
N SER B 179 -9.05 12.94 -16.12
CA SER B 179 -9.88 12.90 -14.89
C SER B 179 -10.10 11.45 -14.43
N ARG B 180 -9.92 10.49 -15.32
CA ARG B 180 -10.36 9.10 -15.11
C ARG B 180 -9.18 8.24 -14.66
N ILE B 181 -9.48 7.08 -14.07
CA ILE B 181 -8.46 6.11 -13.61
C ILE B 181 -7.71 5.55 -14.82
N ILE B 182 -6.39 5.64 -14.82
CA ILE B 182 -5.51 5.01 -15.86
C ILE B 182 -5.26 3.55 -15.45
N ASP B 183 -5.45 2.66 -16.41
CA ASP B 183 -5.09 1.23 -16.29
C ASP B 183 -3.60 1.08 -16.65
N PHE B 184 -2.72 1.06 -15.65
CA PHE B 184 -1.27 0.99 -15.87
C PHE B 184 -0.89 -0.43 -16.34
N ALA B 185 -1.61 -1.45 -15.86
CA ALA B 185 -1.45 -2.85 -16.29
C ALA B 185 -1.63 -2.92 -17.81
N LYS B 186 -2.65 -2.26 -18.33
CA LYS B 186 -2.93 -2.25 -19.79
C LYS B 186 -1.82 -1.52 -20.54
N PHE B 187 -1.23 -0.48 -19.95
CA PHE B 187 -0.18 0.34 -20.63
C PHE B 187 1.05 -0.53 -20.76
N ARG B 188 1.41 -1.26 -19.70
CA ARG B 188 2.55 -2.20 -19.69
C ARG B 188 2.25 -3.35 -20.64
N GLU B 189 1.01 -3.77 -20.74
CA GLU B 189 0.62 -4.90 -21.63
C GLU B 189 0.90 -4.43 -23.07
N ILE B 190 0.54 -3.18 -23.38
CA ILE B 190 0.77 -2.59 -24.72
C ILE B 190 2.28 -2.45 -24.94
N ALA B 191 2.99 -1.92 -23.95
CA ALA B 191 4.44 -1.70 -24.07
C ALA B 191 5.07 -3.04 -24.43
N ASP B 192 4.73 -4.09 -23.68
CA ASP B 192 5.27 -5.46 -23.91
C ASP B 192 4.84 -5.96 -25.29
N ALA B 193 3.62 -5.67 -25.73
CA ALA B 193 3.09 -6.13 -27.04
C ALA B 193 3.99 -5.62 -28.17
N VAL B 194 4.68 -4.50 -28.00
CA VAL B 194 5.51 -3.90 -29.10
C VAL B 194 6.98 -3.75 -28.70
N GLY B 195 7.40 -4.19 -27.50
CA GLY B 195 8.83 -4.23 -27.13
C GLY B 195 9.38 -2.86 -26.74
N ALA B 196 8.52 -1.98 -26.22
CA ALA B 196 8.85 -0.63 -25.76
C ALA B 196 8.92 -0.59 -24.23
N TYR B 197 9.65 0.38 -23.70
CA TYR B 197 9.61 0.74 -22.26
C TYR B 197 8.31 1.50 -21.97
N LEU B 198 7.85 1.41 -20.72
CA LEU B 198 6.78 2.26 -20.19
C LEU B 198 7.37 3.11 -19.07
N MET B 199 7.28 4.42 -19.27
CA MET B 199 7.50 5.46 -18.24
C MET B 199 6.13 6.00 -17.81
N VAL B 200 5.93 6.15 -16.51
CA VAL B 200 4.68 6.79 -16.03
C VAL B 200 5.10 8.04 -15.28
N ASP B 201 4.64 9.17 -15.80
CA ASP B 201 4.77 10.50 -15.18
C ASP B 201 3.51 10.69 -14.34
N MET B 202 3.61 10.54 -13.03
CA MET B 202 2.40 10.57 -12.17
C MET B 202 2.35 11.88 -11.37
N ALA B 203 2.99 12.95 -11.83
CA ALA B 203 3.18 14.21 -11.06
C ALA B 203 1.82 14.65 -10.50
N HIS B 204 0.79 14.67 -11.32
CA HIS B 204 -0.56 15.12 -10.91
C HIS B 204 -1.17 14.21 -9.84
N ILE B 205 -0.99 12.88 -9.92
CA ILE B 205 -1.82 11.90 -9.15
C ILE B 205 -1.00 11.28 -8.03
N ALA B 206 0.27 11.63 -7.91
CA ALA B 206 1.26 10.95 -7.06
C ALA B 206 0.73 10.87 -5.63
N GLY B 207 0.01 11.90 -5.18
CA GLY B 207 -0.59 11.95 -3.84
C GLY B 207 -1.77 11.00 -3.72
N LEU B 208 -2.63 10.98 -4.74
CA LEU B 208 -3.75 10.02 -4.80
C LEU B 208 -3.20 8.59 -4.82
N VAL B 209 -2.02 8.38 -5.43
CA VAL B 209 -1.34 7.06 -5.40
C VAL B 209 -0.86 6.82 -3.97
N ALA B 210 -0.19 7.78 -3.37
CA ALA B 210 0.23 7.67 -1.97
C ALA B 210 -0.98 7.37 -1.07
N SER B 211 -2.17 7.89 -1.41
CA SER B 211 -3.36 7.90 -0.51
C SER B 211 -4.19 6.62 -0.67
N GLY B 212 -4.02 5.89 -1.77
CA GLY B 212 -4.73 4.63 -2.09
C GLY B 212 -5.77 4.82 -3.19
N HIS B 213 -6.04 6.06 -3.57
CA HIS B 213 -7.22 6.42 -4.40
C HIS B 213 -6.90 6.34 -5.89
N HIS B 214 -5.63 6.19 -6.28
CA HIS B 214 -5.28 5.87 -7.68
C HIS B 214 -4.41 4.62 -7.73
N PRO B 215 -4.74 3.64 -8.60
CA PRO B 215 -3.82 2.56 -8.93
C PRO B 215 -2.39 3.10 -9.08
N SER B 216 -1.43 2.40 -8.46
CA SER B 216 0.04 2.63 -8.57
C SER B 216 0.49 2.19 -9.95
N PRO B 217 1.29 2.99 -10.69
CA PRO B 217 1.99 2.54 -11.88
C PRO B 217 3.33 1.85 -11.54
N VAL B 218 3.75 1.91 -10.27
CA VAL B 218 5.10 1.43 -9.83
C VAL B 218 5.29 -0.02 -10.25
N PRO B 219 4.37 -0.96 -9.97
CA PRO B 219 4.52 -2.35 -10.41
C PRO B 219 4.50 -2.57 -11.93
N TYR B 220 4.10 -1.59 -12.74
CA TYR B 220 3.82 -1.79 -14.18
C TYR B 220 4.75 -0.97 -15.07
N ALA B 221 5.12 0.22 -14.63
CA ALA B 221 6.07 1.11 -15.33
C ALA B 221 7.49 0.59 -15.13
N HIS B 222 8.30 0.53 -16.19
CA HIS B 222 9.75 0.26 -16.05
C HIS B 222 10.32 1.35 -15.13
N VAL B 223 9.92 2.59 -15.38
CA VAL B 223 10.33 3.78 -14.57
C VAL B 223 9.14 4.71 -14.36
N THR B 224 8.98 5.18 -13.13
CA THR B 224 7.90 6.10 -12.74
C THR B 224 8.59 7.39 -12.33
N THR B 225 8.26 8.50 -12.97
CA THR B 225 8.69 9.84 -12.49
C THR B 225 7.48 10.54 -11.84
N THR B 226 7.76 11.42 -10.89
CA THR B 226 6.76 12.38 -10.38
C THR B 226 7.46 13.65 -9.92
N THR B 227 6.70 14.72 -9.71
CA THR B 227 7.08 15.84 -8.82
C THR B 227 6.81 15.48 -7.36
N THR B 228 7.53 16.10 -6.45
CA THR B 228 7.32 15.94 -4.98
C THR B 228 6.29 16.98 -4.51
N HIS B 229 6.09 18.06 -5.29
CA HIS B 229 4.93 18.96 -5.13
C HIS B 229 3.76 18.41 -5.96
N LYS B 230 2.63 19.13 -5.91
CA LYS B 230 1.30 18.82 -6.52
C LYS B 230 0.53 17.93 -5.52
N THR B 231 -0.19 16.89 -5.93
CA THR B 231 -1.08 16.12 -5.02
C THR B 231 -0.32 15.59 -3.81
N LEU B 232 0.95 15.18 -3.97
CA LEU B 232 1.84 14.61 -2.90
C LEU B 232 2.14 15.65 -1.82
N ARG B 233 2.07 16.94 -2.17
CA ARG B 233 2.01 18.05 -1.18
C ARG B 233 3.36 18.20 -0.47
N GLY B 234 4.44 18.04 -1.22
CA GLY B 234 5.81 18.19 -0.70
C GLY B 234 6.48 19.42 -1.31
N PRO B 235 7.81 19.53 -1.12
CA PRO B 235 8.58 20.62 -1.72
C PRO B 235 8.58 20.50 -3.24
N ARG B 236 8.76 21.65 -3.89
CA ARG B 236 9.03 21.74 -5.34
C ARG B 236 10.30 20.94 -5.64
N GLY B 237 10.15 19.88 -6.43
CA GLY B 237 11.25 19.00 -6.86
C GLY B 237 10.71 17.79 -7.60
N GLY B 238 11.60 16.86 -7.92
CA GLY B 238 11.28 15.65 -8.70
C GLY B 238 11.74 14.40 -7.98
N LEU B 239 11.37 13.25 -8.51
CA LEU B 239 11.61 11.93 -7.89
C LEU B 239 11.55 10.90 -9.01
N ILE B 240 12.41 9.90 -8.97
CA ILE B 240 12.38 8.78 -9.94
C ILE B 240 12.34 7.46 -9.18
N LEU B 241 11.41 6.58 -9.58
CA LEU B 241 11.27 5.24 -8.97
C LEU B 241 11.41 4.19 -10.07
N THR B 242 11.98 3.05 -9.71
CA THR B 242 12.07 1.86 -10.58
C THR B 242 12.28 0.63 -9.70
N ASP B 243 11.94 -0.54 -10.24
CA ASP B 243 12.16 -1.88 -9.62
C ASP B 243 13.38 -2.54 -10.28
N ASP B 244 13.89 -2.02 -11.40
CA ASP B 244 15.00 -2.64 -12.17
C ASP B 244 16.36 -2.04 -11.74
N GLU B 245 17.21 -2.84 -11.11
CA GLU B 245 18.54 -2.41 -10.61
C GLU B 245 19.42 -1.88 -11.75
N ASP B 246 19.30 -2.44 -12.96
CA ASP B 246 20.19 -2.04 -14.08
C ASP B 246 19.79 -0.63 -14.48
N ILE B 247 18.50 -0.34 -14.44
CA ILE B 247 17.93 0.97 -14.85
C ILE B 247 18.18 1.96 -13.72
N ALA B 248 18.04 1.58 -12.46
CA ALA B 248 18.38 2.48 -11.33
C ALA B 248 19.80 3.04 -11.52
N LYS B 249 20.74 2.17 -11.92
CA LYS B 249 22.18 2.49 -12.08
C LYS B 249 22.29 3.59 -13.17
N LYS B 250 21.58 3.39 -14.28
CA LYS B 250 21.59 4.29 -15.46
C LYS B 250 20.94 5.62 -15.07
N LEU B 251 19.83 5.57 -14.34
CA LEU B 251 19.08 6.75 -13.86
C LEU B 251 19.99 7.58 -12.98
N ASN B 252 20.65 6.94 -12.01
CA ASN B 252 21.47 7.65 -11.01
C ASN B 252 22.54 8.44 -11.77
N SER B 253 23.10 7.81 -12.81
CA SER B 253 24.18 8.35 -13.66
C SER B 253 23.69 9.58 -14.44
N ALA B 254 22.45 9.47 -14.95
CA ALA B 254 21.79 10.47 -15.81
C ALA B 254 21.43 11.72 -14.98
N VAL B 255 20.88 11.52 -13.80
CA VAL B 255 20.57 12.67 -12.91
C VAL B 255 21.87 13.37 -12.57
N PHE B 256 22.91 12.63 -12.17
CA PHE B 256 24.24 13.19 -11.82
C PHE B 256 25.33 12.18 -12.14
N PRO B 257 26.40 12.57 -12.85
CA PRO B 257 26.57 13.93 -13.40
C PRO B 257 26.03 14.18 -14.82
N GLY B 258 25.06 13.40 -15.24
CA GLY B 258 24.50 13.47 -16.59
C GLY B 258 23.87 14.83 -16.82
N LEU B 259 22.96 15.25 -15.93
CA LEU B 259 22.05 16.38 -16.20
C LEU B 259 22.18 17.46 -15.14
N GLN B 260 22.54 17.08 -13.92
CA GLN B 260 22.57 18.00 -12.74
C GLN B 260 23.97 18.07 -12.17
N GLY B 261 24.19 19.05 -11.30
CA GLY B 261 25.39 19.10 -10.47
C GLY B 261 25.06 18.64 -9.08
N GLY B 262 25.31 19.48 -8.10
CA GLY B 262 24.99 19.16 -6.70
C GLY B 262 23.48 19.17 -6.51
N PRO B 263 22.95 18.27 -5.70
CA PRO B 263 21.53 18.32 -5.39
C PRO B 263 21.25 19.37 -4.30
N LEU B 264 19.98 19.78 -4.18
CA LEU B 264 19.51 20.72 -3.14
C LEU B 264 19.17 19.92 -1.89
N GLU B 265 20.14 19.71 -1.01
CA GLU B 265 19.94 18.80 0.15
C GLU B 265 18.90 19.39 1.12
N HIS B 266 18.77 20.70 1.22
CA HIS B 266 17.68 21.35 2.01
C HIS B 266 16.29 20.93 1.46
N VAL B 267 16.14 20.91 0.15
CA VAL B 267 14.85 20.48 -0.47
C VAL B 267 14.68 18.97 -0.24
N ILE B 268 15.77 18.22 -0.27
CA ILE B 268 15.72 16.74 -0.07
C ILE B 268 15.29 16.48 1.37
N ALA B 269 15.69 17.33 2.31
CA ALA B 269 15.21 17.20 3.70
C ALA B 269 13.70 17.48 3.73
N ALA B 270 13.23 18.43 2.95
CA ALA B 270 11.78 18.72 2.83
C ALA B 270 11.09 17.57 2.10
N LYS B 271 11.79 16.85 1.22
CA LYS B 271 11.21 15.66 0.54
C LYS B 271 11.00 14.56 1.59
N ALA B 272 12.00 14.33 2.43
CA ALA B 272 11.93 13.28 3.46
C ALA B 272 10.73 13.59 4.36
N VAL B 273 10.62 14.84 4.80
CA VAL B 273 9.52 15.29 5.69
C VAL B 273 8.19 14.94 5.05
N ALA B 274 7.93 15.47 3.85
CA ALA B 274 6.65 15.39 3.11
C ALA B 274 6.26 13.94 2.85
N LEU B 275 7.24 13.11 2.52
CA LEU B 275 7.04 11.65 2.30
C LEU B 275 6.57 11.00 3.61
N LYS B 276 7.06 11.43 4.77
CA LYS B 276 6.66 10.86 6.08
C LYS B 276 5.20 11.29 6.34
N GLU B 277 4.85 12.53 5.99
CA GLU B 277 3.47 13.06 6.08
C GLU B 277 2.57 12.18 5.20
N ALA B 278 2.99 11.84 3.98
CA ALA B 278 2.19 11.01 3.06
C ALA B 278 2.06 9.58 3.60
N LEU B 279 2.97 9.15 4.46
CA LEU B 279 2.99 7.76 5.01
C LEU B 279 1.98 7.65 6.16
N ASP B 280 1.54 8.79 6.71
CA ASP B 280 0.60 8.86 7.85
C ASP B 280 -0.81 8.48 7.39
N PRO B 281 -1.60 7.77 8.25
CA PRO B 281 -3.00 7.46 7.94
C PRO B 281 -3.84 8.70 7.63
N ALA B 282 -3.47 9.87 8.15
CA ALA B 282 -4.19 11.14 7.87
C ALA B 282 -4.08 11.48 6.37
N PHE B 283 -3.08 10.93 5.66
CA PHE B 283 -2.91 11.26 4.23
C PHE B 283 -4.01 10.53 3.45
N LYS B 284 -4.48 9.38 3.95
CA LYS B 284 -5.62 8.63 3.35
C LYS B 284 -6.87 9.51 3.44
N GLU B 285 -7.10 10.15 4.59
CA GLU B 285 -8.25 11.07 4.78
C GLU B 285 -8.16 12.20 3.75
N TYR B 286 -6.96 12.77 3.56
CA TYR B 286 -6.70 13.93 2.66
C TYR B 286 -7.09 13.53 1.23
N GLY B 287 -6.56 12.38 0.77
CA GLY B 287 -6.85 11.81 -0.54
C GLY B 287 -8.36 11.66 -0.73
N GLU B 288 -9.05 11.11 0.29
CA GLU B 288 -10.51 10.88 0.24
C GLU B 288 -11.22 12.20 -0.05
N ASN B 289 -10.83 13.23 0.71
CA ASN B 289 -11.44 14.58 0.61
C ASN B 289 -11.03 15.24 -0.69
N VAL B 290 -9.89 14.88 -1.27
CA VAL B 290 -9.49 15.42 -2.60
C VAL B 290 -10.48 14.83 -3.60
N ILE B 291 -10.75 13.54 -3.46
CA ILE B 291 -11.67 12.81 -4.38
C ILE B 291 -13.07 13.43 -4.31
N LYS B 292 -13.62 13.61 -3.10
CA LYS B 292 -15.01 14.12 -2.90
C LYS B 292 -15.12 15.57 -3.36
N ASN B 293 -14.19 16.43 -2.92
CA ASN B 293 -14.25 17.88 -3.20
C ASN B 293 -14.26 18.10 -4.71
N ALA B 294 -13.44 17.38 -5.46
CA ALA B 294 -13.41 17.52 -6.94
C ALA B 294 -14.74 17.06 -7.52
N ALA B 295 -15.33 15.99 -6.98
CA ALA B 295 -16.57 15.37 -7.50
C ALA B 295 -17.72 16.36 -7.27
N ALA B 296 -17.78 16.92 -6.06
CA ALA B 296 -18.76 17.95 -5.68
C ALA B 296 -18.73 19.10 -6.70
N MET B 297 -17.54 19.67 -6.97
CA MET B 297 -17.39 20.80 -7.93
C MET B 297 -17.86 20.38 -9.32
N ALA B 298 -17.56 19.14 -9.73
CA ALA B 298 -17.81 18.67 -11.11
C ALA B 298 -19.30 18.41 -11.29
N ASP B 299 -19.94 17.90 -10.24
CA ASP B 299 -21.40 17.59 -10.22
C ASP B 299 -22.12 18.88 -10.70
N VAL B 300 -21.75 20.02 -10.13
CA VAL B 300 -22.39 21.34 -10.40
C VAL B 300 -22.32 21.64 -11.91
N PHE B 301 -21.22 21.35 -12.59
CA PHE B 301 -21.10 21.63 -14.04
C PHE B 301 -21.93 20.60 -14.82
N ASN B 302 -21.94 19.36 -14.34
CA ASN B 302 -22.73 18.28 -14.98
C ASN B 302 -24.20 18.70 -15.08
N GLN B 303 -24.79 19.03 -13.92
CA GLN B 303 -26.22 19.43 -13.69
C GLN B 303 -26.58 20.67 -14.53
N HIS B 304 -25.73 21.68 -14.53
CA HIS B 304 -26.00 22.93 -15.27
C HIS B 304 -25.98 22.63 -16.76
N PRO B 305 -27.05 23.00 -17.52
CA PRO B 305 -27.13 22.71 -18.96
C PRO B 305 -26.08 23.38 -19.88
N ASP B 306 -25.47 24.49 -19.47
CA ASP B 306 -24.65 25.35 -20.37
C ASP B 306 -23.19 24.90 -20.33
N PHE B 307 -22.89 23.94 -19.45
CA PHE B 307 -21.54 23.36 -19.23
C PHE B 307 -21.58 21.83 -19.32
N ARG B 308 -20.56 21.31 -20.02
CA ARG B 308 -20.15 19.88 -20.11
C ARG B 308 -18.79 19.68 -19.43
N VAL B 309 -18.73 18.77 -18.46
CA VAL B 309 -17.46 18.23 -17.91
C VAL B 309 -16.92 17.23 -18.92
N ILE B 310 -15.62 17.26 -19.19
CA ILE B 310 -14.92 16.33 -20.12
C ILE B 310 -14.97 14.92 -19.48
N SER B 311 -15.33 13.89 -20.27
CA SER B 311 -15.50 12.47 -19.84
C SER B 311 -16.71 12.32 -18.91
N GLY B 312 -17.50 13.36 -18.65
CA GLY B 312 -18.75 13.24 -17.86
C GLY B 312 -18.54 13.40 -16.36
N GLY B 313 -17.29 13.40 -15.88
CA GLY B 313 -16.96 13.62 -14.46
C GLY B 313 -15.50 13.35 -14.18
N THR B 314 -15.20 12.80 -13.01
CA THR B 314 -13.78 12.57 -12.61
C THR B 314 -13.69 11.53 -11.51
N ASN B 315 -12.61 10.73 -11.50
CA ASN B 315 -12.23 9.84 -10.38
C ASN B 315 -10.89 10.27 -9.74
N ASN B 316 -10.39 11.47 -10.05
CA ASN B 316 -9.12 11.99 -9.44
C ASN B 316 -9.34 13.43 -8.96
N HIS B 317 -8.26 14.19 -8.83
CA HIS B 317 -8.22 15.51 -8.15
C HIS B 317 -8.72 16.64 -9.05
N LEU B 318 -8.98 16.39 -10.32
CA LEU B 318 -9.31 17.50 -11.25
C LEU B 318 -10.41 17.11 -12.24
N PHE B 319 -10.87 18.09 -13.04
CA PHE B 319 -11.75 17.92 -14.21
C PHE B 319 -11.67 19.16 -15.12
N LEU B 320 -11.95 19.01 -16.42
CA LEU B 320 -12.09 20.13 -17.38
C LEU B 320 -13.58 20.44 -17.61
N VAL B 321 -13.89 21.68 -17.98
CA VAL B 321 -15.24 22.13 -18.40
C VAL B 321 -15.16 22.87 -19.73
N ASP B 322 -15.89 22.39 -20.75
CA ASP B 322 -16.17 23.19 -21.97
C ASP B 322 -17.03 24.37 -21.55
N VAL B 323 -16.56 25.60 -21.75
CA VAL B 323 -17.26 26.85 -21.31
C VAL B 323 -17.85 27.56 -22.54
N THR B 324 -17.65 27.04 -23.75
CA THR B 324 -17.77 27.80 -25.02
C THR B 324 -19.22 28.21 -25.29
N LYS B 325 -20.20 27.56 -24.68
CA LYS B 325 -21.64 27.96 -24.71
C LYS B 325 -21.90 29.23 -23.86
N VAL B 326 -20.94 29.73 -23.08
CA VAL B 326 -21.18 30.79 -22.06
C VAL B 326 -20.11 31.91 -22.14
N VAL B 327 -18.84 31.61 -22.45
CA VAL B 327 -17.87 32.68 -22.81
C VAL B 327 -17.15 32.28 -24.10
N GLU B 328 -16.57 33.24 -24.78
CA GLU B 328 -15.96 33.00 -26.12
C GLU B 328 -14.99 31.81 -26.00
N ASN B 329 -14.18 31.74 -24.93
CA ASN B 329 -13.09 30.74 -24.78
C ASN B 329 -12.57 30.66 -23.34
N GLY B 330 -11.67 29.71 -23.08
CA GLY B 330 -11.12 29.37 -21.76
C GLY B 330 -10.35 30.53 -21.13
N LYS B 331 -9.62 31.29 -21.95
CA LYS B 331 -8.85 32.49 -21.50
C LYS B 331 -9.82 33.49 -20.86
N VAL B 332 -10.95 33.76 -21.52
CA VAL B 332 -11.98 34.69 -20.96
C VAL B 332 -12.45 34.14 -19.60
N ALA B 333 -12.95 32.91 -19.57
CA ALA B 333 -13.34 32.18 -18.34
C ALA B 333 -12.33 32.42 -17.22
N GLN B 334 -11.03 32.28 -17.53
CA GLN B 334 -9.88 32.36 -16.57
C GLN B 334 -9.81 33.76 -15.96
N ASN B 335 -9.76 34.81 -16.81
CA ASN B 335 -9.73 36.25 -16.43
C ASN B 335 -10.92 36.57 -15.52
N VAL B 336 -12.12 36.15 -15.92
CA VAL B 336 -13.38 36.51 -15.22
C VAL B 336 -13.28 36.07 -13.77
N LEU B 337 -12.78 34.86 -13.54
CA LEU B 337 -12.81 34.26 -12.19
C LEU B 337 -11.69 34.85 -11.34
N GLU B 338 -10.63 35.37 -11.97
CA GLU B 338 -9.55 36.08 -11.23
C GLU B 338 -10.14 37.31 -10.55
N GLU B 339 -11.12 37.96 -11.19
CA GLU B 339 -11.81 39.15 -10.66
C GLU B 339 -12.68 38.79 -9.45
N VAL B 340 -13.04 37.52 -9.26
CA VAL B 340 -13.76 37.06 -8.03
C VAL B 340 -12.80 36.34 -7.06
N ASN B 341 -11.49 36.49 -7.27
CA ASN B 341 -10.39 35.88 -6.45
C ASN B 341 -10.48 34.35 -6.51
N ILE B 342 -10.74 33.81 -7.70
CA ILE B 342 -10.66 32.34 -8.00
C ILE B 342 -9.69 32.16 -9.17
N THR B 343 -8.51 31.61 -8.90
CA THR B 343 -7.51 31.25 -9.94
C THR B 343 -7.74 29.80 -10.33
N LEU B 344 -8.07 29.58 -11.59
CA LEU B 344 -7.92 28.30 -12.31
C LEU B 344 -7.12 28.62 -13.57
N ASN B 345 -7.13 27.76 -14.58
CA ASN B 345 -6.39 28.01 -15.85
C ASN B 345 -7.26 27.55 -17.02
N LYS B 346 -7.39 28.41 -18.04
CA LYS B 346 -7.76 28.00 -19.41
C LYS B 346 -7.08 26.65 -19.63
N ASN B 347 -7.64 25.81 -20.51
CA ASN B 347 -7.05 24.48 -20.83
C ASN B 347 -7.74 23.88 -22.05
N SER B 348 -6.94 23.46 -23.01
CA SER B 348 -7.36 22.58 -24.12
C SER B 348 -8.30 21.46 -23.59
N ILE B 349 -9.14 20.96 -24.49
CA ILE B 349 -10.06 19.80 -24.26
C ILE B 349 -9.87 18.84 -25.42
N PRO B 350 -10.19 17.55 -25.26
CA PRO B 350 -9.84 16.57 -26.28
C PRO B 350 -10.40 17.09 -27.60
N TYR B 351 -9.60 17.09 -28.67
CA TYR B 351 -10.01 17.47 -30.06
C TYR B 351 -10.32 18.97 -30.10
N GLU B 352 -9.54 19.78 -29.36
CA GLU B 352 -9.65 21.26 -29.25
C GLU B 352 -9.75 21.90 -30.63
N GLN B 353 -10.72 22.79 -30.83
CA GLN B 353 -10.96 23.51 -32.10
C GLN B 353 -10.19 24.84 -32.10
N LEU B 354 -10.19 25.56 -30.98
CA LEU B 354 -9.73 26.98 -30.90
C LEU B 354 -8.21 26.99 -30.82
N SER B 355 -7.58 28.16 -30.85
CA SER B 355 -6.11 28.29 -30.79
C SER B 355 -5.68 27.90 -29.38
N PRO B 356 -4.44 27.38 -29.21
CA PRO B 356 -3.95 26.97 -27.89
C PRO B 356 -3.90 28.09 -26.83
N PHE B 357 -3.93 29.36 -27.25
CA PHE B 357 -3.83 30.54 -26.38
C PHE B 357 -5.22 30.89 -25.85
N LYS B 358 -6.27 30.35 -26.47
CA LYS B 358 -7.68 30.67 -26.14
C LYS B 358 -8.33 29.47 -25.43
N THR B 359 -8.29 28.30 -26.07
CA THR B 359 -8.81 26.98 -25.59
C THR B 359 -10.32 27.01 -25.40
N SER B 360 -10.93 25.83 -25.23
CA SER B 360 -12.38 25.68 -25.02
C SER B 360 -12.70 25.46 -23.54
N GLY B 361 -11.69 25.28 -22.68
CA GLY B 361 -11.90 24.69 -21.34
C GLY B 361 -11.26 25.48 -20.22
N ILE B 362 -11.80 25.28 -19.02
CA ILE B 362 -11.13 25.59 -17.72
C ILE B 362 -10.75 24.25 -17.09
N ARG B 363 -9.68 24.22 -16.28
CA ARG B 363 -9.27 23.02 -15.50
C ARG B 363 -9.42 23.34 -14.02
N VAL B 364 -10.33 22.67 -13.34
CA VAL B 364 -10.53 22.83 -11.88
C VAL B 364 -9.78 21.71 -11.17
N GLY B 365 -9.21 22.01 -10.00
CA GLY B 365 -8.62 21.04 -9.05
C GLY B 365 -9.01 21.29 -7.61
N SER B 366 -9.03 20.22 -6.82
CA SER B 366 -9.51 20.19 -5.42
C SER B 366 -8.38 20.19 -4.38
N PRO B 367 -7.09 19.89 -4.71
CA PRO B 367 -6.09 19.62 -3.67
C PRO B 367 -5.78 20.80 -2.75
N ALA B 368 -5.82 22.04 -3.27
CA ALA B 368 -5.46 23.26 -2.49
C ALA B 368 -6.58 23.60 -1.49
N ILE B 369 -7.81 23.81 -1.96
CA ILE B 369 -8.96 24.07 -1.04
C ILE B 369 -9.09 22.92 -0.05
N THR B 370 -8.79 21.68 -0.44
CA THR B 370 -8.91 20.49 0.47
C THR B 370 -7.85 20.60 1.57
N SER B 371 -6.65 21.08 1.28
CA SER B 371 -5.54 21.18 2.27
C SER B 371 -5.83 22.33 3.23
N ARG B 372 -6.64 23.29 2.79
CA ARG B 372 -7.14 24.41 3.62
C ARG B 372 -8.19 23.94 4.64
N GLY B 373 -8.83 22.79 4.41
CA GLY B 373 -9.82 22.19 5.34
C GLY B 373 -11.23 22.23 4.77
N MET B 374 -11.42 22.67 3.54
CA MET B 374 -12.76 22.79 2.90
C MET B 374 -13.31 21.40 2.57
N GLY B 375 -14.65 21.32 2.47
CA GLY B 375 -15.41 20.07 2.27
C GLY B 375 -16.32 20.20 1.06
N GLU B 376 -17.30 19.31 0.94
CA GLU B 376 -18.18 19.23 -0.26
C GLU B 376 -19.06 20.49 -0.35
N ALA B 377 -19.59 20.99 0.78
CA ALA B 377 -20.50 22.17 0.81
C ALA B 377 -19.75 23.35 0.18
N GLU B 378 -18.57 23.64 0.73
CA GLU B 378 -17.66 24.71 0.28
C GLU B 378 -17.32 24.48 -1.20
N SER B 379 -17.01 23.25 -1.59
CA SER B 379 -16.63 22.93 -2.98
C SER B 379 -17.81 23.21 -3.93
N ARG B 380 -19.02 22.81 -3.52
CA ARG B 380 -20.24 23.02 -4.34
C ARG B 380 -20.44 24.54 -4.49
N GLN B 381 -20.37 25.24 -3.36
CA GLN B 381 -20.55 26.72 -3.26
C GLN B 381 -19.62 27.40 -4.29
N ILE B 382 -18.36 26.95 -4.36
CA ILE B 382 -17.30 27.58 -5.18
C ILE B 382 -17.63 27.34 -6.66
N ALA B 383 -18.19 26.17 -7.03
CA ALA B 383 -18.61 25.90 -8.42
C ALA B 383 -19.87 26.71 -8.78
N GLU B 384 -20.86 26.87 -7.89
CA GLU B 384 -22.03 27.78 -8.12
C GLU B 384 -21.51 29.17 -8.51
N TRP B 385 -20.59 29.73 -7.69
CA TRP B 385 -19.91 31.05 -7.86
C TRP B 385 -19.22 31.11 -9.24
N MET B 386 -18.59 30.00 -9.61
CA MET B 386 -17.87 29.91 -10.91
C MET B 386 -18.91 30.02 -12.03
N VAL B 387 -20.03 29.31 -11.88
CA VAL B 387 -21.16 29.27 -12.85
C VAL B 387 -21.81 30.65 -12.93
N GLU B 388 -22.05 31.30 -11.79
CA GLU B 388 -22.68 32.66 -11.75
C GLU B 388 -21.73 33.65 -12.44
N ALA B 389 -20.48 33.72 -11.97
CA ALA B 389 -19.49 34.68 -12.52
C ALA B 389 -19.42 34.49 -14.04
N LEU B 390 -19.44 33.26 -14.55
CA LEU B 390 -19.20 33.00 -16.01
C LEU B 390 -20.46 33.33 -16.81
N GLU B 391 -21.65 33.00 -16.30
CA GLU B 391 -22.96 33.40 -16.89
C GLU B 391 -23.06 34.94 -16.95
N ASN B 392 -22.48 35.66 -15.98
CA ASN B 392 -22.53 37.14 -15.80
C ASN B 392 -21.13 37.78 -15.96
N HIS B 393 -20.35 37.39 -16.99
CA HIS B 393 -19.00 37.93 -17.25
C HIS B 393 -19.09 39.43 -17.52
N ASP B 394 -20.10 39.87 -18.28
CA ASP B 394 -20.43 41.28 -18.62
C ASP B 394 -20.59 42.21 -17.41
N LYS B 395 -21.05 41.69 -16.28
CA LYS B 395 -21.73 42.49 -15.23
C LYS B 395 -20.87 42.68 -13.98
N PRO B 396 -19.97 43.70 -13.95
CA PRO B 396 -19.10 43.99 -12.79
C PRO B 396 -19.75 44.09 -11.40
N GLU B 397 -21.00 44.59 -11.31
CA GLU B 397 -21.77 44.66 -10.05
C GLU B 397 -21.98 43.23 -9.52
N VAL B 398 -22.07 42.24 -10.43
CA VAL B 398 -22.35 40.82 -10.10
C VAL B 398 -21.06 40.17 -9.59
N LEU B 399 -19.97 40.30 -10.36
CA LEU B 399 -18.59 39.87 -10.00
C LEU B 399 -18.21 40.46 -8.63
N GLU B 400 -18.58 41.72 -8.40
CA GLU B 400 -18.26 42.46 -7.16
C GLU B 400 -18.96 41.79 -5.97
N ARG B 401 -20.21 41.34 -6.12
CA ARG B 401 -20.96 40.69 -5.02
C ARG B 401 -20.26 39.35 -4.67
N ILE B 402 -19.90 38.60 -5.72
CA ILE B 402 -19.29 37.24 -5.66
C ILE B 402 -17.93 37.38 -4.98
N ARG B 403 -17.12 38.38 -5.35
CA ARG B 403 -15.77 38.62 -4.76
C ARG B 403 -15.89 38.79 -3.24
N GLY B 404 -16.97 39.45 -2.80
CA GLY B 404 -17.28 39.71 -1.38
C GLY B 404 -17.68 38.43 -0.65
N ASP B 405 -18.29 37.49 -1.37
CA ASP B 405 -18.75 36.18 -0.82
C ASP B 405 -17.55 35.25 -0.66
N VAL B 406 -16.66 35.26 -1.66
CA VAL B 406 -15.34 34.57 -1.68
C VAL B 406 -14.53 35.01 -0.43
N LYS B 407 -14.41 36.32 -0.15
CA LYS B 407 -13.72 36.86 1.06
C LYS B 407 -14.36 36.30 2.35
N VAL B 408 -15.68 36.17 2.37
CA VAL B 408 -16.41 35.68 3.58
C VAL B 408 -15.89 34.26 3.85
N LEU B 409 -15.71 33.49 2.76
CA LEU B 409 -15.40 32.04 2.81
C LEU B 409 -13.91 31.84 3.09
N THR B 410 -13.05 32.69 2.52
CA THR B 410 -11.57 32.62 2.71
C THR B 410 -11.30 32.99 4.17
N ASP B 411 -11.90 34.08 4.64
CA ASP B 411 -11.82 34.52 6.07
C ASP B 411 -12.14 33.33 6.95
N ALA B 412 -13.17 32.56 6.54
CA ALA B 412 -13.76 31.43 7.30
C ALA B 412 -12.76 30.29 7.41
N PHE B 413 -11.92 30.09 6.38
CA PHE B 413 -10.94 28.97 6.28
C PHE B 413 -9.50 29.50 6.20
N PRO B 414 -8.87 29.91 7.32
CA PRO B 414 -7.48 30.34 7.31
C PRO B 414 -6.56 29.37 6.55
N LEU B 415 -5.41 29.88 6.09
CA LEU B 415 -4.41 29.15 5.27
C LEU B 415 -3.33 28.49 6.15
N TYR B 416 -2.93 29.11 7.27
CA TYR B 416 -1.90 28.55 8.20
C TYR B 416 -2.26 28.91 9.64
N ASP C 7 2.69 -42.28 16.00
CA ASP C 7 2.22 -43.57 16.62
C ASP C 7 0.69 -43.66 16.47
N TYR C 8 -0.04 -42.57 16.78
CA TYR C 8 -1.52 -42.45 16.67
C TYR C 8 -2.00 -42.77 15.24
N LYS C 9 -1.10 -42.59 14.27
CA LYS C 9 -1.37 -42.85 12.83
C LYS C 9 -1.50 -44.35 12.57
N ALA C 10 -1.13 -45.20 13.54
CA ALA C 10 -1.31 -46.67 13.50
C ALA C 10 -2.71 -47.04 14.04
N PHE C 11 -3.26 -46.24 14.94
CA PHE C 11 -4.65 -46.43 15.47
C PHE C 11 -5.70 -46.29 14.34
N ASP C 12 -5.40 -45.51 13.28
CA ASP C 12 -6.40 -45.09 12.25
C ASP C 12 -5.77 -45.14 10.86
N PRO C 13 -5.24 -46.31 10.44
CA PRO C 13 -4.49 -46.43 9.19
C PRO C 13 -5.30 -46.06 7.94
N GLU C 14 -6.62 -46.29 7.98
CA GLU C 14 -7.53 -46.04 6.83
C GLU C 14 -7.56 -44.53 6.55
N LEU C 15 -7.62 -43.71 7.61
CA LEU C 15 -7.64 -42.23 7.50
C LEU C 15 -6.27 -41.75 7.02
N TRP C 16 -5.18 -42.11 7.73
CA TRP C 16 -3.84 -41.51 7.49
C TRP C 16 -3.22 -42.00 6.17
N ASN C 17 -3.69 -43.08 5.55
CA ASN C 17 -3.18 -43.52 4.23
C ASN C 17 -3.83 -42.68 3.14
N ALA C 18 -5.12 -42.36 3.35
CA ALA C 18 -5.87 -41.40 2.52
C ALA C 18 -5.15 -40.05 2.53
N ILE C 19 -4.62 -39.62 3.66
CA ILE C 19 -3.86 -38.35 3.73
C ILE C 19 -2.56 -38.50 2.96
N ASP C 20 -1.80 -39.58 3.15
CA ASP C 20 -0.54 -39.78 2.39
C ASP C 20 -0.92 -39.82 0.89
N ALA C 21 -2.06 -40.44 0.55
CA ALA C 21 -2.50 -40.58 -0.86
C ALA C 21 -2.72 -39.19 -1.48
N GLU C 22 -3.25 -38.24 -0.69
CA GLU C 22 -3.60 -36.85 -1.10
C GLU C 22 -2.31 -36.03 -1.26
N ALA C 23 -1.34 -36.22 -0.36
CA ALA C 23 0.00 -35.60 -0.42
C ALA C 23 0.69 -36.01 -1.73
N GLU C 24 0.56 -37.28 -2.10
CA GLU C 24 1.20 -37.81 -3.32
C GLU C 24 0.45 -37.20 -4.50
N ARG C 25 -0.90 -37.25 -4.49
CA ARG C 25 -1.76 -36.76 -5.60
C ARG C 25 -1.37 -35.30 -5.89
N GLN C 26 -1.32 -34.45 -4.85
CA GLN C 26 -0.99 -32.99 -4.96
C GLN C 26 0.39 -32.83 -5.62
N GLN C 27 1.29 -33.77 -5.35
CA GLN C 27 2.69 -33.72 -5.82
C GLN C 27 2.74 -34.13 -7.29
N ASN C 28 2.00 -35.16 -7.71
CA ASN C 28 2.07 -35.70 -9.10
C ASN C 28 0.93 -35.08 -9.91
N ASN C 29 0.56 -33.84 -9.57
CA ASN C 29 -0.53 -33.08 -10.24
C ASN C 29 -0.01 -31.67 -10.54
N ILE C 30 -0.24 -31.17 -11.76
CA ILE C 30 -0.13 -29.71 -12.09
C ILE C 30 -1.50 -29.07 -11.78
N GLU C 31 -1.56 -28.27 -10.72
CA GLU C 31 -2.82 -27.62 -10.22
C GLU C 31 -3.03 -26.24 -10.88
N LEU C 32 -3.97 -26.15 -11.80
CA LEU C 32 -4.32 -24.93 -12.58
C LEU C 32 -5.70 -24.38 -12.18
N ILE C 33 -6.42 -25.05 -11.28
CA ILE C 33 -7.71 -24.51 -10.77
C ILE C 33 -7.38 -23.18 -10.10
N ALA C 34 -7.96 -22.09 -10.62
CA ALA C 34 -7.51 -20.71 -10.34
C ALA C 34 -7.64 -20.36 -8.84
N SER C 35 -8.53 -21.05 -8.11
CA SER C 35 -8.86 -20.78 -6.69
C SER C 35 -7.84 -21.46 -5.74
N GLU C 36 -6.96 -22.25 -6.30
CA GLU C 36 -6.15 -23.18 -5.49
C GLU C 36 -4.82 -22.49 -5.21
N ASN C 37 -4.24 -22.81 -4.07
CA ASN C 37 -2.86 -22.38 -3.72
C ASN C 37 -2.22 -23.53 -2.92
N VAL C 38 -1.06 -23.23 -2.37
CA VAL C 38 -0.20 -24.14 -1.57
C VAL C 38 0.24 -23.35 -0.33
N VAL C 39 -0.48 -23.47 0.78
CA VAL C 39 -0.14 -22.72 2.02
C VAL C 39 1.18 -23.25 2.56
N SER C 40 1.85 -22.47 3.41
CA SER C 40 3.17 -22.78 4.02
C SER C 40 3.02 -23.83 5.12
N LYS C 41 4.11 -24.46 5.54
CA LYS C 41 4.09 -25.40 6.69
C LYS C 41 3.57 -24.66 7.95
N ALA C 42 3.89 -23.37 8.07
CA ALA C 42 3.48 -22.50 9.19
C ALA C 42 1.94 -22.38 9.23
N VAL C 43 1.31 -22.21 8.08
CA VAL C 43 -0.17 -22.03 8.03
C VAL C 43 -0.80 -23.36 8.48
N MET C 44 -0.31 -24.49 7.98
CA MET C 44 -0.88 -25.80 8.35
C MET C 44 -0.65 -26.07 9.85
N ALA C 45 0.55 -25.83 10.37
CA ALA C 45 0.91 -26.11 11.78
C ALA C 45 -0.02 -25.36 12.73
N ALA C 46 -0.35 -24.11 12.42
CA ALA C 46 -1.18 -23.21 13.27
C ALA C 46 -2.61 -23.76 13.41
N GLN C 47 -3.24 -24.08 12.27
CA GLN C 47 -4.53 -24.84 12.13
C GLN C 47 -4.44 -26.12 12.98
N GLY C 48 -3.25 -26.73 13.10
CA GLY C 48 -2.96 -27.96 13.85
C GLY C 48 -2.74 -27.78 15.37
N THR C 49 -2.89 -26.59 15.93
CA THR C 49 -2.61 -26.36 17.37
C THR C 49 -3.84 -26.59 18.24
N LEU C 50 -3.61 -26.61 19.55
CA LEU C 50 -4.60 -26.91 20.61
C LEU C 50 -5.48 -25.68 20.88
N LEU C 51 -5.41 -24.68 20.00
CA LEU C 51 -6.33 -23.51 20.05
C LEU C 51 -7.76 -23.96 19.68
N THR C 52 -7.93 -25.06 18.92
CA THR C 52 -9.24 -25.71 18.66
C THR C 52 -10.00 -25.90 19.98
N ASN C 53 -9.31 -26.22 21.08
CA ASN C 53 -9.91 -26.52 22.42
C ASN C 53 -10.67 -25.32 22.99
N LYS C 54 -10.27 -24.08 22.71
CA LYS C 54 -10.76 -22.89 23.47
C LYS C 54 -11.88 -22.16 22.71
N SER C 55 -13.03 -22.04 23.38
CA SER C 55 -14.27 -21.30 22.96
C SER C 55 -14.10 -19.79 23.18
N ALA C 56 -14.08 -19.03 22.09
CA ALA C 56 -13.84 -17.56 22.09
C ALA C 56 -15.12 -16.80 21.70
N GLU C 57 -16.29 -17.37 21.94
CA GLU C 57 -17.58 -16.67 21.67
C GLU C 57 -17.38 -15.21 22.06
N GLY C 58 -17.66 -14.31 21.12
CA GLY C 58 -17.52 -12.85 21.30
C GLY C 58 -16.29 -12.33 20.57
N TYR C 59 -15.73 -11.21 21.03
CA TYR C 59 -14.60 -10.48 20.40
C TYR C 59 -13.55 -10.11 21.42
N PRO C 60 -12.28 -9.89 21.00
CA PRO C 60 -11.21 -9.55 21.93
C PRO C 60 -11.63 -8.42 22.89
N GLY C 61 -11.54 -8.68 24.20
CA GLY C 61 -11.92 -7.73 25.26
C GLY C 61 -13.37 -7.89 25.70
N LYS C 62 -14.21 -8.51 24.88
CA LYS C 62 -15.68 -8.68 25.10
C LYS C 62 -16.06 -10.15 24.83
N ARG C 63 -15.38 -11.10 25.48
CA ARG C 63 -15.66 -12.55 25.29
C ARG C 63 -16.77 -12.97 26.25
N TYR C 64 -17.58 -13.97 25.90
CA TYR C 64 -18.54 -14.61 26.85
C TYR C 64 -17.73 -15.19 28.02
N TYR C 65 -16.62 -15.85 27.71
CA TYR C 65 -15.89 -16.74 28.65
C TYR C 65 -14.56 -16.11 29.08
N GLY C 66 -14.10 -16.45 30.28
CA GLY C 66 -12.75 -16.12 30.75
C GLY C 66 -11.73 -17.08 30.17
N GLY C 67 -10.48 -16.99 30.63
CA GLY C 67 -9.34 -17.74 30.09
C GLY C 67 -9.10 -17.42 28.63
N THR C 68 -9.50 -16.22 28.19
CA THR C 68 -9.51 -15.83 26.76
C THR C 68 -8.35 -14.88 26.43
N ALA C 69 -7.59 -14.41 27.42
CA ALA C 69 -6.60 -13.32 27.26
C ALA C 69 -5.60 -13.64 26.14
N VAL C 70 -5.18 -14.91 25.99
CA VAL C 70 -4.13 -15.26 24.98
C VAL C 70 -4.79 -15.31 23.60
N ILE C 71 -5.98 -15.92 23.53
CA ILE C 71 -6.84 -15.93 22.32
C ILE C 71 -6.98 -14.48 21.85
N ASP C 72 -7.26 -13.56 22.76
CA ASP C 72 -7.34 -12.11 22.49
C ASP C 72 -6.07 -11.64 21.75
N VAL C 73 -4.89 -12.10 22.16
CA VAL C 73 -3.59 -11.67 21.55
C VAL C 73 -3.53 -12.18 20.11
N VAL C 74 -3.94 -13.44 19.86
CA VAL C 74 -3.84 -14.10 18.53
C VAL C 74 -4.83 -13.48 17.53
N GLU C 75 -6.08 -13.23 17.96
CA GLU C 75 -7.11 -12.64 17.09
C GLU C 75 -6.79 -11.18 16.82
N THR C 76 -6.40 -10.44 17.84
CA THR C 76 -5.93 -9.03 17.72
C THR C 76 -4.80 -8.95 16.68
N LEU C 77 -3.89 -9.91 16.71
CA LEU C 77 -2.76 -10.05 15.73
C LEU C 77 -3.29 -10.25 14.31
N ALA C 78 -4.29 -11.14 14.13
CA ALA C 78 -4.97 -11.37 12.84
C ALA C 78 -5.61 -10.05 12.36
N ILE C 79 -6.33 -9.36 13.26
CA ILE C 79 -7.10 -8.14 12.94
C ILE C 79 -6.14 -7.04 12.53
N GLU C 80 -5.14 -6.74 13.38
CA GLU C 80 -4.18 -5.62 13.16
C GLU C 80 -3.39 -5.88 11.86
N ARG C 81 -3.08 -7.14 11.58
CA ARG C 81 -2.30 -7.55 10.38
C ARG C 81 -3.18 -7.44 9.13
N ALA C 82 -4.47 -7.77 9.24
CA ALA C 82 -5.43 -7.56 8.13
C ALA C 82 -5.50 -6.05 7.82
N LYS C 83 -5.69 -5.22 8.86
CA LYS C 83 -5.84 -3.74 8.76
C LYS C 83 -4.57 -3.13 8.15
N LYS C 84 -3.40 -3.61 8.55
CA LYS C 84 -2.10 -3.08 8.03
C LYS C 84 -1.98 -3.53 6.59
N LEU C 85 -2.22 -4.80 6.32
CA LEU C 85 -1.95 -5.36 4.97
C LEU C 85 -2.83 -4.61 3.97
N PHE C 86 -4.12 -4.39 4.28
CA PHE C 86 -5.13 -3.95 3.28
C PHE C 86 -5.45 -2.45 3.39
N GLY C 87 -5.05 -1.81 4.48
CA GLY C 87 -5.20 -0.36 4.71
C GLY C 87 -6.55 0.01 5.27
N ALA C 88 -7.19 -0.88 6.05
CA ALA C 88 -8.57 -0.70 6.57
C ALA C 88 -8.54 -0.33 8.06
N LYS C 89 -9.47 0.51 8.50
CA LYS C 89 -9.55 0.96 9.92
C LYS C 89 -10.09 -0.19 10.76
N PHE C 90 -10.89 -1.09 10.15
CA PHE C 90 -11.63 -2.20 10.83
C PHE C 90 -11.49 -3.54 10.10
N ALA C 91 -11.46 -4.62 10.86
CA ALA C 91 -11.42 -6.01 10.33
C ALA C 91 -12.10 -7.02 11.28
N ASN C 92 -12.90 -7.89 10.69
CA ASN C 92 -13.46 -9.09 11.36
C ASN C 92 -12.77 -10.33 10.75
N VAL C 93 -12.14 -11.18 11.57
CA VAL C 93 -11.35 -12.36 11.08
C VAL C 93 -12.12 -13.65 11.42
N GLN C 94 -13.30 -13.52 12.03
CA GLN C 94 -14.10 -14.67 12.54
C GLN C 94 -14.84 -15.46 11.44
N PRO C 95 -15.21 -14.93 10.25
CA PRO C 95 -16.00 -15.72 9.30
C PRO C 95 -15.36 -17.07 8.94
N HIS C 96 -16.12 -18.16 9.01
CA HIS C 96 -15.61 -19.53 8.76
C HIS C 96 -15.22 -19.74 7.30
N SER C 97 -15.74 -18.91 6.40
CA SER C 97 -15.61 -19.08 4.93
C SER C 97 -15.93 -17.76 4.20
N GLY C 98 -15.60 -17.70 2.91
CA GLY C 98 -16.00 -16.59 2.04
C GLY C 98 -17.51 -16.41 2.06
N SER C 99 -18.28 -17.49 1.90
CA SER C 99 -19.75 -17.46 1.91
C SER C 99 -20.25 -16.86 3.23
N GLN C 100 -19.73 -17.30 4.38
CA GLN C 100 -20.22 -16.75 5.68
C GLN C 100 -19.92 -15.24 5.74
N ALA C 101 -18.73 -14.83 5.30
CA ALA C 101 -18.30 -13.42 5.23
C ALA C 101 -19.34 -12.62 4.47
N ASN C 102 -19.64 -13.09 3.26
CA ASN C 102 -20.65 -12.49 2.34
C ASN C 102 -22.02 -12.44 3.05
N ALA C 103 -22.48 -13.53 3.69
CA ALA C 103 -23.82 -13.56 4.35
C ALA C 103 -23.90 -12.51 5.47
N ALA C 104 -22.79 -12.28 6.20
CA ALA C 104 -22.72 -11.31 7.31
C ALA C 104 -22.81 -9.88 6.76
N VAL C 105 -22.16 -9.56 5.64
CA VAL C 105 -22.23 -8.18 5.09
C VAL C 105 -23.68 -7.88 4.70
N TYR C 106 -24.35 -8.81 4.00
CA TYR C 106 -25.77 -8.67 3.57
C TYR C 106 -26.66 -8.46 4.81
N MET C 107 -26.49 -9.30 5.82
CA MET C 107 -27.17 -9.16 7.13
C MET C 107 -26.96 -7.75 7.70
N SER C 108 -25.86 -7.06 7.43
CA SER C 108 -25.51 -5.76 8.10
C SER C 108 -26.02 -4.55 7.31
N LEU C 109 -26.05 -4.62 5.98
CA LEU C 109 -26.33 -3.46 5.12
C LEU C 109 -27.76 -3.47 4.57
N ILE C 110 -28.40 -4.62 4.43
CA ILE C 110 -29.70 -4.68 3.71
C ILE C 110 -30.71 -5.53 4.49
N GLN C 111 -31.97 -5.51 4.05
CA GLN C 111 -33.12 -6.26 4.62
C GLN C 111 -33.44 -7.39 3.66
N PRO C 112 -33.93 -8.57 4.12
CA PRO C 112 -34.44 -9.59 3.20
C PRO C 112 -35.45 -8.97 2.23
N GLY C 113 -35.39 -9.28 0.94
CA GLY C 113 -36.28 -8.71 -0.09
C GLY C 113 -35.60 -7.59 -0.87
N ASP C 114 -34.66 -6.88 -0.23
CA ASP C 114 -33.96 -5.70 -0.82
C ASP C 114 -33.22 -6.12 -2.09
N THR C 115 -33.29 -5.29 -3.12
CA THR C 115 -32.63 -5.57 -4.42
C THR C 115 -31.11 -5.39 -4.30
N VAL C 116 -30.36 -6.38 -4.79
CA VAL C 116 -28.88 -6.34 -4.90
C VAL C 116 -28.51 -6.57 -6.37
N MET C 117 -27.52 -5.84 -6.86
CA MET C 117 -26.91 -6.09 -8.19
C MET C 117 -25.60 -6.80 -7.97
N GLY C 118 -25.39 -7.85 -8.74
CA GLY C 118 -24.14 -8.61 -8.74
C GLY C 118 -23.88 -9.09 -10.14
N MET C 119 -22.67 -9.60 -10.39
CA MET C 119 -22.22 -10.05 -11.74
C MET C 119 -22.93 -11.37 -12.05
N ASP C 120 -23.38 -11.55 -13.31
CA ASP C 120 -23.95 -12.82 -13.82
C ASP C 120 -22.94 -13.95 -13.58
N LEU C 121 -23.41 -15.13 -13.14
CA LEU C 121 -22.62 -16.38 -12.96
C LEU C 121 -21.79 -16.68 -14.22
N SER C 122 -22.41 -16.63 -15.40
CA SER C 122 -21.76 -16.85 -16.72
C SER C 122 -20.58 -15.88 -16.94
N ALA C 123 -20.67 -14.63 -16.49
CA ALA C 123 -19.65 -13.57 -16.73
C ALA C 123 -18.65 -13.52 -15.56
N GLY C 124 -18.97 -14.16 -14.44
CA GLY C 124 -17.96 -14.57 -13.45
C GLY C 124 -18.38 -14.25 -12.03
N GLY C 125 -19.69 -14.26 -11.75
CA GLY C 125 -20.20 -13.93 -10.41
C GLY C 125 -20.22 -15.19 -9.59
N HIS C 126 -20.27 -15.08 -8.27
CA HIS C 126 -20.21 -16.24 -7.32
C HIS C 126 -21.64 -16.69 -6.94
N LEU C 127 -21.80 -17.93 -6.46
CA LEU C 127 -23.13 -18.41 -5.98
C LEU C 127 -23.72 -17.40 -5.01
N THR C 128 -22.88 -16.85 -4.15
CA THR C 128 -23.27 -15.98 -3.00
C THR C 128 -23.55 -14.55 -3.51
N HIS C 129 -23.45 -14.35 -4.83
CA HIS C 129 -23.84 -13.12 -5.56
C HIS C 129 -25.22 -13.28 -6.20
N GLY C 130 -26.06 -14.21 -5.73
CA GLY C 130 -27.50 -14.27 -6.05
C GLY C 130 -27.96 -15.46 -6.88
N ALA C 131 -27.21 -16.55 -6.96
CA ALA C 131 -27.72 -17.81 -7.53
C ALA C 131 -29.04 -18.17 -6.83
N PRO C 132 -30.08 -18.63 -7.57
CA PRO C 132 -31.33 -19.01 -6.91
C PRO C 132 -31.15 -20.18 -5.92
N VAL C 133 -30.13 -21.02 -6.12
CA VAL C 133 -29.79 -22.14 -5.19
C VAL C 133 -29.07 -21.62 -3.93
N SER C 134 -28.54 -20.40 -3.90
CA SER C 134 -27.83 -19.81 -2.72
C SER C 134 -28.80 -19.04 -1.82
N PHE C 135 -28.48 -18.99 -0.52
CA PHE C 135 -29.14 -18.11 0.48
C PHE C 135 -29.30 -16.70 -0.08
N SER C 136 -28.34 -16.25 -0.91
CA SER C 136 -28.28 -14.90 -1.52
C SER C 136 -29.52 -14.65 -2.41
N GLY C 137 -29.71 -15.47 -3.44
CA GLY C 137 -30.85 -15.37 -4.37
C GLY C 137 -32.19 -15.67 -3.69
N LYS C 138 -32.16 -16.53 -2.68
CA LYS C 138 -33.37 -16.99 -1.98
C LYS C 138 -33.89 -15.86 -1.08
N THR C 139 -33.00 -15.13 -0.41
CA THR C 139 -33.35 -14.15 0.67
C THR C 139 -33.53 -12.73 0.11
N TYR C 140 -32.68 -12.37 -0.85
CA TYR C 140 -32.54 -11.01 -1.44
C TYR C 140 -33.00 -11.05 -2.89
N ASN C 141 -33.36 -9.88 -3.41
CA ASN C 141 -33.81 -9.69 -4.82
C ASN C 141 -32.59 -9.34 -5.70
N PHE C 142 -31.89 -10.34 -6.25
CA PHE C 142 -30.64 -10.14 -7.03
C PHE C 142 -30.97 -9.88 -8.49
N VAL C 143 -30.44 -8.80 -9.05
CA VAL C 143 -30.48 -8.48 -10.51
C VAL C 143 -29.03 -8.46 -11.01
N SER C 144 -28.68 -9.21 -12.04
CA SER C 144 -27.27 -9.36 -12.47
C SER C 144 -26.90 -8.39 -13.60
N TYR C 145 -25.67 -7.86 -13.55
CA TYR C 145 -25.00 -7.14 -14.66
C TYR C 145 -24.07 -8.14 -15.34
N ASN C 146 -23.88 -7.94 -16.63
CA ASN C 146 -23.06 -8.80 -17.50
C ASN C 146 -21.82 -7.99 -17.90
N VAL C 147 -21.02 -8.54 -18.79
CA VAL C 147 -19.96 -7.79 -19.48
C VAL C 147 -20.53 -7.41 -20.85
N ASP C 148 -19.91 -6.49 -21.57
CA ASP C 148 -20.34 -6.17 -22.94
C ASP C 148 -20.20 -7.45 -23.77
N LYS C 149 -21.15 -7.69 -24.67
CA LYS C 149 -21.17 -8.87 -25.55
C LYS C 149 -19.91 -8.90 -26.43
N GLU C 150 -19.52 -7.78 -27.04
CA GLU C 150 -18.45 -7.76 -28.08
C GLU C 150 -17.07 -7.71 -27.45
N SER C 151 -16.87 -6.92 -26.37
CA SER C 151 -15.55 -6.68 -25.73
C SER C 151 -15.29 -7.61 -24.56
N GLU C 152 -16.32 -8.23 -23.98
CA GLU C 152 -16.23 -9.09 -22.75
C GLU C 152 -15.59 -8.33 -21.58
N LEU C 153 -15.74 -7.00 -21.56
CA LEU C 153 -15.27 -6.10 -20.47
C LEU C 153 -16.48 -5.57 -19.71
N LEU C 154 -16.35 -5.31 -18.41
CA LEU C 154 -17.30 -4.44 -17.68
C LEU C 154 -17.50 -3.15 -18.47
N ASP C 155 -18.77 -2.83 -18.81
CA ASP C 155 -19.21 -1.53 -19.36
C ASP C 155 -19.88 -0.74 -18.24
N TYR C 156 -19.13 0.18 -17.61
CA TYR C 156 -19.52 0.89 -16.36
C TYR C 156 -20.69 1.82 -16.68
N ASP C 157 -20.78 2.28 -17.93
CA ASP C 157 -21.91 3.11 -18.43
C ASP C 157 -23.23 2.31 -18.42
N ALA C 158 -23.21 1.11 -18.99
CA ALA C 158 -24.33 0.15 -19.06
C ALA C 158 -24.70 -0.32 -17.66
N ILE C 159 -23.72 -0.60 -16.81
CA ILE C 159 -24.00 -0.98 -15.40
C ILE C 159 -24.72 0.20 -14.76
N LEU C 160 -24.33 1.45 -15.05
CA LEU C 160 -24.97 2.63 -14.41
C LEU C 160 -26.42 2.72 -14.87
N ALA C 161 -26.67 2.59 -16.17
CA ALA C 161 -28.03 2.62 -16.75
C ALA C 161 -28.94 1.63 -16.02
N GLN C 162 -28.44 0.42 -15.76
CA GLN C 162 -29.17 -0.70 -15.10
C GLN C 162 -29.41 -0.32 -13.64
N ALA C 163 -28.41 0.20 -12.94
CA ALA C 163 -28.55 0.62 -11.53
C ALA C 163 -29.69 1.63 -11.42
N LYS C 164 -29.85 2.51 -12.42
CA LYS C 164 -30.85 3.61 -12.39
C LYS C 164 -32.29 3.06 -12.46
N GLU C 165 -32.51 2.04 -13.29
CA GLU C 165 -33.80 1.29 -13.40
C GLU C 165 -34.09 0.50 -12.12
N VAL C 166 -33.15 -0.32 -11.68
CA VAL C 166 -33.33 -1.36 -10.62
C VAL C 166 -33.26 -0.75 -9.21
N ARG C 167 -32.53 0.37 -9.06
CA ARG C 167 -32.28 1.09 -7.78
C ARG C 167 -31.95 0.10 -6.67
N PRO C 168 -30.78 -0.57 -6.72
CA PRO C 168 -30.43 -1.57 -5.72
C PRO C 168 -30.10 -0.88 -4.39
N LYS C 169 -30.37 -1.54 -3.27
CA LYS C 169 -29.89 -1.05 -1.96
C LYS C 169 -28.38 -1.27 -1.87
N LEU C 170 -27.86 -2.23 -2.64
CA LEU C 170 -26.47 -2.74 -2.55
C LEU C 170 -26.01 -3.22 -3.92
N ILE C 171 -24.81 -2.80 -4.33
CA ILE C 171 -24.12 -3.36 -5.52
C ILE C 171 -22.94 -4.21 -5.03
N VAL C 172 -22.87 -5.45 -5.51
CA VAL C 172 -21.74 -6.39 -5.30
C VAL C 172 -20.87 -6.40 -6.56
N ALA C 173 -19.56 -6.32 -6.37
CA ALA C 173 -18.54 -6.39 -7.44
C ALA C 173 -17.45 -7.33 -6.96
N GLY C 174 -16.72 -7.90 -7.91
CA GLY C 174 -15.83 -9.03 -7.64
C GLY C 174 -16.33 -10.23 -8.40
N ALA C 175 -15.42 -11.12 -8.76
CA ALA C 175 -15.66 -12.20 -9.72
C ALA C 175 -14.72 -13.38 -9.50
N SER C 176 -15.12 -14.53 -10.04
CA SER C 176 -14.45 -15.84 -9.97
C SER C 176 -13.77 -16.13 -11.31
N ALA C 177 -14.12 -15.39 -12.36
CA ALA C 177 -13.74 -15.71 -13.76
C ALA C 177 -13.61 -14.45 -14.65
N TYR C 178 -13.15 -13.32 -14.12
CA TYR C 178 -12.92 -12.07 -14.89
C TYR C 178 -11.42 -11.76 -14.86
N SER C 179 -10.81 -11.62 -16.04
CA SER C 179 -9.33 -11.55 -16.19
C SER C 179 -8.82 -10.12 -16.02
N ARG C 180 -9.66 -9.10 -16.26
CA ARG C 180 -9.23 -7.68 -16.38
C ARG C 180 -9.36 -6.94 -15.07
N ILE C 181 -8.57 -5.86 -14.94
CA ILE C 181 -8.53 -4.93 -13.77
C ILE C 181 -9.93 -4.30 -13.64
N ILE C 182 -10.52 -4.42 -12.46
CA ILE C 182 -11.82 -3.78 -12.12
C ILE C 182 -11.52 -2.35 -11.66
N ASP C 183 -12.26 -1.37 -12.17
CA ASP C 183 -12.20 0.05 -11.73
C ASP C 183 -13.14 0.23 -10.53
N PHE C 184 -12.64 0.08 -9.31
CA PHE C 184 -13.45 0.15 -8.07
C PHE C 184 -13.97 1.58 -7.89
N ALA C 185 -13.19 2.59 -8.27
CA ALA C 185 -13.66 4.00 -8.25
C ALA C 185 -14.96 4.11 -9.06
N LYS C 186 -15.02 3.50 -10.26
CA LYS C 186 -16.23 3.56 -11.11
C LYS C 186 -17.40 2.87 -10.40
N PHE C 187 -17.17 1.72 -9.77
CA PHE C 187 -18.26 1.03 -9.03
C PHE C 187 -18.76 1.98 -7.94
N ARG C 188 -17.88 2.58 -7.16
CA ARG C 188 -18.34 3.45 -6.05
C ARG C 188 -19.06 4.68 -6.63
N GLU C 189 -18.54 5.24 -7.74
CA GLU C 189 -19.22 6.33 -8.50
C GLU C 189 -20.67 5.93 -8.73
N ILE C 190 -20.87 4.74 -9.33
CA ILE C 190 -22.20 4.17 -9.72
C ILE C 190 -23.04 4.02 -8.45
N ALA C 191 -22.47 3.43 -7.41
CA ALA C 191 -23.21 3.18 -6.16
C ALA C 191 -23.63 4.53 -5.59
N ASP C 192 -22.71 5.49 -5.54
CA ASP C 192 -22.98 6.86 -5.05
C ASP C 192 -24.13 7.46 -5.87
N ALA C 193 -24.19 7.20 -7.17
CA ALA C 193 -25.15 7.82 -8.11
C ALA C 193 -26.58 7.43 -7.74
N VAL C 194 -26.81 6.20 -7.24
CA VAL C 194 -28.16 5.64 -6.99
C VAL C 194 -28.33 5.35 -5.51
N GLY C 195 -27.47 5.90 -4.65
CA GLY C 195 -27.65 5.83 -3.19
C GLY C 195 -27.61 4.40 -2.68
N ALA C 196 -26.79 3.57 -3.32
CA ALA C 196 -26.53 2.17 -2.95
C ALA C 196 -25.19 2.03 -2.19
N TYR C 197 -25.16 1.07 -1.27
CA TYR C 197 -23.92 0.51 -0.70
C TYR C 197 -23.14 -0.17 -1.82
N LEU C 198 -21.80 -0.18 -1.73
CA LEU C 198 -20.90 -1.01 -2.57
C LEU C 198 -20.21 -2.03 -1.69
N MET C 199 -20.34 -3.29 -2.07
CA MET C 199 -19.59 -4.42 -1.49
C MET C 199 -18.67 -4.99 -2.56
N VAL C 200 -17.39 -5.11 -2.25
CA VAL C 200 -16.44 -5.79 -3.16
C VAL C 200 -16.01 -7.09 -2.47
N ASP C 201 -16.14 -8.17 -3.23
CA ASP C 201 -15.77 -9.55 -2.82
C ASP C 201 -14.52 -9.87 -3.61
N MET C 202 -13.34 -9.67 -3.00
CA MET C 202 -12.03 -9.76 -3.70
C MET C 202 -11.37 -11.13 -3.45
N ALA C 203 -12.14 -12.12 -3.02
CA ALA C 203 -11.68 -13.51 -2.77
C ALA C 203 -10.61 -13.91 -3.79
N HIS C 204 -10.90 -13.82 -5.09
CA HIS C 204 -9.98 -14.34 -6.14
C HIS C 204 -8.69 -13.52 -6.21
N ILE C 205 -8.73 -12.22 -5.92
CA ILE C 205 -7.64 -11.26 -6.26
C ILE C 205 -6.99 -10.70 -5.00
N ALA C 206 -7.49 -11.07 -3.81
CA ALA C 206 -7.02 -10.52 -2.53
C ALA C 206 -5.49 -10.60 -2.49
N GLY C 207 -4.90 -11.68 -3.01
CA GLY C 207 -3.44 -11.89 -3.06
C GLY C 207 -2.77 -10.77 -3.84
N LEU C 208 -3.28 -10.51 -5.05
CA LEU C 208 -2.77 -9.47 -5.97
C LEU C 208 -3.01 -8.07 -5.38
N VAL C 209 -4.03 -7.86 -4.56
CA VAL C 209 -4.22 -6.56 -3.85
C VAL C 209 -3.08 -6.38 -2.85
N ALA C 210 -2.91 -7.36 -1.96
CA ALA C 210 -1.79 -7.46 -0.99
C ALA C 210 -0.45 -7.20 -1.67
N SER C 211 -0.26 -7.65 -2.91
CA SER C 211 1.06 -7.64 -3.58
C SER C 211 1.28 -6.34 -4.38
N GLY C 212 0.25 -5.48 -4.47
CA GLY C 212 0.26 -4.24 -5.26
C GLY C 212 -0.12 -4.44 -6.72
N HIS C 213 -0.46 -5.64 -7.17
CA HIS C 213 -0.67 -5.90 -8.63
C HIS C 213 -2.12 -5.71 -9.07
N HIS C 214 -3.07 -5.65 -8.15
CA HIS C 214 -4.46 -5.22 -8.47
C HIS C 214 -4.78 -4.03 -7.58
N PRO C 215 -5.33 -2.93 -8.12
CA PRO C 215 -5.71 -1.80 -7.28
C PRO C 215 -6.68 -2.30 -6.20
N SER C 216 -6.65 -1.65 -5.04
CA SER C 216 -7.41 -2.11 -3.85
C SER C 216 -8.85 -1.62 -3.95
N PRO C 217 -9.83 -2.42 -3.57
CA PRO C 217 -11.20 -1.93 -3.42
C PRO C 217 -11.48 -1.27 -2.07
N VAL C 218 -10.57 -1.39 -1.09
CA VAL C 218 -10.82 -0.98 0.32
C VAL C 218 -11.17 0.51 0.38
N PRO C 219 -10.51 1.45 -0.32
CA PRO C 219 -10.88 2.86 -0.22
C PRO C 219 -12.23 3.22 -0.86
N TYR C 220 -12.84 2.31 -1.62
CA TYR C 220 -13.98 2.61 -2.52
C TYR C 220 -15.23 1.80 -2.10
N ALA C 221 -15.06 0.61 -1.54
CA ALA C 221 -16.20 -0.24 -1.11
C ALA C 221 -16.57 0.12 0.32
N HIS C 222 -17.87 0.19 0.62
CA HIS C 222 -18.32 0.37 2.03
C HIS C 222 -17.78 -0.79 2.84
N VAL C 223 -17.81 -2.01 2.26
CA VAL C 223 -17.29 -3.25 2.87
C VAL C 223 -16.64 -4.12 1.80
N THR C 224 -15.52 -4.72 2.17
CA THR C 224 -14.74 -5.64 1.31
C THR C 224 -14.74 -6.99 2.01
N THR C 225 -15.11 -8.03 1.30
CA THR C 225 -15.09 -9.42 1.81
C THR C 225 -14.03 -10.18 1.03
N THR C 226 -13.54 -11.27 1.58
CA THR C 226 -12.55 -12.10 0.86
C THR C 226 -12.41 -13.43 1.58
N THR C 227 -11.98 -14.44 0.84
CA THR C 227 -11.40 -15.67 1.42
C THR C 227 -9.99 -15.31 1.85
N THR C 228 -9.49 -15.96 2.90
CA THR C 228 -8.09 -15.90 3.34
C THR C 228 -7.32 -16.93 2.51
N HIS C 229 -8.04 -17.78 1.79
CA HIS C 229 -7.46 -18.73 0.82
C HIS C 229 -7.57 -18.10 -0.57
N LYS C 230 -7.10 -18.83 -1.58
CA LYS C 230 -6.99 -18.39 -3.00
C LYS C 230 -5.68 -17.59 -3.11
N THR C 231 -5.63 -16.51 -3.85
CA THR C 231 -4.32 -15.87 -4.17
C THR C 231 -3.61 -15.40 -2.91
N LEU C 232 -4.32 -15.16 -1.80
CA LEU C 232 -3.76 -14.58 -0.56
C LEU C 232 -3.01 -15.68 0.19
N ARG C 233 -3.23 -16.93 -0.25
CA ARG C 233 -2.44 -18.13 0.12
C ARG C 233 -2.46 -18.36 1.63
N GLY C 234 -3.57 -18.03 2.28
CA GLY C 234 -3.74 -18.31 3.70
C GLY C 234 -4.61 -19.55 3.90
N PRO C 235 -5.04 -19.80 5.15
CA PRO C 235 -5.94 -20.91 5.44
C PRO C 235 -7.32 -20.66 4.85
N ARG C 236 -8.09 -21.74 4.81
CA ARG C 236 -9.48 -21.74 4.29
C ARG C 236 -10.35 -21.08 5.36
N GLY C 237 -10.91 -19.93 5.02
CA GLY C 237 -11.71 -19.09 5.93
C GLY C 237 -12.10 -17.78 5.26
N GLY C 238 -12.69 -16.88 6.04
CA GLY C 238 -13.18 -15.59 5.54
C GLY C 238 -12.60 -14.41 6.29
N LEU C 239 -12.73 -13.23 5.67
CA LEU C 239 -12.26 -11.93 6.20
C LEU C 239 -13.19 -10.84 5.67
N ILE C 240 -13.63 -9.94 6.56
CA ILE C 240 -14.44 -8.72 6.28
C ILE C 240 -13.63 -7.49 6.67
N LEU C 241 -13.56 -6.49 5.79
CA LEU C 241 -12.90 -5.18 6.03
C LEU C 241 -13.89 -4.03 5.80
N THR C 242 -13.82 -2.97 6.61
CA THR C 242 -14.54 -1.68 6.38
C THR C 242 -13.76 -0.52 7.00
N ASP C 243 -14.03 0.71 6.54
CA ASP C 243 -13.45 1.95 7.14
C ASP C 243 -14.52 2.64 8.00
N ASP C 244 -15.78 2.20 7.93
CA ASP C 244 -16.92 2.82 8.65
C ASP C 244 -17.12 2.11 10.00
N GLU C 245 -17.07 2.87 11.08
CA GLU C 245 -17.11 2.34 12.46
C GLU C 245 -18.52 1.78 12.73
N ASP C 246 -19.55 2.50 12.27
CA ASP C 246 -20.98 2.11 12.47
C ASP C 246 -21.24 0.81 11.71
N ILE C 247 -20.68 0.65 10.52
CA ILE C 247 -20.79 -0.61 9.75
C ILE C 247 -19.98 -1.71 10.43
N ALA C 248 -18.84 -1.40 11.07
CA ALA C 248 -18.04 -2.42 11.79
C ALA C 248 -18.87 -2.99 12.95
N LYS C 249 -19.52 -2.15 13.76
CA LYS C 249 -20.48 -2.61 14.81
C LYS C 249 -21.41 -3.68 14.22
N LYS C 250 -22.14 -3.32 13.16
CA LYS C 250 -23.19 -4.19 12.58
C LYS C 250 -22.54 -5.45 12.03
N LEU C 251 -21.35 -5.35 11.43
CA LEU C 251 -20.61 -6.52 10.88
C LEU C 251 -20.26 -7.46 12.03
N ASN C 252 -19.63 -6.95 13.09
CA ASN C 252 -19.17 -7.80 14.22
C ASN C 252 -20.41 -8.51 14.79
N SER C 253 -21.54 -7.78 14.95
CA SER C 253 -22.85 -8.29 15.46
C SER C 253 -23.37 -9.41 14.55
N ALA C 254 -23.26 -9.21 13.23
CA ALA C 254 -23.83 -10.12 12.22
C ALA C 254 -23.01 -11.40 12.20
N VAL C 255 -21.70 -11.30 12.42
CA VAL C 255 -20.83 -12.51 12.34
C VAL C 255 -21.14 -13.34 13.59
N PHE C 256 -21.35 -12.65 14.71
CA PHE C 256 -21.71 -13.27 16.01
C PHE C 256 -22.30 -12.23 16.94
N PRO C 257 -23.49 -12.49 17.52
CA PRO C 257 -24.15 -13.81 17.47
C PRO C 257 -25.10 -14.06 16.29
N GLY C 258 -25.05 -13.21 15.28
CA GLY C 258 -26.03 -13.17 14.19
C GLY C 258 -26.06 -14.49 13.42
N LEU C 259 -24.91 -14.95 12.97
CA LEU C 259 -24.83 -15.97 11.90
C LEU C 259 -23.95 -17.15 12.33
N GLN C 260 -22.90 -16.87 13.10
CA GLN C 260 -21.98 -17.91 13.63
C GLN C 260 -22.14 -17.96 15.15
N GLY C 261 -21.53 -18.96 15.78
CA GLY C 261 -21.24 -18.97 17.22
C GLY C 261 -19.75 -18.88 17.46
N GLY C 262 -19.18 -19.95 17.99
CA GLY C 262 -17.75 -20.04 18.28
C GLY C 262 -16.88 -19.86 17.04
N PRO C 263 -15.87 -18.99 17.07
CA PRO C 263 -14.86 -18.96 16.01
C PRO C 263 -13.80 -20.06 16.13
N LEU C 264 -13.18 -20.35 14.99
CA LEU C 264 -12.05 -21.32 14.83
C LEU C 264 -10.72 -20.58 15.11
N GLU C 265 -10.36 -20.40 16.39
CA GLU C 265 -9.17 -19.61 16.78
C GLU C 265 -7.90 -20.26 16.23
N HIS C 266 -7.88 -21.59 16.10
CA HIS C 266 -6.79 -22.33 15.39
C HIS C 266 -6.67 -21.84 13.95
N VAL C 267 -7.76 -21.73 13.20
CA VAL C 267 -7.73 -21.21 11.80
C VAL C 267 -7.37 -19.72 11.84
N ILE C 268 -7.84 -18.97 12.84
CA ILE C 268 -7.50 -17.53 13.00
C ILE C 268 -5.98 -17.38 13.21
N ALA C 269 -5.37 -18.22 14.07
CA ALA C 269 -3.91 -18.31 14.19
C ALA C 269 -3.31 -18.39 12.76
N ALA C 270 -3.77 -19.33 11.95
CA ALA C 270 -3.22 -19.53 10.59
C ALA C 270 -3.45 -18.28 9.73
N LYS C 271 -4.50 -17.51 10.04
CA LYS C 271 -4.78 -16.23 9.33
C LYS C 271 -3.64 -15.28 9.67
N ALA C 272 -3.43 -15.01 10.96
CA ALA C 272 -2.29 -14.20 11.45
C ALA C 272 -1.01 -14.62 10.72
N VAL C 273 -0.75 -15.92 10.58
CA VAL C 273 0.53 -16.41 9.99
C VAL C 273 0.60 -15.90 8.54
N ALA C 274 -0.40 -16.22 7.73
CA ALA C 274 -0.47 -15.94 6.27
C ALA C 274 -0.45 -14.44 6.00
N LEU C 275 -1.11 -13.65 6.85
CA LEU C 275 -1.17 -12.18 6.67
C LEU C 275 0.26 -11.63 6.79
N LYS C 276 1.03 -12.08 7.78
CA LYS C 276 2.48 -11.73 7.95
C LYS C 276 3.27 -12.20 6.74
N GLU C 277 3.00 -13.41 6.25
CA GLU C 277 3.61 -13.88 4.99
C GLU C 277 3.33 -12.84 3.89
N ALA C 278 2.12 -12.34 3.79
CA ALA C 278 1.70 -11.44 2.69
C ALA C 278 2.22 -10.01 2.91
N LEU C 279 2.60 -9.64 4.14
CA LEU C 279 3.18 -8.31 4.43
C LEU C 279 4.65 -8.28 3.98
N ASP C 280 5.36 -9.39 4.15
CA ASP C 280 6.80 -9.57 3.77
C ASP C 280 7.05 -9.14 2.32
N PRO C 281 8.17 -8.46 2.01
CA PRO C 281 8.44 -8.05 0.63
C PRO C 281 8.50 -9.21 -0.34
N ALA C 282 8.67 -10.45 0.13
CA ALA C 282 8.72 -11.65 -0.73
C ALA C 282 7.35 -11.87 -1.41
N PHE C 283 6.26 -11.44 -0.76
CA PHE C 283 4.89 -11.63 -1.28
C PHE C 283 4.77 -10.85 -2.60
N LYS C 284 5.44 -9.70 -2.74
CA LYS C 284 5.46 -8.90 -3.99
C LYS C 284 6.06 -9.71 -5.14
N GLU C 285 7.12 -10.49 -4.90
CA GLU C 285 7.74 -11.35 -5.95
C GLU C 285 6.69 -12.39 -6.37
N TYR C 286 5.96 -12.96 -5.41
CA TYR C 286 4.92 -13.98 -5.67
C TYR C 286 3.94 -13.40 -6.69
N GLY C 287 3.27 -12.30 -6.32
CA GLY C 287 2.27 -11.62 -7.15
C GLY C 287 2.82 -11.34 -8.55
N GLU C 288 4.04 -10.83 -8.62
CA GLU C 288 4.69 -10.54 -9.93
C GLU C 288 4.65 -11.84 -10.72
N ASN C 289 5.12 -12.91 -10.09
CA ASN C 289 5.25 -14.25 -10.75
C ASN C 289 3.87 -14.78 -11.11
N VAL C 290 2.87 -14.54 -10.26
CA VAL C 290 1.45 -14.95 -10.54
C VAL C 290 1.00 -14.30 -11.84
N ILE C 291 1.19 -12.98 -11.96
CA ILE C 291 0.81 -12.17 -13.16
C ILE C 291 1.50 -12.69 -14.43
N LYS C 292 2.82 -12.86 -14.38
CA LYS C 292 3.66 -13.24 -15.55
C LYS C 292 3.36 -14.69 -15.98
N ASN C 293 3.29 -15.64 -15.04
CA ASN C 293 2.94 -17.06 -15.30
C ASN C 293 1.56 -17.09 -15.97
N ALA C 294 0.57 -16.38 -15.45
CA ALA C 294 -0.79 -16.42 -16.06
C ALA C 294 -0.69 -15.90 -17.51
N ALA C 295 0.05 -14.80 -17.69
CA ALA C 295 0.23 -14.12 -18.99
C ALA C 295 0.82 -15.13 -20.00
N ALA C 296 1.88 -15.85 -19.58
CA ALA C 296 2.68 -16.78 -20.41
C ALA C 296 1.78 -17.91 -20.91
N MET C 297 0.97 -18.50 -20.02
CA MET C 297 -0.06 -19.50 -20.41
C MET C 297 -1.08 -18.86 -21.36
N ALA C 298 -1.68 -17.71 -21.04
CA ALA C 298 -2.66 -17.10 -21.96
C ALA C 298 -2.04 -16.91 -23.34
N ASP C 299 -0.74 -16.55 -23.43
CA ASP C 299 -0.11 -16.16 -24.72
C ASP C 299 -0.21 -17.35 -25.69
N VAL C 300 0.00 -18.56 -25.17
CA VAL C 300 0.06 -19.82 -25.95
C VAL C 300 -1.28 -20.06 -26.65
N PHE C 301 -2.41 -19.72 -26.00
CA PHE C 301 -3.78 -19.87 -26.55
C PHE C 301 -4.08 -18.71 -27.52
N ASN C 302 -3.63 -17.52 -27.14
CA ASN C 302 -3.88 -16.32 -27.98
C ASN C 302 -3.34 -16.62 -29.38
N GLN C 303 -2.07 -17.03 -29.41
CA GLN C 303 -1.25 -17.39 -30.61
C GLN C 303 -1.90 -18.54 -31.37
N HIS C 304 -2.36 -19.57 -30.67
CA HIS C 304 -3.06 -20.71 -31.31
C HIS C 304 -4.34 -20.21 -31.97
N PRO C 305 -4.50 -20.52 -33.28
CA PRO C 305 -5.70 -20.16 -34.05
C PRO C 305 -6.97 -20.94 -33.68
N ASP C 306 -6.81 -22.02 -32.91
CA ASP C 306 -7.89 -22.97 -32.52
C ASP C 306 -8.49 -22.61 -31.16
N PHE C 307 -7.90 -21.63 -30.45
CA PHE C 307 -8.31 -21.18 -29.10
C PHE C 307 -8.40 -19.64 -29.01
N ARG C 308 -9.53 -19.18 -28.46
CA ARG C 308 -9.80 -17.77 -28.06
C ARG C 308 -9.74 -17.66 -26.52
N VAL C 309 -8.97 -16.69 -26.05
CA VAL C 309 -8.93 -16.29 -24.62
C VAL C 309 -9.99 -15.20 -24.41
N ILE C 310 -10.82 -15.33 -23.36
CA ILE C 310 -11.92 -14.36 -23.05
C ILE C 310 -11.29 -12.98 -22.76
N SER C 311 -11.82 -11.95 -23.40
CA SER C 311 -11.29 -10.56 -23.35
C SER C 311 -9.87 -10.49 -23.96
N GLY C 312 -9.46 -11.50 -24.72
CA GLY C 312 -8.19 -11.53 -25.48
C GLY C 312 -6.95 -11.68 -24.62
N GLY C 313 -7.05 -11.76 -23.29
CA GLY C 313 -5.87 -11.94 -22.41
C GLY C 313 -6.23 -11.80 -20.95
N THR C 314 -5.25 -11.54 -20.08
CA THR C 314 -5.47 -11.32 -18.62
C THR C 314 -4.49 -10.30 -18.01
N ASN C 315 -4.87 -9.71 -16.87
CA ASN C 315 -4.05 -8.80 -16.04
C ASN C 315 -4.17 -9.20 -14.56
N ASN C 316 -4.73 -10.38 -14.30
CA ASN C 316 -4.66 -11.02 -12.97
C ASN C 316 -4.19 -12.49 -13.15
N HIS C 317 -4.45 -13.33 -12.15
CA HIS C 317 -3.95 -14.72 -12.00
C HIS C 317 -4.66 -15.72 -12.92
N LEU C 318 -5.80 -15.38 -13.53
CA LEU C 318 -6.59 -16.42 -14.23
C LEU C 318 -6.97 -15.93 -15.61
N PHE C 319 -7.48 -16.84 -16.43
CA PHE C 319 -8.04 -16.53 -17.76
C PHE C 319 -8.93 -17.69 -18.20
N LEU C 320 -9.80 -17.45 -19.18
CA LEU C 320 -10.74 -18.45 -19.73
C LEU C 320 -10.41 -18.64 -21.21
N VAL C 321 -10.51 -19.88 -21.68
CA VAL C 321 -10.30 -20.23 -23.11
C VAL C 321 -11.58 -20.89 -23.61
N ASP C 322 -12.09 -20.46 -24.76
CA ASP C 322 -13.13 -21.18 -25.53
C ASP C 322 -12.43 -22.38 -26.18
N VAL C 323 -12.79 -23.61 -25.81
CA VAL C 323 -12.13 -24.85 -26.32
C VAL C 323 -12.93 -25.45 -27.48
N THR C 324 -14.09 -24.89 -27.86
CA THR C 324 -15.12 -25.60 -28.68
C THR C 324 -14.64 -25.85 -30.11
N LYS C 325 -13.61 -25.16 -30.59
CA LYS C 325 -13.08 -25.47 -31.94
C LYS C 325 -12.33 -26.81 -31.90
N VAL C 326 -11.92 -27.29 -30.72
CA VAL C 326 -10.95 -28.41 -30.60
C VAL C 326 -11.63 -29.59 -29.92
N VAL C 327 -12.53 -29.35 -28.96
CA VAL C 327 -13.37 -30.43 -28.36
C VAL C 327 -14.81 -29.95 -28.19
N GLU C 328 -15.69 -30.88 -27.80
CA GLU C 328 -17.16 -30.69 -27.68
C GLU C 328 -17.48 -29.55 -26.71
N ASN C 329 -16.75 -29.47 -25.60
CA ASN C 329 -17.09 -28.57 -24.47
C ASN C 329 -15.96 -28.62 -23.44
N GLY C 330 -16.08 -27.82 -22.38
CA GLY C 330 -15.05 -27.68 -21.33
C GLY C 330 -15.01 -28.87 -20.38
N LYS C 331 -16.19 -29.45 -20.10
CA LYS C 331 -16.35 -30.78 -19.45
C LYS C 331 -15.35 -31.75 -20.08
N VAL C 332 -15.38 -31.91 -21.42
CA VAL C 332 -14.45 -32.85 -22.12
C VAL C 332 -13.02 -32.36 -21.88
N ALA C 333 -12.74 -31.09 -22.19
CA ALA C 333 -11.42 -30.48 -21.97
C ALA C 333 -10.90 -30.82 -20.56
N GLN C 334 -11.71 -30.64 -19.53
CA GLN C 334 -11.31 -30.92 -18.11
C GLN C 334 -10.91 -32.40 -17.95
N ASN C 335 -11.72 -33.32 -18.51
CA ASN C 335 -11.52 -34.79 -18.41
C ASN C 335 -10.22 -35.18 -19.11
N VAL C 336 -10.00 -34.65 -20.31
CA VAL C 336 -8.81 -34.97 -21.13
C VAL C 336 -7.54 -34.58 -20.36
N LEU C 337 -7.49 -33.38 -19.79
CA LEU C 337 -6.29 -32.84 -19.11
C LEU C 337 -6.05 -33.58 -17.78
N GLU C 338 -7.10 -34.07 -17.13
CA GLU C 338 -6.95 -34.89 -15.90
C GLU C 338 -6.12 -36.14 -16.24
N GLU C 339 -6.20 -36.62 -17.48
CA GLU C 339 -5.54 -37.88 -17.88
C GLU C 339 -4.04 -37.65 -18.02
N VAL C 340 -3.60 -36.39 -18.12
CA VAL C 340 -2.15 -36.03 -18.13
C VAL C 340 -1.77 -35.32 -16.82
N ASN C 341 -2.57 -35.52 -15.77
CA ASN C 341 -2.37 -34.95 -14.41
C ASN C 341 -2.37 -33.41 -14.45
N ILE C 342 -3.35 -32.80 -15.14
CA ILE C 342 -3.58 -31.33 -15.09
C ILE C 342 -5.02 -31.08 -14.67
N THR C 343 -5.18 -30.73 -13.39
CA THR C 343 -6.50 -30.31 -12.84
C THR C 343 -6.67 -28.84 -13.18
N LEU C 344 -7.60 -28.53 -14.09
CA LEU C 344 -8.32 -27.24 -14.14
C LEU C 344 -9.84 -27.54 -14.09
N ASN C 345 -10.69 -26.58 -14.41
CA ASN C 345 -12.16 -26.74 -14.34
C ASN C 345 -12.78 -26.21 -15.65
N LYS C 346 -13.70 -26.98 -16.25
CA LYS C 346 -14.66 -26.44 -17.25
C LYS C 346 -15.17 -25.12 -16.65
N ASN C 347 -15.66 -24.20 -17.49
CA ASN C 347 -16.19 -22.90 -16.99
C ASN C 347 -17.01 -22.21 -18.09
N SER C 348 -18.18 -21.68 -17.73
CA SER C 348 -19.01 -20.84 -18.63
C SER C 348 -18.14 -19.71 -19.16
N ILE C 349 -18.24 -19.43 -20.45
CA ILE C 349 -17.73 -18.16 -21.06
C ILE C 349 -18.90 -17.20 -20.98
N PRO C 350 -18.69 -15.87 -20.97
CA PRO C 350 -19.77 -14.90 -21.11
C PRO C 350 -20.80 -15.24 -22.19
N TYR C 351 -22.10 -15.13 -21.88
CA TYR C 351 -23.20 -15.52 -22.78
C TYR C 351 -22.98 -16.94 -23.28
N GLU C 352 -22.45 -17.80 -22.40
CA GLU C 352 -22.41 -19.27 -22.59
C GLU C 352 -23.66 -19.71 -23.35
N GLN C 353 -23.49 -20.38 -24.50
CA GLN C 353 -24.61 -20.89 -25.36
C GLN C 353 -24.88 -22.35 -24.99
N LEU C 354 -23.99 -23.00 -24.25
CA LEU C 354 -24.12 -24.44 -23.92
C LEU C 354 -24.68 -24.60 -22.50
N SER C 355 -24.81 -25.86 -22.09
CA SER C 355 -25.25 -26.32 -20.75
C SER C 355 -24.25 -25.85 -19.69
N PRO C 356 -24.77 -25.30 -18.57
CA PRO C 356 -23.96 -25.11 -17.36
C PRO C 356 -23.06 -26.28 -16.98
N PHE C 357 -23.46 -27.50 -17.32
CA PHE C 357 -22.78 -28.77 -16.92
C PHE C 357 -21.66 -29.11 -17.93
N LYS C 358 -21.73 -28.55 -19.15
CA LYS C 358 -20.75 -28.83 -20.23
C LYS C 358 -19.85 -27.61 -20.42
N THR C 359 -20.41 -26.49 -20.90
CA THR C 359 -19.76 -25.16 -21.04
C THR C 359 -18.84 -25.12 -22.27
N SER C 360 -18.65 -23.93 -22.84
CA SER C 360 -17.76 -23.68 -23.99
C SER C 360 -16.28 -23.52 -23.58
N GLY C 361 -15.91 -23.65 -22.30
CA GLY C 361 -14.60 -23.13 -21.86
C GLY C 361 -13.91 -23.88 -20.72
N ILE C 362 -12.62 -23.59 -20.56
CA ILE C 362 -11.79 -24.02 -19.40
C ILE C 362 -11.32 -22.73 -18.72
N ARG C 363 -11.00 -22.80 -17.44
CA ARG C 363 -10.47 -21.66 -16.66
C ARG C 363 -9.14 -22.10 -16.04
N VAL C 364 -8.04 -21.52 -16.56
CA VAL C 364 -6.64 -21.75 -16.08
C VAL C 364 -6.29 -20.68 -15.05
N GLY C 365 -5.51 -21.02 -14.02
CA GLY C 365 -4.94 -20.05 -13.08
C GLY C 365 -3.55 -20.44 -12.64
N SER C 366 -2.70 -19.45 -12.37
CA SER C 366 -1.25 -19.59 -12.12
C SER C 366 -0.86 -19.61 -10.63
N PRO C 367 -1.72 -19.30 -9.64
CA PRO C 367 -1.21 -19.21 -8.27
C PRO C 367 -0.50 -20.48 -7.78
N ALA C 368 -1.04 -21.67 -8.07
CA ALA C 368 -0.56 -22.94 -7.45
C ALA C 368 0.81 -23.32 -8.04
N ILE C 369 0.93 -23.36 -9.37
CA ILE C 369 2.22 -23.61 -10.05
C ILE C 369 3.19 -22.52 -9.62
N THR C 370 2.73 -21.27 -9.50
CA THR C 370 3.60 -20.16 -9.04
C THR C 370 4.10 -20.47 -7.61
N SER C 371 3.28 -21.07 -6.76
CA SER C 371 3.67 -21.27 -5.34
C SER C 371 4.64 -22.45 -5.23
N ARG C 372 4.73 -23.29 -6.26
CA ARG C 372 5.66 -24.46 -6.36
C ARG C 372 7.07 -24.06 -6.85
N GLY C 373 7.24 -22.82 -7.29
CA GLY C 373 8.53 -22.28 -7.77
C GLY C 373 8.56 -22.12 -9.29
N MET C 374 7.51 -22.53 -10.00
CA MET C 374 7.52 -22.48 -11.48
C MET C 374 7.57 -21.02 -11.98
N GLY C 375 8.23 -20.77 -13.12
CA GLY C 375 8.30 -19.46 -13.79
C GLY C 375 7.66 -19.52 -15.15
N GLU C 376 8.04 -18.62 -16.05
CA GLU C 376 7.32 -18.40 -17.32
C GLU C 376 7.64 -19.56 -18.27
N ALA C 377 8.88 -20.06 -18.25
CA ALA C 377 9.36 -21.18 -19.11
C ALA C 377 8.50 -22.41 -18.81
N GLU C 378 8.39 -22.77 -17.52
CA GLU C 378 7.52 -23.85 -16.99
C GLU C 378 6.07 -23.64 -17.43
N SER C 379 5.51 -22.48 -17.08
CA SER C 379 4.10 -22.09 -17.33
C SER C 379 3.78 -22.36 -18.81
N ARG C 380 4.71 -21.97 -19.67
CA ARG C 380 4.54 -21.96 -21.13
C ARG C 380 4.58 -23.41 -21.58
N GLN C 381 5.44 -24.23 -20.96
CA GLN C 381 5.47 -25.70 -21.27
C GLN C 381 4.06 -26.23 -20.98
N ILE C 382 3.58 -26.01 -19.75
CA ILE C 382 2.29 -26.55 -19.26
C ILE C 382 1.18 -26.21 -20.28
N ALA C 383 1.20 -25.01 -20.85
CA ALA C 383 0.13 -24.56 -21.76
C ALA C 383 0.25 -25.28 -23.10
N GLU C 384 1.49 -25.48 -23.59
CA GLU C 384 1.78 -26.24 -24.85
C GLU C 384 1.28 -27.67 -24.66
N TRP C 385 1.54 -28.26 -23.48
CA TRP C 385 1.02 -29.60 -23.10
C TRP C 385 -0.50 -29.59 -23.18
N MET C 386 -1.16 -28.60 -22.57
CA MET C 386 -2.65 -28.51 -22.58
C MET C 386 -3.09 -28.44 -24.04
N VAL C 387 -2.50 -27.54 -24.82
CA VAL C 387 -2.86 -27.37 -26.26
C VAL C 387 -2.71 -28.72 -26.98
N GLU C 388 -1.62 -29.44 -26.71
CA GLU C 388 -1.31 -30.72 -27.42
C GLU C 388 -2.33 -31.80 -26.99
N ALA C 389 -2.44 -32.03 -25.68
CA ALA C 389 -3.46 -32.93 -25.09
C ALA C 389 -4.83 -32.72 -25.77
N LEU C 390 -5.36 -31.51 -25.84
CA LEU C 390 -6.73 -31.33 -26.39
C LEU C 390 -6.69 -31.68 -27.89
N GLU C 391 -5.62 -31.30 -28.60
CA GLU C 391 -5.51 -31.45 -30.08
C GLU C 391 -5.49 -32.94 -30.42
N ASN C 392 -4.89 -33.76 -29.55
CA ASN C 392 -4.66 -35.22 -29.69
C ASN C 392 -5.38 -35.98 -28.56
N HIS C 393 -6.65 -35.66 -28.32
CA HIS C 393 -7.43 -36.14 -27.13
C HIS C 393 -7.81 -37.61 -27.27
N ASP C 394 -7.84 -38.13 -28.50
CA ASP C 394 -8.21 -39.54 -28.81
C ASP C 394 -6.98 -40.25 -29.41
N LYS C 395 -5.78 -39.88 -29.00
CA LYS C 395 -4.52 -40.59 -29.35
C LYS C 395 -3.82 -40.96 -28.04
N PRO C 396 -4.28 -42.06 -27.38
CA PRO C 396 -3.81 -42.39 -26.02
C PRO C 396 -2.29 -42.52 -25.86
N GLU C 397 -1.56 -42.75 -26.96
CA GLU C 397 -0.07 -42.90 -26.95
C GLU C 397 0.54 -41.52 -26.65
N VAL C 398 -0.15 -40.45 -27.06
CA VAL C 398 0.29 -39.02 -26.90
C VAL C 398 0.04 -38.56 -25.46
N LEU C 399 -1.22 -38.64 -25.01
CA LEU C 399 -1.61 -38.33 -23.62
C LEU C 399 -0.59 -38.99 -22.68
N GLU C 400 -0.29 -40.27 -22.94
CA GLU C 400 0.60 -41.08 -22.09
C GLU C 400 2.00 -40.47 -22.10
N ARG C 401 2.46 -39.97 -23.25
CA ARG C 401 3.79 -39.31 -23.41
C ARG C 401 3.82 -37.95 -22.65
N ILE C 402 2.74 -37.16 -22.78
CA ILE C 402 2.55 -35.89 -22.01
C ILE C 402 2.53 -36.21 -20.51
N ARG C 403 1.63 -37.10 -20.06
CA ARG C 403 1.52 -37.54 -18.65
C ARG C 403 2.91 -37.78 -18.04
N GLY C 404 3.81 -38.42 -18.80
CA GLY C 404 5.17 -38.78 -18.35
C GLY C 404 6.09 -37.59 -18.35
N ASP C 405 6.01 -36.77 -19.42
CA ASP C 405 6.74 -35.47 -19.55
C ASP C 405 6.37 -34.57 -18.35
N VAL C 406 5.07 -34.55 -18.02
CA VAL C 406 4.48 -33.83 -16.86
C VAL C 406 5.15 -34.30 -15.57
N LYS C 407 5.24 -35.61 -15.33
CA LYS C 407 5.89 -36.18 -14.11
C LYS C 407 7.34 -35.68 -13.96
N VAL C 408 8.07 -35.46 -15.07
CA VAL C 408 9.46 -34.92 -14.99
C VAL C 408 9.42 -33.57 -14.26
N LEU C 409 8.46 -32.72 -14.65
CA LEU C 409 8.26 -31.34 -14.11
C LEU C 409 7.84 -31.40 -12.63
N THR C 410 6.77 -32.13 -12.29
CA THR C 410 6.28 -32.22 -10.88
C THR C 410 7.46 -32.69 -10.00
N ASP C 411 8.22 -33.66 -10.50
CA ASP C 411 9.46 -34.15 -9.83
C ASP C 411 10.43 -32.97 -9.66
N ALA C 412 10.70 -32.22 -10.74
CA ALA C 412 11.61 -31.04 -10.74
C ALA C 412 11.22 -30.06 -9.62
N PHE C 413 9.92 -29.81 -9.43
CA PHE C 413 9.39 -28.79 -8.49
C PHE C 413 8.63 -29.48 -7.37
N PRO C 414 9.33 -30.07 -6.38
CA PRO C 414 8.65 -30.59 -5.20
C PRO C 414 7.59 -29.60 -4.70
N LEU C 415 6.50 -30.11 -4.15
CA LEU C 415 5.45 -29.29 -3.49
C LEU C 415 6.02 -28.71 -2.19
N TYR C 416 6.65 -29.57 -1.37
CA TYR C 416 7.15 -29.21 -0.02
C TYR C 416 8.60 -29.71 0.13
N ASP D 7 12.23 -24.43 9.97
CA ASP D 7 11.94 -23.69 11.23
C ASP D 7 11.17 -22.39 10.88
N TYR D 8 9.84 -22.53 10.78
CA TYR D 8 8.88 -21.46 10.42
C TYR D 8 8.62 -20.51 11.61
N LYS D 9 8.82 -20.98 12.83
CA LYS D 9 8.51 -20.24 14.07
C LYS D 9 9.53 -19.10 14.27
N ALA D 10 10.67 -19.17 13.58
CA ALA D 10 11.67 -18.08 13.52
C ALA D 10 11.03 -16.85 12.89
N PHE D 11 10.37 -17.04 11.74
CA PHE D 11 9.81 -15.96 10.89
C PHE D 11 8.73 -15.17 11.65
N ASP D 12 8.00 -15.80 12.59
CA ASP D 12 6.78 -15.21 13.19
C ASP D 12 6.77 -15.40 14.70
N PRO D 13 7.78 -14.89 15.41
CA PRO D 13 7.88 -15.09 16.86
C PRO D 13 6.67 -14.57 17.67
N GLU D 14 5.97 -13.55 17.20
CA GLU D 14 4.85 -12.93 17.98
C GLU D 14 3.63 -13.87 18.00
N LEU D 15 3.42 -14.66 16.95
CA LEU D 15 2.29 -15.61 16.83
C LEU D 15 2.59 -16.89 17.62
N TRP D 16 3.75 -17.50 17.34
CA TRP D 16 4.17 -18.79 17.94
C TRP D 16 4.48 -18.63 19.43
N ASN D 17 4.89 -17.44 19.90
CA ASN D 17 5.02 -17.17 21.35
C ASN D 17 3.64 -17.20 22.02
N ALA D 18 2.59 -16.79 21.31
CA ALA D 18 1.22 -16.67 21.85
C ALA D 18 0.57 -18.06 21.90
N ILE D 19 0.95 -18.95 20.99
CA ILE D 19 0.43 -20.35 20.99
C ILE D 19 1.02 -21.06 22.21
N ASP D 20 2.32 -20.87 22.48
CA ASP D 20 3.02 -21.41 23.68
C ASP D 20 2.30 -20.86 24.92
N ALA D 21 1.94 -19.59 24.95
CA ALA D 21 1.24 -18.98 26.11
C ALA D 21 -0.09 -19.68 26.36
N GLU D 22 -0.78 -20.08 25.28
CA GLU D 22 -2.12 -20.71 25.32
C GLU D 22 -1.96 -22.17 25.78
N ALA D 23 -0.94 -22.89 25.28
CA ALA D 23 -0.66 -24.28 25.71
C ALA D 23 -0.40 -24.32 27.23
N GLU D 24 0.20 -23.27 27.78
CA GLU D 24 0.46 -23.14 29.24
C GLU D 24 -0.87 -22.83 29.94
N ARG D 25 -1.51 -21.72 29.59
CA ARG D 25 -2.82 -21.30 30.18
C ARG D 25 -3.69 -22.55 30.32
N GLN D 26 -3.74 -23.39 29.27
CA GLN D 26 -4.62 -24.60 29.19
C GLN D 26 -4.10 -25.64 30.18
N GLN D 27 -2.78 -25.85 30.19
CA GLN D 27 -2.07 -26.76 31.13
C GLN D 27 -2.31 -26.34 32.60
N ASN D 28 -2.38 -25.04 32.90
CA ASN D 28 -2.47 -24.53 34.30
C ASN D 28 -3.91 -24.19 34.67
N ASN D 29 -4.86 -24.44 33.77
CA ASN D 29 -6.29 -24.11 33.97
C ASN D 29 -7.07 -25.38 34.34
N ILE D 30 -7.91 -25.30 35.36
CA ILE D 30 -9.02 -26.27 35.56
C ILE D 30 -10.16 -25.78 34.67
N GLU D 31 -10.36 -26.42 33.52
CA GLU D 31 -11.39 -26.07 32.49
C GLU D 31 -12.73 -26.72 32.90
N LEU D 32 -13.68 -25.94 33.41
CA LEU D 32 -15.00 -26.44 33.88
C LEU D 32 -16.15 -25.93 32.99
N ILE D 33 -15.85 -25.14 31.95
CA ILE D 33 -16.89 -24.69 30.98
C ILE D 33 -17.40 -25.92 30.22
N ALA D 34 -18.71 -26.20 30.30
CA ALA D 34 -19.32 -27.52 29.95
C ALA D 34 -19.17 -27.87 28.47
N SER D 35 -19.08 -26.87 27.60
CA SER D 35 -18.96 -27.00 26.13
C SER D 35 -17.56 -27.50 25.76
N GLU D 36 -16.59 -27.37 26.66
CA GLU D 36 -15.15 -27.46 26.32
C GLU D 36 -14.66 -28.91 26.44
N ASN D 37 -13.53 -29.17 25.80
CA ASN D 37 -12.89 -30.52 25.82
C ASN D 37 -11.43 -30.41 25.35
N VAL D 38 -10.72 -31.54 25.40
CA VAL D 38 -9.27 -31.64 25.07
C VAL D 38 -9.14 -32.70 23.98
N VAL D 39 -9.02 -32.27 22.72
CA VAL D 39 -8.99 -33.19 21.56
C VAL D 39 -7.65 -33.93 21.61
N SER D 40 -7.57 -35.09 20.94
CA SER D 40 -6.36 -35.94 20.86
C SER D 40 -5.32 -35.31 19.92
N LYS D 41 -4.06 -35.62 20.16
CA LYS D 41 -2.91 -35.25 19.30
C LYS D 41 -3.31 -35.45 17.83
N ALA D 42 -4.12 -36.48 17.53
CA ALA D 42 -4.44 -36.94 16.15
C ALA D 42 -5.50 -36.06 15.48
N VAL D 43 -6.49 -35.59 16.23
CA VAL D 43 -7.52 -34.67 15.70
C VAL D 43 -6.80 -33.42 15.18
N MET D 44 -6.02 -32.76 16.04
CA MET D 44 -5.20 -31.55 15.71
C MET D 44 -4.29 -31.83 14.49
N ALA D 45 -3.60 -32.96 14.44
CA ALA D 45 -2.66 -33.35 13.36
C ALA D 45 -3.37 -33.33 11.99
N ALA D 46 -4.60 -33.85 11.93
CA ALA D 46 -5.41 -33.99 10.70
C ALA D 46 -5.84 -32.61 10.17
N GLN D 47 -6.27 -31.74 11.08
CA GLN D 47 -6.62 -30.31 10.85
C GLN D 47 -5.42 -29.56 10.26
N GLY D 48 -4.19 -29.94 10.64
CA GLY D 48 -2.95 -29.28 10.17
C GLY D 48 -2.35 -29.92 8.92
N THR D 49 -3.13 -30.56 8.06
CA THR D 49 -2.61 -31.24 6.84
C THR D 49 -2.91 -30.41 5.58
N LEU D 50 -2.38 -30.87 4.46
CA LEU D 50 -2.46 -30.17 3.16
C LEU D 50 -3.78 -30.49 2.47
N LEU D 51 -4.75 -31.06 3.18
CA LEU D 51 -6.14 -31.15 2.67
C LEU D 51 -6.72 -29.73 2.54
N THR D 52 -6.27 -28.77 3.35
CA THR D 52 -6.66 -27.33 3.29
C THR D 52 -6.37 -26.75 1.89
N ASN D 53 -5.45 -27.33 1.11
CA ASN D 53 -5.06 -26.82 -0.23
C ASN D 53 -6.18 -27.13 -1.24
N LYS D 54 -6.83 -28.30 -1.14
CA LYS D 54 -7.84 -28.77 -2.10
C LYS D 54 -9.24 -28.30 -1.68
N SER D 55 -9.91 -27.61 -2.61
CA SER D 55 -11.33 -27.23 -2.52
C SER D 55 -12.17 -28.34 -3.16
N ALA D 56 -13.30 -28.65 -2.53
CA ALA D 56 -14.16 -29.82 -2.84
C ALA D 56 -15.64 -29.41 -2.86
N GLU D 57 -15.99 -28.30 -3.51
CA GLU D 57 -17.42 -27.90 -3.61
C GLU D 57 -18.16 -29.16 -4.07
N GLY D 58 -19.34 -29.41 -3.50
CA GLY D 58 -20.21 -30.55 -3.81
C GLY D 58 -20.09 -31.67 -2.78
N TYR D 59 -20.30 -32.91 -3.23
CA TYR D 59 -20.36 -34.12 -2.36
C TYR D 59 -19.55 -35.25 -3.02
N PRO D 60 -19.16 -36.29 -2.25
CA PRO D 60 -18.40 -37.42 -2.81
C PRO D 60 -19.09 -38.05 -4.03
N GLY D 61 -18.31 -38.20 -5.12
CA GLY D 61 -18.76 -38.69 -6.44
C GLY D 61 -19.46 -37.62 -7.26
N LYS D 62 -19.67 -36.42 -6.69
CA LYS D 62 -20.53 -35.37 -7.29
C LYS D 62 -19.91 -34.01 -6.95
N ARG D 63 -18.64 -33.84 -7.37
CA ARG D 63 -17.78 -32.66 -7.05
C ARG D 63 -17.79 -31.67 -8.21
N TYR D 64 -17.79 -30.37 -7.92
CA TYR D 64 -17.66 -29.29 -8.93
C TYR D 64 -16.38 -29.56 -9.73
N TYR D 65 -15.29 -29.95 -9.06
CA TYR D 65 -13.94 -30.07 -9.68
C TYR D 65 -13.42 -31.52 -9.64
N GLY D 66 -12.42 -31.82 -10.48
CA GLY D 66 -11.66 -33.09 -10.48
C GLY D 66 -10.53 -33.07 -9.46
N GLY D 67 -9.60 -34.03 -9.56
CA GLY D 67 -8.53 -34.27 -8.57
C GLY D 67 -9.06 -34.57 -7.17
N THR D 68 -10.28 -35.10 -7.08
CA THR D 68 -11.05 -35.15 -5.81
C THR D 68 -11.22 -36.58 -5.27
N ALA D 69 -10.72 -37.59 -6.00
CA ALA D 69 -10.95 -39.02 -5.70
C ALA D 69 -10.56 -39.31 -4.26
N VAL D 70 -9.43 -38.76 -3.80
CA VAL D 70 -8.89 -39.06 -2.45
C VAL D 70 -9.69 -38.30 -1.40
N ILE D 71 -10.00 -37.04 -1.67
CA ILE D 71 -10.81 -36.21 -0.73
C ILE D 71 -12.13 -36.95 -0.48
N ASP D 72 -12.69 -37.57 -1.52
CA ASP D 72 -13.95 -38.38 -1.46
C ASP D 72 -13.78 -39.58 -0.51
N VAL D 73 -12.66 -40.30 -0.60
CA VAL D 73 -12.30 -41.38 0.36
C VAL D 73 -12.45 -40.79 1.78
N VAL D 74 -11.84 -39.64 2.05
CA VAL D 74 -11.76 -39.04 3.42
C VAL D 74 -13.15 -38.60 3.88
N GLU D 75 -13.90 -37.84 3.08
CA GLU D 75 -15.26 -37.39 3.48
C GLU D 75 -16.12 -38.64 3.74
N THR D 76 -16.03 -39.63 2.85
CA THR D 76 -16.83 -40.89 2.92
C THR D 76 -16.55 -41.59 4.26
N LEU D 77 -15.30 -41.66 4.72
CA LEU D 77 -14.95 -42.26 6.04
C LEU D 77 -15.72 -41.51 7.14
N ALA D 78 -15.55 -40.18 7.20
CA ALA D 78 -16.26 -39.28 8.12
C ALA D 78 -17.77 -39.58 8.08
N ILE D 79 -18.34 -39.70 6.87
CA ILE D 79 -19.81 -39.92 6.70
C ILE D 79 -20.16 -41.28 7.30
N GLU D 80 -19.50 -42.34 6.83
CA GLU D 80 -19.77 -43.76 7.22
C GLU D 80 -19.62 -43.93 8.74
N ARG D 81 -18.59 -43.32 9.33
CA ARG D 81 -18.31 -43.41 10.78
C ARG D 81 -19.42 -42.72 11.56
N ALA D 82 -19.83 -41.52 11.16
CA ALA D 82 -20.99 -40.80 11.74
C ALA D 82 -22.23 -41.71 11.71
N LYS D 83 -22.46 -42.39 10.59
CA LYS D 83 -23.63 -43.25 10.32
C LYS D 83 -23.60 -44.47 11.24
N LYS D 84 -22.45 -45.16 11.25
CA LYS D 84 -22.20 -46.33 12.15
C LYS D 84 -22.41 -45.85 13.58
N LEU D 85 -21.62 -44.86 14.03
CA LEU D 85 -21.53 -44.48 15.46
C LEU D 85 -22.91 -44.05 15.96
N PHE D 86 -23.65 -43.24 15.22
CA PHE D 86 -24.95 -42.65 15.70
C PHE D 86 -26.11 -43.49 15.16
N GLY D 87 -25.81 -44.48 14.32
CA GLY D 87 -26.78 -45.46 13.79
C GLY D 87 -27.84 -44.75 13.01
N ALA D 88 -27.43 -43.93 12.04
CA ALA D 88 -28.29 -43.10 11.16
C ALA D 88 -28.00 -43.49 9.70
N LYS D 89 -29.01 -43.45 8.84
CA LYS D 89 -28.89 -43.93 7.43
C LYS D 89 -28.24 -42.86 6.55
N PHE D 90 -28.28 -41.59 6.98
CA PHE D 90 -27.71 -40.43 6.24
C PHE D 90 -26.98 -39.50 7.22
N ALA D 91 -25.82 -39.00 6.81
CA ALA D 91 -25.05 -38.00 7.59
C ALA D 91 -24.44 -36.98 6.64
N ASN D 92 -24.48 -35.69 7.01
CA ASN D 92 -23.73 -34.59 6.33
C ASN D 92 -22.63 -34.07 7.28
N VAL D 93 -21.38 -34.07 6.83
CA VAL D 93 -20.18 -33.76 7.66
C VAL D 93 -19.59 -32.37 7.29
N GLN D 94 -20.14 -31.68 6.28
CA GLN D 94 -19.56 -30.42 5.74
C GLN D 94 -19.82 -29.21 6.63
N PRO D 95 -20.89 -29.15 7.47
CA PRO D 95 -21.18 -27.95 8.24
C PRO D 95 -20.01 -27.42 9.07
N HIS D 96 -19.73 -26.12 8.97
CA HIS D 96 -18.50 -25.48 9.48
C HIS D 96 -18.55 -25.41 11.01
N SER D 97 -19.76 -25.45 11.57
CA SER D 97 -20.05 -25.13 12.99
C SER D 97 -21.38 -25.77 13.38
N GLY D 98 -21.74 -25.73 14.66
CA GLY D 98 -23.06 -26.13 15.15
C GLY D 98 -24.11 -25.19 14.62
N SER D 99 -23.83 -23.89 14.69
CA SER D 99 -24.67 -22.79 14.15
C SER D 99 -25.05 -23.09 12.68
N GLN D 100 -24.09 -23.50 11.85
CA GLN D 100 -24.34 -23.69 10.41
C GLN D 100 -25.20 -24.94 10.23
N ALA D 101 -24.92 -26.01 10.96
CA ALA D 101 -25.76 -27.23 10.92
C ALA D 101 -27.22 -26.80 11.20
N ASN D 102 -27.47 -26.13 12.33
CA ASN D 102 -28.83 -25.71 12.75
C ASN D 102 -29.46 -24.89 11.62
N ALA D 103 -28.69 -24.03 10.96
CA ALA D 103 -29.21 -23.12 9.91
C ALA D 103 -29.71 -23.97 8.74
N ALA D 104 -28.92 -24.96 8.32
CA ALA D 104 -29.24 -25.84 7.17
C ALA D 104 -30.52 -26.65 7.44
N VAL D 105 -30.76 -27.04 8.68
CA VAL D 105 -31.97 -27.85 9.03
C VAL D 105 -33.19 -26.92 8.98
N TYR D 106 -33.15 -25.77 9.64
CA TYR D 106 -34.25 -24.77 9.56
C TYR D 106 -34.59 -24.55 8.08
N MET D 107 -33.56 -24.35 7.28
CA MET D 107 -33.65 -24.03 5.85
C MET D 107 -34.22 -25.23 5.07
N SER D 108 -34.01 -26.46 5.53
CA SER D 108 -34.44 -27.70 4.86
C SER D 108 -35.90 -28.08 5.19
N LEU D 109 -36.45 -27.57 6.30
CA LEU D 109 -37.71 -28.12 6.88
C LEU D 109 -38.80 -27.06 6.89
N ILE D 110 -38.46 -25.79 7.12
CA ILE D 110 -39.47 -24.70 7.28
C ILE D 110 -39.11 -23.56 6.32
N GLN D 111 -39.92 -22.50 6.35
CA GLN D 111 -39.82 -21.29 5.51
C GLN D 111 -39.72 -20.11 6.46
N PRO D 112 -39.06 -19.01 6.03
CA PRO D 112 -39.02 -17.79 6.84
C PRO D 112 -40.40 -17.45 7.41
N GLY D 113 -40.47 -16.95 8.65
CA GLY D 113 -41.70 -16.52 9.34
C GLY D 113 -42.46 -17.68 10.01
N ASP D 114 -42.22 -18.95 9.61
CA ASP D 114 -42.86 -20.15 10.20
C ASP D 114 -42.67 -20.17 11.72
N THR D 115 -43.61 -20.79 12.44
CA THR D 115 -43.58 -20.87 13.92
C THR D 115 -42.80 -22.12 14.34
N VAL D 116 -41.92 -21.95 15.32
CA VAL D 116 -40.93 -22.94 15.81
C VAL D 116 -40.99 -22.89 17.33
N MET D 117 -41.01 -24.06 17.99
CA MET D 117 -40.97 -24.17 19.46
C MET D 117 -39.59 -24.67 19.85
N GLY D 118 -38.95 -23.98 20.79
CA GLY D 118 -37.64 -24.35 21.34
C GLY D 118 -37.56 -24.05 22.83
N MET D 119 -36.55 -24.62 23.51
CA MET D 119 -36.38 -24.42 24.96
C MET D 119 -36.14 -22.93 25.24
N ASP D 120 -36.78 -22.42 26.30
CA ASP D 120 -36.49 -21.09 26.91
C ASP D 120 -34.98 -20.95 27.03
N LEU D 121 -34.45 -19.76 26.72
CA LEU D 121 -32.99 -19.49 26.60
C LEU D 121 -32.37 -19.52 28.00
N SER D 122 -33.13 -19.08 29.01
CA SER D 122 -32.70 -19.02 30.44
C SER D 122 -33.03 -20.33 31.17
N ALA D 123 -33.46 -21.37 30.44
CA ALA D 123 -33.75 -22.71 31.01
C ALA D 123 -33.07 -23.80 30.20
N GLY D 124 -32.02 -23.49 29.43
CA GLY D 124 -31.21 -24.51 28.74
C GLY D 124 -31.18 -24.32 27.24
N GLY D 125 -32.04 -23.44 26.71
CA GLY D 125 -32.17 -23.19 25.27
C GLY D 125 -30.91 -22.53 24.73
N HIS D 126 -30.48 -22.96 23.55
CA HIS D 126 -29.30 -22.39 22.85
C HIS D 126 -29.68 -21.08 22.16
N LEU D 127 -28.71 -20.19 22.07
CA LEU D 127 -28.80 -18.93 21.29
C LEU D 127 -29.43 -19.21 19.91
N THR D 128 -29.03 -20.30 19.23
CA THR D 128 -29.47 -20.62 17.84
C THR D 128 -30.88 -21.23 17.84
N HIS D 129 -31.54 -21.27 19.01
CA HIS D 129 -32.93 -21.75 19.17
C HIS D 129 -33.91 -20.58 19.41
N GLY D 130 -33.68 -19.41 18.79
CA GLY D 130 -34.70 -18.34 18.76
C GLY D 130 -34.29 -17.02 19.39
N ALA D 131 -33.09 -16.88 19.95
CA ALA D 131 -32.63 -15.55 20.44
C ALA D 131 -32.89 -14.49 19.36
N PRO D 132 -33.40 -13.28 19.71
CA PRO D 132 -33.62 -12.24 18.71
C PRO D 132 -32.34 -11.66 18.07
N VAL D 133 -31.17 -11.95 18.65
CA VAL D 133 -29.83 -11.50 18.17
C VAL D 133 -29.26 -12.55 17.22
N SER D 134 -29.82 -13.76 17.21
CA SER D 134 -29.49 -14.85 16.24
C SER D 134 -30.31 -14.69 14.97
N PHE D 135 -29.82 -15.25 13.86
CA PHE D 135 -30.55 -15.41 12.58
C PHE D 135 -31.86 -16.17 12.84
N SER D 136 -31.79 -17.11 13.80
CA SER D 136 -32.89 -18.02 14.18
C SER D 136 -34.11 -17.19 14.60
N GLY D 137 -33.95 -16.32 15.58
CA GLY D 137 -35.02 -15.40 16.04
C GLY D 137 -35.39 -14.37 14.99
N LYS D 138 -34.45 -13.97 14.14
CA LYS D 138 -34.64 -12.91 13.13
C LYS D 138 -35.45 -13.49 11.97
N THR D 139 -35.20 -14.75 11.59
CA THR D 139 -35.73 -15.39 10.36
C THR D 139 -37.05 -16.12 10.63
N TYR D 140 -37.24 -16.67 11.83
CA TYR D 140 -38.41 -17.52 12.20
C TYR D 140 -39.09 -16.92 13.42
N ASN D 141 -40.32 -17.36 13.68
CA ASN D 141 -41.15 -16.90 14.82
C ASN D 141 -41.04 -17.95 15.95
N PHE D 142 -40.04 -17.79 16.83
CA PHE D 142 -39.70 -18.79 17.88
C PHE D 142 -40.57 -18.54 19.11
N VAL D 143 -41.38 -19.51 19.48
CA VAL D 143 -42.17 -19.48 20.74
C VAL D 143 -41.53 -20.53 21.64
N SER D 144 -41.26 -20.18 22.90
CA SER D 144 -40.39 -20.97 23.80
C SER D 144 -41.23 -21.74 24.85
N TYR D 145 -40.89 -23.01 25.06
CA TYR D 145 -41.39 -23.85 26.19
C TYR D 145 -40.36 -23.80 27.33
N ASN D 146 -40.83 -23.55 28.55
CA ASN D 146 -39.98 -23.45 29.76
C ASN D 146 -39.90 -24.85 30.41
N VAL D 147 -39.22 -24.95 31.55
CA VAL D 147 -39.30 -26.12 32.49
C VAL D 147 -40.28 -25.77 33.64
N ASP D 148 -40.89 -26.77 34.25
CA ASP D 148 -41.78 -26.59 35.43
C ASP D 148 -41.05 -25.74 36.46
N LYS D 149 -41.71 -24.70 36.96
CA LYS D 149 -41.15 -23.69 37.89
C LYS D 149 -40.61 -24.38 39.17
N GLU D 150 -41.36 -25.31 39.78
CA GLU D 150 -41.02 -26.01 41.06
C GLU D 150 -39.92 -27.07 40.84
N SER D 151 -40.11 -28.00 39.88
CA SER D 151 -39.27 -29.20 39.66
C SER D 151 -38.02 -28.87 38.82
N GLU D 152 -38.10 -27.82 37.99
CA GLU D 152 -37.05 -27.40 37.01
C GLU D 152 -36.78 -28.55 36.03
N LEU D 153 -37.84 -29.30 35.72
CA LEU D 153 -37.84 -30.44 34.77
C LEU D 153 -38.76 -30.13 33.58
N LEU D 154 -38.43 -30.70 32.43
CA LEU D 154 -39.38 -30.77 31.29
C LEU D 154 -40.67 -31.40 31.80
N ASP D 155 -41.81 -30.74 31.59
CA ASP D 155 -43.17 -31.32 31.79
C ASP D 155 -43.79 -31.55 30.40
N TYR D 156 -43.64 -32.77 29.87
CA TYR D 156 -44.04 -33.17 28.50
C TYR D 156 -45.56 -33.01 28.32
N ASP D 157 -46.33 -33.13 29.40
CA ASP D 157 -47.80 -32.93 29.38
C ASP D 157 -48.11 -31.47 29.04
N ALA D 158 -47.38 -30.54 29.66
CA ALA D 158 -47.58 -29.07 29.55
C ALA D 158 -47.15 -28.56 28.18
N ILE D 159 -46.00 -29.06 27.69
CA ILE D 159 -45.41 -28.79 26.35
C ILE D 159 -46.39 -29.24 25.26
N LEU D 160 -47.14 -30.31 25.49
CA LEU D 160 -48.17 -30.77 24.54
C LEU D 160 -49.32 -29.76 24.54
N ALA D 161 -49.76 -29.35 25.73
CA ALA D 161 -50.89 -28.39 25.88
C ALA D 161 -50.53 -27.11 25.13
N GLN D 162 -49.26 -26.66 25.26
CA GLN D 162 -48.68 -25.46 24.59
C GLN D 162 -48.59 -25.72 23.06
N ALA D 163 -48.03 -26.85 22.63
CA ALA D 163 -47.89 -27.20 21.21
C ALA D 163 -49.26 -27.12 20.51
N LYS D 164 -50.32 -27.60 21.16
CA LYS D 164 -51.68 -27.70 20.56
C LYS D 164 -52.25 -26.29 20.32
N GLU D 165 -51.86 -25.30 21.13
CA GLU D 165 -52.25 -23.87 20.96
C GLU D 165 -51.39 -23.20 19.87
N VAL D 166 -50.07 -23.23 20.02
CA VAL D 166 -49.08 -22.55 19.14
C VAL D 166 -49.12 -23.14 17.73
N ARG D 167 -49.18 -24.48 17.64
CA ARG D 167 -49.21 -25.26 16.37
C ARG D 167 -47.97 -24.98 15.54
N PRO D 168 -46.75 -25.21 16.07
CA PRO D 168 -45.52 -24.93 15.33
C PRO D 168 -45.37 -25.84 14.12
N LYS D 169 -44.64 -25.39 13.10
CA LYS D 169 -44.23 -26.23 11.94
C LYS D 169 -43.07 -27.13 12.36
N LEU D 170 -42.31 -26.69 13.37
CA LEU D 170 -41.07 -27.37 13.84
C LEU D 170 -40.95 -27.22 15.35
N ILE D 171 -40.53 -28.31 16.01
CA ILE D 171 -40.15 -28.32 17.44
C ILE D 171 -38.67 -28.69 17.54
N VAL D 172 -37.93 -27.87 18.27
CA VAL D 172 -36.48 -28.07 18.57
C VAL D 172 -36.40 -28.54 20.03
N ALA D 173 -35.78 -29.70 20.25
CA ALA D 173 -35.34 -30.17 21.57
C ALA D 173 -33.81 -30.32 21.56
N GLY D 174 -33.23 -30.28 22.76
CA GLY D 174 -31.79 -30.09 22.93
C GLY D 174 -31.53 -28.90 23.82
N ALA D 175 -30.42 -28.94 24.54
CA ALA D 175 -30.04 -27.90 25.51
C ALA D 175 -28.52 -27.77 25.58
N SER D 176 -28.13 -26.65 26.16
CA SER D 176 -26.75 -26.28 26.54
C SER D 176 -26.67 -26.02 28.06
N ALA D 177 -27.79 -26.08 28.78
CA ALA D 177 -27.78 -25.88 30.25
C ALA D 177 -28.94 -26.62 30.91
N TYR D 178 -29.17 -27.87 30.54
CA TYR D 178 -30.20 -28.75 31.17
C TYR D 178 -29.53 -30.07 31.58
N SER D 179 -29.66 -30.40 32.86
CA SER D 179 -28.86 -31.42 33.59
C SER D 179 -29.39 -32.83 33.32
N ARG D 180 -30.66 -32.94 32.89
CA ARG D 180 -31.44 -34.19 32.96
C ARG D 180 -31.68 -34.81 31.57
N ILE D 181 -32.01 -36.09 31.61
CA ILE D 181 -32.34 -36.95 30.43
C ILE D 181 -33.48 -36.26 29.70
N ILE D 182 -33.36 -36.14 28.39
CA ILE D 182 -34.45 -35.56 27.55
C ILE D 182 -35.11 -36.74 26.87
N ASP D 183 -36.42 -36.84 27.02
CA ASP D 183 -37.21 -37.96 26.42
C ASP D 183 -37.48 -37.56 24.98
N PHE D 184 -36.67 -38.08 24.08
CA PHE D 184 -36.68 -37.75 22.63
C PHE D 184 -37.92 -38.42 22.04
N ALA D 185 -38.23 -39.62 22.49
CA ALA D 185 -39.48 -40.35 22.15
C ALA D 185 -40.72 -39.51 22.52
N LYS D 186 -40.75 -38.94 23.72
CA LYS D 186 -41.89 -38.17 24.25
C LYS D 186 -42.01 -36.87 23.45
N PHE D 187 -40.89 -36.29 22.97
CA PHE D 187 -40.87 -35.05 22.14
C PHE D 187 -41.47 -35.35 20.77
N ARG D 188 -41.12 -36.49 20.17
CA ARG D 188 -41.66 -36.95 18.87
C ARG D 188 -43.16 -37.17 18.99
N GLU D 189 -43.59 -37.93 20.00
CA GLU D 189 -45.02 -38.12 20.38
C GLU D 189 -45.70 -36.75 20.28
N ILE D 190 -45.11 -35.71 20.88
CA ILE D 190 -45.68 -34.32 20.90
C ILE D 190 -45.70 -33.72 19.48
N ALA D 191 -44.66 -33.93 18.68
CA ALA D 191 -44.55 -33.36 17.33
C ALA D 191 -45.68 -33.95 16.47
N ASP D 192 -45.73 -35.27 16.35
CA ASP D 192 -46.83 -36.03 15.70
C ASP D 192 -48.19 -35.48 16.16
N ALA D 193 -48.40 -35.29 17.46
CA ALA D 193 -49.69 -34.79 17.98
C ALA D 193 -50.12 -33.51 17.25
N VAL D 194 -49.18 -32.63 16.90
CA VAL D 194 -49.45 -31.29 16.29
C VAL D 194 -48.96 -31.26 14.83
N GLY D 195 -48.49 -32.39 14.29
CA GLY D 195 -48.00 -32.49 12.90
C GLY D 195 -46.80 -31.59 12.64
N ALA D 196 -45.93 -31.35 13.63
CA ALA D 196 -44.66 -30.62 13.45
C ALA D 196 -43.49 -31.59 13.24
N TYR D 197 -42.41 -31.08 12.63
CA TYR D 197 -41.08 -31.74 12.53
C TYR D 197 -40.43 -31.64 13.92
N LEU D 198 -39.59 -32.63 14.23
CA LEU D 198 -38.71 -32.57 15.42
C LEU D 198 -37.28 -32.46 14.93
N MET D 199 -36.57 -31.49 15.47
CA MET D 199 -35.10 -31.38 15.34
C MET D 199 -34.51 -31.51 16.74
N VAL D 200 -33.48 -32.34 16.91
CA VAL D 200 -32.72 -32.42 18.19
C VAL D 200 -31.31 -31.88 17.97
N ASP D 201 -30.99 -30.82 18.71
CA ASP D 201 -29.62 -30.27 18.84
C ASP D 201 -28.92 -31.00 20.00
N MET D 202 -28.11 -32.03 19.70
CA MET D 202 -27.48 -32.85 20.78
C MET D 202 -26.02 -32.43 20.96
N ALA D 203 -25.68 -31.22 20.56
CA ALA D 203 -24.29 -30.69 20.54
C ALA D 203 -23.60 -30.97 21.88
N HIS D 204 -24.27 -30.59 22.97
CA HIS D 204 -23.72 -30.72 24.34
C HIS D 204 -23.58 -32.20 24.75
N ILE D 205 -24.45 -33.10 24.26
CA ILE D 205 -24.59 -34.47 24.82
C ILE D 205 -24.25 -35.52 23.79
N ALA D 206 -23.66 -35.14 22.65
CA ALA D 206 -23.46 -36.05 21.51
C ALA D 206 -22.41 -37.08 21.91
N GLY D 207 -21.44 -36.64 22.72
CA GLY D 207 -20.41 -37.51 23.32
C GLY D 207 -21.05 -38.63 24.14
N LEU D 208 -22.06 -38.30 24.93
CA LEU D 208 -22.74 -39.23 25.85
C LEU D 208 -23.61 -40.16 24.99
N VAL D 209 -24.32 -39.60 24.01
CA VAL D 209 -25.11 -40.42 23.05
C VAL D 209 -24.18 -41.48 22.45
N ALA D 210 -22.99 -41.09 21.97
CA ALA D 210 -22.01 -41.96 21.30
C ALA D 210 -21.47 -43.06 22.23
N SER D 211 -21.25 -42.72 23.50
CA SER D 211 -20.67 -43.61 24.55
C SER D 211 -21.75 -44.50 25.17
N GLY D 212 -23.02 -44.18 24.95
CA GLY D 212 -24.16 -45.02 25.34
C GLY D 212 -24.75 -44.59 26.67
N HIS D 213 -24.42 -43.40 27.17
CA HIS D 213 -24.82 -42.94 28.53
C HIS D 213 -25.91 -41.88 28.42
N HIS D 214 -26.45 -41.66 27.22
CA HIS D 214 -27.68 -40.86 26.98
C HIS D 214 -28.45 -41.51 25.83
N PRO D 215 -29.74 -41.84 26.03
CA PRO D 215 -30.54 -42.41 24.94
C PRO D 215 -30.37 -41.51 23.69
N SER D 216 -30.27 -42.15 22.52
CA SER D 216 -30.10 -41.46 21.22
C SER D 216 -31.39 -40.73 20.89
N PRO D 217 -31.32 -39.50 20.32
CA PRO D 217 -32.48 -38.90 19.67
C PRO D 217 -32.62 -39.40 18.22
N VAL D 218 -31.56 -39.97 17.65
CA VAL D 218 -31.49 -40.28 16.19
C VAL D 218 -32.73 -41.08 15.76
N PRO D 219 -33.16 -42.11 16.51
CA PRO D 219 -34.40 -42.81 16.18
C PRO D 219 -35.73 -42.03 16.29
N TYR D 220 -35.79 -40.87 16.95
CA TYR D 220 -37.06 -40.13 17.19
C TYR D 220 -37.10 -38.77 16.46
N ALA D 221 -35.94 -38.14 16.23
CA ALA D 221 -35.85 -36.81 15.58
C ALA D 221 -35.88 -37.00 14.06
N HIS D 222 -36.67 -36.17 13.38
CA HIS D 222 -36.69 -36.09 11.90
C HIS D 222 -35.25 -35.85 11.48
N VAL D 223 -34.62 -34.90 12.15
CA VAL D 223 -33.22 -34.44 11.92
C VAL D 223 -32.56 -34.24 13.29
N THR D 224 -31.33 -34.74 13.43
CA THR D 224 -30.46 -34.46 14.59
C THR D 224 -29.25 -33.66 14.12
N THR D 225 -28.98 -32.55 14.81
CA THR D 225 -27.80 -31.69 14.63
C THR D 225 -26.90 -31.78 15.85
N THR D 226 -25.60 -31.64 15.61
CA THR D 226 -24.59 -31.55 16.68
C THR D 226 -23.34 -30.86 16.15
N THR D 227 -22.63 -30.24 17.09
CA THR D 227 -21.19 -29.92 17.01
C THR D 227 -20.44 -31.24 16.98
N THR D 228 -19.28 -31.29 16.33
CA THR D 228 -18.30 -32.40 16.41
C THR D 228 -17.38 -32.13 17.63
N HIS D 229 -17.19 -30.86 17.98
CA HIS D 229 -16.49 -30.46 19.23
C HIS D 229 -17.52 -30.61 20.36
N LYS D 230 -17.07 -30.37 21.61
CA LYS D 230 -17.85 -30.46 22.88
C LYS D 230 -17.73 -31.91 23.40
N THR D 231 -18.78 -32.53 23.95
CA THR D 231 -18.65 -33.87 24.61
C THR D 231 -18.01 -34.89 23.65
N LEU D 232 -18.45 -34.94 22.39
CA LEU D 232 -17.96 -35.88 21.33
C LEU D 232 -16.44 -35.75 21.12
N ARG D 233 -15.89 -34.62 21.59
CA ARG D 233 -14.43 -34.37 21.75
C ARG D 233 -13.72 -34.45 20.41
N GLY D 234 -14.35 -33.95 19.36
CA GLY D 234 -13.75 -33.87 18.02
C GLY D 234 -13.39 -32.43 17.68
N PRO D 235 -12.98 -32.19 16.41
CA PRO D 235 -12.60 -30.85 15.95
C PRO D 235 -13.80 -29.91 15.91
N ARG D 236 -13.55 -28.59 15.85
CA ARG D 236 -14.63 -27.58 15.77
C ARG D 236 -15.30 -27.68 14.40
N GLY D 237 -16.60 -27.91 14.43
CA GLY D 237 -17.43 -28.17 13.23
C GLY D 237 -18.80 -28.69 13.64
N GLY D 238 -19.63 -29.01 12.64
CA GLY D 238 -21.00 -29.49 12.86
C GLY D 238 -21.29 -30.74 12.05
N LEU D 239 -22.48 -31.28 12.24
CA LEU D 239 -22.86 -32.61 11.74
C LEU D 239 -24.39 -32.67 11.71
N ILE D 240 -24.94 -33.26 10.65
CA ILE D 240 -26.41 -33.42 10.48
C ILE D 240 -26.66 -34.90 10.21
N LEU D 241 -27.57 -35.51 10.98
CA LEU D 241 -28.02 -36.91 10.77
C LEU D 241 -29.54 -36.96 10.54
N THR D 242 -29.97 -37.92 9.73
CA THR D 242 -31.39 -38.23 9.48
C THR D 242 -31.48 -39.66 8.96
N ASP D 243 -32.65 -40.26 9.09
CA ASP D 243 -32.99 -41.58 8.50
C ASP D 243 -33.78 -41.38 7.21
N ASP D 244 -34.37 -40.20 7.00
CA ASP D 244 -35.28 -39.93 5.85
C ASP D 244 -34.47 -39.45 4.64
N GLU D 245 -34.53 -40.19 3.52
CA GLU D 245 -33.71 -39.98 2.30
C GLU D 245 -34.12 -38.68 1.57
N ASP D 246 -35.37 -38.27 1.71
CA ASP D 246 -35.90 -37.06 1.05
C ASP D 246 -35.38 -35.87 1.83
N ILE D 247 -35.52 -35.91 3.15
CA ILE D 247 -34.97 -34.85 4.05
C ILE D 247 -33.45 -34.80 3.87
N ALA D 248 -32.81 -35.95 3.67
CA ALA D 248 -31.36 -36.03 3.43
C ALA D 248 -30.99 -35.09 2.28
N LYS D 249 -31.71 -35.23 1.15
CA LYS D 249 -31.40 -34.53 -0.11
C LYS D 249 -31.58 -33.01 0.08
N LYS D 250 -32.61 -32.56 0.81
CA LYS D 250 -32.88 -31.12 1.03
C LYS D 250 -31.81 -30.47 1.91
N LEU D 251 -31.30 -31.22 2.90
CA LEU D 251 -30.22 -30.86 3.85
C LEU D 251 -28.94 -30.69 3.06
N ASN D 252 -28.57 -31.71 2.30
CA ASN D 252 -27.31 -31.71 1.51
C ASN D 252 -27.28 -30.41 0.69
N SER D 253 -28.41 -30.05 0.08
CA SER D 253 -28.61 -28.84 -0.76
C SER D 253 -28.51 -27.57 0.10
N ALA D 254 -29.12 -27.58 1.28
CA ALA D 254 -29.12 -26.42 2.20
C ALA D 254 -27.67 -26.13 2.67
N VAL D 255 -26.89 -27.16 2.97
CA VAL D 255 -25.49 -27.01 3.44
C VAL D 255 -24.68 -26.45 2.28
N PHE D 256 -24.86 -27.01 1.06
CA PHE D 256 -24.16 -26.56 -0.18
C PHE D 256 -24.96 -26.94 -1.43
N PRO D 257 -25.34 -26.00 -2.31
CA PRO D 257 -24.86 -24.61 -2.29
C PRO D 257 -25.61 -23.62 -1.42
N GLY D 258 -26.48 -24.12 -0.54
CA GLY D 258 -27.49 -23.27 0.14
C GLY D 258 -26.85 -22.22 1.02
N LEU D 259 -25.92 -22.62 1.89
CA LEU D 259 -25.43 -21.82 3.04
C LEU D 259 -23.91 -21.68 3.03
N GLN D 260 -23.21 -22.65 2.45
CA GLN D 260 -21.74 -22.74 2.53
C GLN D 260 -21.19 -22.80 1.10
N GLY D 261 -19.87 -22.74 0.98
CA GLY D 261 -19.16 -22.96 -0.28
C GLY D 261 -18.33 -24.20 -0.14
N GLY D 262 -17.04 -24.10 -0.45
CA GLY D 262 -16.09 -25.20 -0.21
C GLY D 262 -16.14 -25.63 1.25
N PRO D 263 -16.11 -26.94 1.51
CA PRO D 263 -16.01 -27.41 2.88
C PRO D 263 -14.53 -27.44 3.27
N LEU D 264 -14.29 -27.56 4.58
CA LEU D 264 -12.94 -27.68 5.20
C LEU D 264 -12.56 -29.17 5.31
N GLU D 265 -11.98 -29.74 4.24
CA GLU D 265 -11.71 -31.19 4.18
C GLU D 265 -10.65 -31.57 5.23
N HIS D 266 -9.67 -30.71 5.52
CA HIS D 266 -8.71 -30.94 6.64
C HIS D 266 -9.51 -31.21 7.93
N VAL D 267 -10.50 -30.37 8.20
CA VAL D 267 -11.36 -30.51 9.41
C VAL D 267 -12.25 -31.75 9.26
N ILE D 268 -12.65 -32.13 8.06
CA ILE D 268 -13.50 -33.35 7.90
C ILE D 268 -12.63 -34.57 8.22
N ALA D 269 -11.40 -34.62 7.71
CA ALA D 269 -10.38 -35.61 8.11
C ALA D 269 -10.34 -35.67 9.65
N ALA D 270 -10.30 -34.52 10.32
CA ALA D 270 -10.21 -34.49 11.80
C ALA D 270 -11.51 -35.04 12.38
N LYS D 271 -12.65 -34.75 11.77
CA LYS D 271 -13.96 -35.33 12.18
C LYS D 271 -13.87 -36.85 12.05
N ALA D 272 -13.36 -37.35 10.93
CA ALA D 272 -13.25 -38.81 10.71
C ALA D 272 -12.45 -39.38 11.88
N VAL D 273 -11.26 -38.83 12.13
CA VAL D 273 -10.33 -39.30 13.20
C VAL D 273 -11.10 -39.43 14.52
N ALA D 274 -11.86 -38.39 14.88
CA ALA D 274 -12.51 -38.19 16.21
C ALA D 274 -13.69 -39.15 16.39
N LEU D 275 -14.25 -39.61 15.26
CA LEU D 275 -15.42 -40.51 15.19
C LEU D 275 -14.96 -41.97 15.36
N LYS D 276 -13.79 -42.37 14.83
CA LYS D 276 -13.20 -43.71 15.08
C LYS D 276 -12.75 -43.76 16.55
N GLU D 277 -12.23 -42.66 17.07
CA GLU D 277 -11.97 -42.54 18.52
C GLU D 277 -13.28 -42.80 19.28
N ALA D 278 -14.42 -42.34 18.78
CA ALA D 278 -15.68 -42.41 19.54
C ALA D 278 -16.23 -43.84 19.51
N LEU D 279 -15.87 -44.61 18.48
CA LEU D 279 -16.39 -45.96 18.16
C LEU D 279 -15.63 -46.99 19.02
N ASP D 280 -14.41 -46.63 19.42
CA ASP D 280 -13.47 -47.50 20.17
C ASP D 280 -14.05 -47.66 21.57
N PRO D 281 -13.88 -48.85 22.21
CA PRO D 281 -14.47 -49.11 23.54
C PRO D 281 -14.06 -48.12 24.64
N ALA D 282 -12.85 -47.56 24.58
CA ALA D 282 -12.31 -46.58 25.56
C ALA D 282 -13.27 -45.40 25.74
N PHE D 283 -14.07 -45.09 24.70
CA PHE D 283 -15.00 -43.94 24.67
C PHE D 283 -16.16 -44.21 25.63
N LYS D 284 -16.62 -45.44 25.75
CA LYS D 284 -17.67 -45.80 26.74
C LYS D 284 -17.13 -45.50 28.15
N GLU D 285 -15.87 -45.85 28.42
CA GLU D 285 -15.20 -45.54 29.71
C GLU D 285 -15.24 -44.02 29.92
N TYR D 286 -14.87 -43.24 28.90
CA TYR D 286 -14.86 -41.76 28.97
C TYR D 286 -16.25 -41.29 29.39
N GLY D 287 -17.27 -41.66 28.59
CA GLY D 287 -18.65 -41.20 28.75
C GLY D 287 -19.10 -41.40 30.18
N GLU D 288 -18.86 -42.61 30.70
CA GLU D 288 -19.20 -43.05 32.08
C GLU D 288 -18.53 -42.12 33.08
N ASN D 289 -17.21 -41.94 32.95
CA ASN D 289 -16.41 -41.04 33.82
C ASN D 289 -16.91 -39.59 33.70
N VAL D 290 -17.54 -39.22 32.59
CA VAL D 290 -18.08 -37.84 32.48
C VAL D 290 -19.33 -37.75 33.37
N ILE D 291 -20.25 -38.70 33.26
CA ILE D 291 -21.48 -38.79 34.13
C ILE D 291 -21.06 -38.68 35.61
N LYS D 292 -20.10 -39.52 36.00
CA LYS D 292 -19.71 -39.76 37.41
C LYS D 292 -19.09 -38.48 37.96
N ASN D 293 -18.12 -37.93 37.23
CA ASN D 293 -17.32 -36.75 37.66
C ASN D 293 -18.27 -35.57 37.86
N ALA D 294 -19.22 -35.38 36.93
CA ALA D 294 -20.26 -34.33 37.02
C ALA D 294 -21.08 -34.56 38.29
N ALA D 295 -21.68 -35.74 38.43
CA ALA D 295 -22.63 -36.12 39.52
C ALA D 295 -21.96 -35.91 40.89
N ALA D 296 -20.66 -36.25 40.98
CA ALA D 296 -19.76 -35.98 42.13
C ALA D 296 -19.83 -34.49 42.47
N MET D 297 -19.41 -33.61 41.55
CA MET D 297 -19.31 -32.16 41.82
C MET D 297 -20.67 -31.62 42.29
N ALA D 298 -21.74 -32.02 41.62
CA ALA D 298 -23.14 -31.65 41.97
C ALA D 298 -23.43 -32.02 43.43
N ASP D 299 -23.02 -33.20 43.86
CA ASP D 299 -23.28 -33.70 45.24
C ASP D 299 -22.69 -32.70 46.25
N VAL D 300 -21.47 -32.23 46.00
CA VAL D 300 -20.76 -31.28 46.91
C VAL D 300 -21.66 -30.06 47.13
N PHE D 301 -22.24 -29.49 46.07
CA PHE D 301 -23.16 -28.32 46.14
C PHE D 301 -24.49 -28.73 46.78
N ASN D 302 -24.92 -29.97 46.54
CA ASN D 302 -26.18 -30.49 47.12
C ASN D 302 -26.04 -30.46 48.64
N GLN D 303 -25.04 -31.22 49.15
CA GLN D 303 -24.69 -31.38 50.60
C GLN D 303 -24.70 -30.00 51.26
N HIS D 304 -23.97 -29.05 50.67
CA HIS D 304 -23.74 -27.69 51.21
C HIS D 304 -25.06 -26.89 51.16
N PRO D 305 -25.48 -26.27 52.29
CA PRO D 305 -26.81 -25.65 52.39
C PRO D 305 -26.92 -24.25 51.79
N ASP D 306 -25.76 -23.61 51.53
CA ASP D 306 -25.64 -22.22 51.04
C ASP D 306 -25.83 -22.22 49.53
N PHE D 307 -25.53 -23.35 48.88
CA PHE D 307 -25.70 -23.57 47.42
C PHE D 307 -26.90 -24.50 47.16
N ARG D 308 -27.62 -24.22 46.07
CA ARG D 308 -28.69 -25.06 45.47
C ARG D 308 -28.29 -25.43 44.03
N VAL D 309 -28.37 -26.71 43.70
CA VAL D 309 -28.17 -27.23 42.32
C VAL D 309 -29.52 -27.25 41.60
N ILE D 310 -29.54 -26.79 40.35
CA ILE D 310 -30.79 -26.67 39.53
C ILE D 310 -31.25 -28.10 39.16
N SER D 311 -32.53 -28.37 39.42
CA SER D 311 -33.25 -29.65 39.20
C SER D 311 -32.99 -30.62 40.36
N GLY D 312 -32.01 -30.33 41.23
CA GLY D 312 -31.62 -31.19 42.37
C GLY D 312 -30.33 -31.95 42.09
N GLY D 313 -29.85 -31.97 40.85
CA GLY D 313 -28.60 -32.66 40.48
C GLY D 313 -28.42 -32.76 38.97
N THR D 314 -27.88 -33.87 38.48
CA THR D 314 -27.62 -34.09 37.03
C THR D 314 -27.60 -35.58 36.68
N ASN D 315 -27.94 -35.93 35.44
CA ASN D 315 -27.65 -37.27 34.86
C ASN D 315 -26.77 -37.13 33.60
N ASN D 316 -26.23 -35.95 33.30
CA ASN D 316 -25.32 -35.77 32.13
C ASN D 316 -24.01 -35.12 32.59
N HIS D 317 -23.34 -34.41 31.67
CA HIS D 317 -21.96 -33.86 31.82
C HIS D 317 -21.96 -32.54 32.59
N LEU D 318 -23.13 -31.97 32.93
CA LEU D 318 -23.18 -30.61 33.55
C LEU D 318 -24.28 -30.45 34.60
N PHE D 319 -24.27 -29.31 35.29
CA PHE D 319 -25.32 -28.83 36.21
C PHE D 319 -25.12 -27.33 36.41
N LEU D 320 -26.13 -26.64 36.95
CA LEU D 320 -26.06 -25.21 37.29
C LEU D 320 -26.10 -25.10 38.82
N VAL D 321 -25.55 -24.02 39.39
CA VAL D 321 -25.61 -23.72 40.86
C VAL D 321 -26.02 -22.26 41.09
N ASP D 322 -27.23 -22.04 41.62
CA ASP D 322 -27.70 -20.75 42.21
C ASP D 322 -26.74 -20.32 43.32
N VAL D 323 -26.04 -19.20 43.14
CA VAL D 323 -24.94 -18.76 44.05
C VAL D 323 -25.35 -17.47 44.77
N THR D 324 -26.60 -17.02 44.63
CA THR D 324 -27.10 -15.73 45.16
C THR D 324 -26.89 -15.66 46.69
N LYS D 325 -26.81 -16.79 47.38
CA LYS D 325 -26.66 -16.82 48.86
C LYS D 325 -25.23 -16.41 49.26
N VAL D 326 -24.22 -16.81 48.49
CA VAL D 326 -22.78 -16.64 48.81
C VAL D 326 -22.20 -15.34 48.22
N VAL D 327 -22.54 -15.00 46.96
CA VAL D 327 -22.03 -13.80 46.22
C VAL D 327 -23.15 -13.21 45.36
N GLU D 328 -23.11 -11.89 45.14
CA GLU D 328 -24.08 -11.09 44.33
C GLU D 328 -24.77 -11.94 43.24
N ASN D 329 -23.97 -12.58 42.37
CA ASN D 329 -24.43 -13.07 41.04
C ASN D 329 -23.36 -13.93 40.35
N GLY D 330 -23.75 -14.59 39.25
CA GLY D 330 -22.89 -15.48 38.45
C GLY D 330 -21.58 -14.83 38.02
N LYS D 331 -21.61 -13.57 37.55
CA LYS D 331 -20.41 -12.88 36.98
C LYS D 331 -19.32 -12.83 38.06
N VAL D 332 -19.69 -12.46 39.29
CA VAL D 332 -18.76 -12.38 40.45
C VAL D 332 -18.10 -13.75 40.63
N ALA D 333 -18.91 -14.80 40.77
CA ALA D 333 -18.43 -16.20 40.91
C ALA D 333 -17.43 -16.54 39.79
N GLN D 334 -17.72 -16.22 38.52
CA GLN D 334 -16.83 -16.51 37.35
C GLN D 334 -15.47 -15.83 37.58
N ASN D 335 -15.48 -14.55 38.00
CA ASN D 335 -14.29 -13.71 38.30
C ASN D 335 -13.50 -14.30 39.48
N VAL D 336 -14.19 -14.59 40.58
CA VAL D 336 -13.59 -15.15 41.82
C VAL D 336 -12.82 -16.41 41.45
N LEU D 337 -13.44 -17.33 40.69
CA LEU D 337 -12.86 -18.67 40.37
C LEU D 337 -11.72 -18.55 39.35
N GLU D 338 -11.64 -17.48 38.57
CA GLU D 338 -10.53 -17.29 37.60
C GLU D 338 -9.23 -16.97 38.37
N GLU D 339 -9.34 -16.24 39.48
CA GLU D 339 -8.21 -15.94 40.41
C GLU D 339 -7.55 -17.26 40.84
N VAL D 340 -8.36 -18.31 41.09
CA VAL D 340 -7.87 -19.64 41.58
C VAL D 340 -7.67 -20.60 40.39
N ASN D 341 -7.67 -20.07 39.15
CA ASN D 341 -7.32 -20.82 37.91
C ASN D 341 -8.41 -21.86 37.61
N ILE D 342 -9.69 -21.47 37.80
CA ILE D 342 -10.90 -22.25 37.42
C ILE D 342 -11.80 -21.38 36.50
N THR D 343 -11.76 -21.66 35.20
CA THR D 343 -12.69 -21.09 34.18
C THR D 343 -13.98 -21.90 34.22
N LEU D 344 -15.07 -21.27 34.65
CA LEU D 344 -16.42 -21.71 34.24
C LEU D 344 -17.18 -20.46 33.76
N ASN D 345 -18.47 -20.58 33.47
CA ASN D 345 -19.27 -19.41 33.00
C ASN D 345 -20.40 -19.17 33.98
N LYS D 346 -20.58 -17.92 34.38
CA LYS D 346 -21.87 -17.41 34.89
C LYS D 346 -22.93 -17.96 33.95
N ASN D 347 -24.18 -18.03 34.41
CA ASN D 347 -25.25 -18.63 33.59
C ASN D 347 -26.61 -18.40 34.24
N SER D 348 -27.59 -18.03 33.43
CA SER D 348 -29.02 -17.94 33.81
C SER D 348 -29.45 -19.26 34.48
N ILE D 349 -30.33 -19.15 35.46
CA ILE D 349 -31.10 -20.28 36.04
C ILE D 349 -32.54 -20.11 35.59
N PRO D 350 -33.36 -21.17 35.56
CA PRO D 350 -34.76 -21.03 35.18
C PRO D 350 -35.43 -19.89 35.96
N TYR D 351 -36.31 -19.14 35.28
CA TYR D 351 -37.07 -17.98 35.83
C TYR D 351 -36.07 -17.00 36.46
N GLU D 352 -34.94 -16.81 35.79
CA GLU D 352 -33.85 -15.88 36.16
C GLU D 352 -34.44 -14.50 36.48
N GLN D 353 -34.19 -13.98 37.67
CA GLN D 353 -34.75 -12.68 38.14
C GLN D 353 -33.72 -11.57 37.94
N LEU D 354 -32.49 -11.87 37.51
CA LEU D 354 -31.40 -10.87 37.40
C LEU D 354 -31.08 -10.56 35.93
N SER D 355 -30.19 -9.59 35.72
CA SER D 355 -29.71 -9.19 34.38
C SER D 355 -29.00 -10.36 33.72
N PRO D 356 -29.24 -10.63 32.40
CA PRO D 356 -28.50 -11.64 31.65
C PRO D 356 -26.98 -11.42 31.66
N PHE D 357 -26.57 -10.16 31.82
CA PHE D 357 -25.15 -9.73 31.98
C PHE D 357 -24.60 -10.23 33.32
N LYS D 358 -25.48 -10.46 34.31
CA LYS D 358 -25.10 -10.80 35.71
C LYS D 358 -25.46 -12.27 36.05
N THR D 359 -26.74 -12.67 35.94
CA THR D 359 -27.27 -14.05 36.15
C THR D 359 -27.17 -14.47 37.63
N SER D 360 -27.95 -15.48 38.03
CA SER D 360 -28.04 -16.02 39.41
C SER D 360 -27.13 -17.24 39.60
N GLY D 361 -26.55 -17.80 38.52
CA GLY D 361 -25.97 -19.14 38.57
C GLY D 361 -24.60 -19.25 37.95
N ILE D 362 -23.98 -20.42 38.11
CA ILE D 362 -22.74 -20.87 37.41
C ILE D 362 -23.08 -22.18 36.70
N ARG D 363 -22.42 -22.47 35.58
CA ARG D 363 -22.57 -23.72 34.81
C ARG D 363 -21.24 -24.48 34.87
N VAL D 364 -21.27 -25.64 35.56
CA VAL D 364 -20.10 -26.55 35.79
C VAL D 364 -20.24 -27.77 34.88
N GLY D 365 -19.12 -28.26 34.34
CA GLY D 365 -19.08 -29.43 33.45
C GLY D 365 -17.81 -30.26 33.57
N SER D 366 -17.95 -31.58 33.42
CA SER D 366 -16.92 -32.62 33.65
C SER D 366 -16.05 -32.92 32.43
N PRO D 367 -16.49 -32.71 31.17
CA PRO D 367 -15.78 -33.30 30.04
C PRO D 367 -14.27 -33.04 30.02
N ALA D 368 -13.90 -31.78 30.25
CA ALA D 368 -12.52 -31.31 30.08
C ALA D 368 -11.62 -32.04 31.08
N ILE D 369 -11.96 -31.96 32.37
CA ILE D 369 -11.13 -32.57 33.46
C ILE D 369 -11.08 -34.09 33.28
N THR D 370 -12.17 -34.71 32.80
CA THR D 370 -12.30 -36.18 32.59
C THR D 370 -11.35 -36.66 31.48
N SER D 371 -10.95 -35.79 30.55
CA SER D 371 -10.09 -36.14 29.39
C SER D 371 -8.62 -36.01 29.81
N ARG D 372 -8.34 -35.16 30.79
CA ARG D 372 -7.06 -35.08 31.54
C ARG D 372 -6.88 -36.35 32.42
N GLY D 373 -7.95 -37.10 32.64
CA GLY D 373 -7.93 -38.44 33.27
C GLY D 373 -8.27 -38.39 34.75
N MET D 374 -8.76 -37.27 35.26
CA MET D 374 -9.27 -37.16 36.66
C MET D 374 -10.48 -38.08 36.85
N GLY D 375 -10.73 -38.51 38.09
CA GLY D 375 -11.87 -39.33 38.54
C GLY D 375 -12.76 -38.54 39.49
N GLU D 376 -13.46 -39.23 40.39
CA GLU D 376 -14.49 -38.64 41.30
C GLU D 376 -13.83 -37.95 42.50
N ALA D 377 -12.67 -38.46 42.94
CA ALA D 377 -11.83 -37.90 44.04
C ALA D 377 -11.46 -36.44 43.73
N GLU D 378 -10.83 -36.21 42.58
CA GLU D 378 -10.41 -34.88 42.08
C GLU D 378 -11.65 -34.04 41.77
N SER D 379 -12.67 -34.63 41.16
CA SER D 379 -13.91 -33.91 40.79
C SER D 379 -14.51 -33.34 42.06
N ARG D 380 -14.62 -34.17 43.11
CA ARG D 380 -15.09 -33.77 44.46
C ARG D 380 -14.16 -32.67 45.00
N GLN D 381 -12.84 -32.86 44.92
CA GLN D 381 -11.83 -31.90 45.44
C GLN D 381 -12.07 -30.54 44.77
N ILE D 382 -12.29 -30.54 43.46
CA ILE D 382 -12.40 -29.29 42.65
C ILE D 382 -13.65 -28.53 43.14
N ALA D 383 -14.75 -29.22 43.33
CA ALA D 383 -16.00 -28.67 43.91
C ALA D 383 -15.76 -28.17 45.35
N GLU D 384 -14.97 -28.90 46.16
CA GLU D 384 -14.61 -28.48 47.55
C GLU D 384 -13.96 -27.10 47.46
N TRP D 385 -12.98 -26.92 46.56
CA TRP D 385 -12.22 -25.65 46.31
C TRP D 385 -13.17 -24.57 45.80
N MET D 386 -14.06 -24.89 44.87
CA MET D 386 -15.02 -23.90 44.33
C MET D 386 -15.81 -23.30 45.49
N VAL D 387 -16.25 -24.12 46.45
CA VAL D 387 -17.01 -23.64 47.65
C VAL D 387 -16.09 -22.77 48.52
N GLU D 388 -14.91 -23.28 48.91
CA GLU D 388 -13.91 -22.59 49.79
C GLU D 388 -13.66 -21.18 49.19
N ALA D 389 -13.38 -21.12 47.89
CA ALA D 389 -13.06 -19.88 47.14
C ALA D 389 -14.19 -18.87 47.26
N LEU D 390 -15.42 -19.27 46.97
CA LEU D 390 -16.59 -18.34 46.85
C LEU D 390 -17.00 -17.81 48.23
N GLU D 391 -16.96 -18.64 49.27
CA GLU D 391 -17.30 -18.24 50.67
C GLU D 391 -16.17 -17.38 51.23
N ASN D 392 -14.93 -17.62 50.79
CA ASN D 392 -13.74 -16.83 51.19
C ASN D 392 -13.33 -15.92 50.03
N HIS D 393 -14.29 -15.26 49.38
CA HIS D 393 -14.08 -14.48 48.12
C HIS D 393 -13.31 -13.19 48.41
N ASP D 394 -13.63 -12.51 49.53
CA ASP D 394 -13.07 -11.20 49.96
C ASP D 394 -11.76 -11.39 50.76
N LYS D 395 -11.21 -12.62 50.84
CA LYS D 395 -9.99 -12.92 51.65
C LYS D 395 -8.87 -13.48 50.76
N PRO D 396 -7.99 -12.61 50.21
CA PRO D 396 -7.04 -13.00 49.15
C PRO D 396 -6.05 -14.12 49.47
N GLU D 397 -5.65 -14.26 50.75
CA GLU D 397 -4.58 -15.24 51.16
C GLU D 397 -5.14 -16.67 51.07
N VAL D 398 -6.46 -16.84 51.17
CA VAL D 398 -7.19 -18.13 50.95
C VAL D 398 -7.09 -18.51 49.46
N LEU D 399 -7.51 -17.61 48.57
CA LEU D 399 -7.46 -17.82 47.09
C LEU D 399 -6.02 -18.23 46.72
N GLU D 400 -5.01 -17.53 47.23
CA GLU D 400 -3.56 -17.77 46.95
C GLU D 400 -3.24 -19.23 47.31
N ARG D 401 -3.61 -19.65 48.53
CA ARG D 401 -3.51 -21.06 49.02
C ARG D 401 -4.12 -22.00 47.96
N ILE D 402 -5.39 -21.76 47.62
CA ILE D 402 -6.21 -22.63 46.69
C ILE D 402 -5.52 -22.71 45.33
N ARG D 403 -5.18 -21.57 44.72
CA ARG D 403 -4.47 -21.48 43.41
C ARG D 403 -3.25 -22.39 43.44
N GLY D 404 -2.54 -22.42 44.58
CA GLY D 404 -1.35 -23.27 44.81
C GLY D 404 -1.69 -24.75 44.81
N ASP D 405 -2.75 -25.13 45.53
CA ASP D 405 -3.26 -26.54 45.59
C ASP D 405 -3.74 -26.96 44.19
N VAL D 406 -4.32 -26.03 43.43
CA VAL D 406 -4.80 -26.24 42.04
C VAL D 406 -3.59 -26.55 41.15
N LYS D 407 -2.53 -25.76 41.30
CA LYS D 407 -1.24 -25.98 40.59
C LYS D 407 -0.79 -27.42 40.80
N VAL D 408 -1.03 -28.02 41.98
CA VAL D 408 -0.53 -29.40 42.30
C VAL D 408 -1.34 -30.41 41.51
N LEU D 409 -2.67 -30.21 41.45
CA LEU D 409 -3.60 -31.08 40.71
C LEU D 409 -3.31 -31.00 39.21
N THR D 410 -3.22 -29.77 38.72
CA THR D 410 -2.85 -29.40 37.32
C THR D 410 -1.65 -30.23 36.88
N ASP D 411 -0.55 -30.17 37.65
CA ASP D 411 0.77 -30.76 37.30
C ASP D 411 0.65 -32.29 37.26
N ALA D 412 -0.17 -32.86 38.17
CA ALA D 412 -0.35 -34.31 38.40
C ALA D 412 -1.24 -34.92 37.31
N PHE D 413 -2.10 -34.13 36.67
CA PHE D 413 -2.89 -34.52 35.47
C PHE D 413 -2.49 -33.64 34.29
N PRO D 414 -1.32 -33.85 33.65
CA PRO D 414 -0.90 -33.01 32.54
C PRO D 414 -1.93 -33.14 31.41
N LEU D 415 -1.82 -32.26 30.42
CA LEU D 415 -2.79 -32.10 29.29
C LEU D 415 -2.28 -32.87 28.07
N TYR D 416 -0.99 -32.73 27.71
CA TYR D 416 -0.33 -33.42 26.56
C TYR D 416 1.14 -33.68 26.93
#